data_8G25
#
_entry.id   8G25
#
_cell.length_a   86.147
_cell.length_b   68.429
_cell.length_c   141.899
_cell.angle_alpha   90.00
_cell.angle_beta   102.76
_cell.angle_gamma   90.00
#
_symmetry.space_group_name_H-M   'P 1 21 1'
#
loop_
_entity.id
_entity.type
_entity.pdbx_description
1 polymer Cathepsin-G
2 polymer 'Neutrophil elastase'
3 polymer 'MAP domain-containing protein'
4 water water
#
loop_
_entity_poly.entity_id
_entity_poly.type
_entity_poly.pdbx_seq_one_letter_code
_entity_poly.pdbx_strand_id
1 'polypeptide(L)'
;IIGGRESRPHSRPYMAYLQIQSPAGQSRCGGFLVREDFVLTAAHCWGSNINVTLGAHNIQRRENTQQHITARRAIRHPQY
NQRTIQNDIMLLQLSRRVRRNRNVNPVALPRAQEGLRPGTLCTVAGWGRVSMRRGTDTLREVQLRVQRDRQCLRIFGSYD
PRRQICVGDRRERKAAFKGDSGGPLLCNNVAHGIVSYGKSSGVPPEVFTRVSSFLPWIRTTMR
;
A,F,I
2 'polypeptide(L)'
;IVGGRRARPHAWPFMVSLQLRGGHFCGATLIAPNFVMSAAHCVANVNVRAVRVVLGAHNLSRREPTRQVFAVQRIFENGY
DPVNLLNDIVILQLNGSATINANVQVAQLPAQGRRLGNGVQCLAMGWGLLGRNRGIASVLQELNVTVVTSLCRRSNVCTL
VRGRQAGVCFGDSGSPLVCNGLIHGIASFVRGGCASGLYPDAFAPVAQFVNWIDSIIQ
;
B,E,H
3 'polypeptide(L)'
;GSTAEKDKLPATQKAKEMQNVPYTIAVDGIMAFNQSYLNLPKDSQLSYLDLGNKVKALLYDERGVTPEKIRNAKSAVYTI
TWKDGSKKEVDLKKDSYTANLFDSNSIKQIDINVKTK
;
C,D,G
#
# COMPACT_ATOMS: atom_id res chain seq x y z
N ILE A 1 -8.95 28.75 -2.94
CA ILE A 1 -9.13 28.91 -1.50
C ILE A 1 -10.54 28.51 -1.06
N ILE A 2 -10.65 27.52 -0.18
CA ILE A 2 -11.93 27.09 0.37
C ILE A 2 -12.09 27.74 1.73
N GLY A 3 -13.26 28.34 1.96
CA GLY A 3 -13.59 28.89 3.25
C GLY A 3 -12.98 30.24 3.55
N GLY A 4 -12.42 30.90 2.55
CA GLY A 4 -11.72 32.15 2.75
C GLY A 4 -12.58 33.35 2.45
N ARG A 5 -11.91 34.49 2.35
CA ARG A 5 -12.53 35.78 2.06
C ARG A 5 -11.75 36.43 0.93
N GLU A 6 -12.42 37.34 0.22
CA GLU A 6 -11.69 38.13 -0.76
C GLU A 6 -10.65 38.98 -0.05
N SER A 7 -9.44 38.99 -0.57
CA SER A 7 -8.39 39.81 0.01
C SER A 7 -8.70 41.28 -0.22
N ARG A 8 -8.22 42.12 0.68
CA ARG A 8 -8.16 43.54 0.38
C ARG A 8 -7.22 43.75 -0.81
N PRO A 9 -7.64 44.48 -1.84
CA PRO A 9 -6.81 44.61 -3.04
C PRO A 9 -5.40 45.10 -2.72
N HIS A 10 -4.41 44.40 -3.27
CA HIS A 10 -3.00 44.78 -3.20
C HIS A 10 -2.43 44.72 -1.78
N SER A 11 -3.10 44.03 -0.86
CA SER A 11 -2.57 43.82 0.50
C SER A 11 -1.53 42.71 0.55
N ARG A 12 -1.41 41.92 -0.51
CA ARG A 12 -0.44 40.82 -0.59
C ARG A 12 0.38 41.05 -1.85
N PRO A 13 1.23 42.08 -1.86
CA PRO A 13 1.87 42.50 -3.11
C PRO A 13 2.94 41.55 -3.62
N TYR A 14 3.29 40.51 -2.87
CA TYR A 14 4.22 39.51 -3.36
C TYR A 14 3.56 38.48 -4.25
N MET A 15 2.22 38.42 -4.26
CA MET A 15 1.51 37.34 -4.93
C MET A 15 1.72 37.41 -6.43
N ALA A 16 1.92 36.25 -7.03
CA ALA A 16 2.08 36.10 -8.47
C ALA A 16 1.05 35.10 -8.97
N TYR A 17 0.45 35.40 -10.12
CA TYR A 17 -0.47 34.50 -10.79
C TYR A 17 0.22 33.93 -12.02
N LEU A 18 0.20 32.60 -12.16
CA LEU A 18 0.97 31.92 -13.20
C LEU A 18 0.03 31.26 -14.19
N GLN A 19 0.22 31.59 -15.47
CA GLN A 19 -0.46 30.96 -16.58
C GLN A 19 0.57 30.13 -17.32
N ILE A 20 0.37 28.81 -17.35
CA ILE A 20 1.36 27.87 -17.85
C ILE A 20 0.77 27.21 -19.08
N GLN A 21 1.51 27.22 -20.18
CA GLN A 21 1.03 26.63 -21.42
C GLN A 21 2.05 25.62 -21.93
N SER A 22 1.55 24.47 -22.37
CA SER A 22 2.33 23.43 -23.03
C SER A 22 1.53 22.96 -24.23
N PRO A 23 2.17 22.26 -25.18
CA PRO A 23 1.39 21.72 -26.32
C PRO A 23 0.18 20.94 -25.85
N ALA A 24 -1.00 21.34 -26.32
CA ALA A 24 -2.26 20.70 -25.96
C ALA A 24 -2.52 20.69 -24.45
N GLY A 25 -2.11 21.73 -23.72
CA GLY A 25 -2.53 21.82 -22.34
C GLY A 25 -2.20 23.16 -21.71
N GLN A 26 -2.91 23.45 -20.63
CA GLN A 26 -2.61 24.68 -19.87
C GLN A 26 -2.88 24.43 -18.39
N SER A 27 -2.27 25.28 -17.56
CA SER A 27 -2.40 25.18 -16.12
C SER A 27 -2.40 26.58 -15.50
N ARG A 28 -2.96 26.66 -14.30
CA ARG A 28 -2.94 27.89 -13.53
C ARG A 28 -2.42 27.62 -12.13
N CYS A 29 -1.52 28.47 -11.65
CA CYS A 29 -0.98 28.35 -10.30
C CYS A 29 -0.81 29.71 -9.66
N GLY A 30 -0.48 29.69 -8.36
CA GLY A 30 0.06 30.85 -7.69
C GLY A 30 1.58 30.78 -7.55
N GLY A 31 2.12 31.85 -6.97
CA GLY A 31 3.54 31.95 -6.70
C GLY A 31 3.78 33.22 -5.90
N PHE A 32 5.04 33.46 -5.53
CA PHE A 32 5.35 34.68 -4.80
C PHE A 32 6.70 35.26 -5.17
N LEU A 33 6.75 36.59 -5.26
CA LEU A 33 7.99 37.29 -5.60
C LEU A 33 8.94 37.28 -4.40
N VAL A 34 10.15 36.74 -4.59
CA VAL A 34 11.15 36.72 -3.52
C VAL A 34 12.35 37.60 -3.82
N ARG A 35 12.48 38.09 -5.04
CA ARG A 35 13.46 39.11 -5.40
C ARG A 35 12.92 39.78 -6.66
N GLU A 36 13.49 40.92 -7.01
CA GLU A 36 12.97 41.65 -8.17
C GLU A 36 12.99 40.81 -9.44
N ASP A 37 13.88 39.81 -9.51
CA ASP A 37 13.99 38.95 -10.69
C ASP A 37 13.57 37.50 -10.45
N PHE A 38 12.98 37.15 -9.29
CA PHE A 38 12.66 35.75 -9.02
C PHE A 38 11.30 35.57 -8.33
N VAL A 39 10.57 34.56 -8.80
CA VAL A 39 9.31 34.14 -8.21
C VAL A 39 9.47 32.69 -7.77
N LEU A 40 9.04 32.39 -6.55
CA LEU A 40 9.06 31.04 -6.00
C LEU A 40 7.68 30.42 -6.18
N THR A 41 7.65 29.13 -6.55
CA THR A 41 6.38 28.43 -6.76
C THR A 41 6.63 26.93 -6.60
N ALA A 42 5.62 26.11 -6.91
CA ALA A 42 5.78 24.67 -6.78
C ALA A 42 6.33 24.09 -8.08
N ALA A 43 7.14 23.03 -7.97
CA ALA A 43 7.69 22.40 -9.16
C ALA A 43 6.61 21.77 -10.03
N HIS A 44 5.51 21.30 -9.44
CA HIS A 44 4.49 20.67 -10.29
C HIS A 44 3.73 21.67 -11.15
N CYS A 45 3.94 22.97 -10.95
CA CYS A 45 3.39 24.03 -11.80
C CYS A 45 4.23 24.30 -13.03
N TRP A 46 5.30 23.55 -13.26
CA TRP A 46 6.14 23.78 -14.43
C TRP A 46 5.41 23.45 -15.74
N GLY A 47 5.81 24.15 -16.80
CA GLY A 47 5.30 23.92 -18.14
C GLY A 47 6.21 24.57 -19.17
N SER A 48 5.84 24.42 -20.44
CA SER A 48 6.73 24.88 -21.53
C SER A 48 6.91 26.39 -21.52
N ASN A 49 5.82 27.12 -21.27
CA ASN A 49 5.86 28.57 -21.26
C ASN A 49 5.08 29.04 -20.05
N ILE A 50 5.61 30.05 -19.35
CA ILE A 50 5.00 30.50 -18.10
C ILE A 50 4.91 32.02 -18.13
N ASN A 51 3.69 32.55 -18.04
CA ASN A 51 3.44 33.98 -17.91
C ASN A 51 3.16 34.30 -16.45
N VAL A 52 3.84 35.32 -15.92
CA VAL A 52 3.75 35.72 -14.52
C VAL A 52 3.03 37.07 -14.46
N THR A 53 1.95 37.15 -13.70
CA THR A 53 1.30 38.44 -13.47
C THR A 53 1.49 38.83 -12.01
N LEU A 54 2.08 40.00 -11.81
CA LEU A 54 2.26 40.62 -10.51
C LEU A 54 1.37 41.85 -10.40
N GLY A 55 1.08 42.25 -9.17
CA GLY A 55 0.28 43.44 -8.96
C GLY A 55 -1.20 43.28 -9.22
N ALA A 56 -1.69 42.05 -9.31
CA ALA A 56 -3.06 41.78 -9.69
C ALA A 56 -3.97 41.67 -8.48
N HIS A 57 -5.23 42.05 -8.66
CA HIS A 57 -6.30 41.59 -7.79
C HIS A 57 -7.32 40.77 -8.57
N ASN A 58 -7.92 41.32 -9.62
CA ASN A 58 -8.86 40.60 -10.47
C ASN A 58 -8.10 40.19 -11.72
N ILE A 59 -7.73 38.91 -11.80
CA ILE A 59 -6.90 38.43 -12.90
C ILE A 59 -7.72 38.29 -14.18
N GLN A 60 -9.03 38.49 -14.10
CA GLN A 60 -9.87 38.47 -15.29
C GLN A 60 -10.06 39.85 -15.89
N ARG A 61 -9.46 40.87 -15.30
CA ARG A 61 -9.51 42.26 -15.76
C ARG A 61 -8.10 42.75 -16.06
N ARG A 62 -8.00 43.67 -17.01
CA ARG A 62 -6.72 44.33 -17.33
C ARG A 62 -6.56 45.52 -16.38
N GLU A 63 -5.98 45.26 -15.21
CA GLU A 63 -5.79 46.29 -14.20
C GLU A 63 -4.48 47.03 -14.42
N ASN A 64 -4.52 48.35 -14.24
CA ASN A 64 -3.36 49.19 -14.50
C ASN A 64 -2.17 48.83 -13.60
N THR A 65 -2.42 48.24 -12.44
CA THR A 65 -1.35 47.85 -11.52
C THR A 65 -0.60 46.59 -11.97
N GLN A 66 -1.16 45.82 -12.90
CA GLN A 66 -0.57 44.53 -13.27
C GLN A 66 0.71 44.71 -14.09
N GLN A 67 1.71 43.88 -13.76
CA GLN A 67 2.90 43.72 -14.58
C GLN A 67 2.95 42.29 -15.07
N HIS A 68 3.10 42.11 -16.37
CA HIS A 68 3.13 40.80 -17.01
C HIS A 68 4.54 40.51 -17.48
N ILE A 69 5.17 39.48 -16.92
CA ILE A 69 6.56 39.15 -17.18
C ILE A 69 6.64 37.67 -17.52
N THR A 70 7.30 37.34 -18.63
CA THR A 70 7.49 35.93 -18.92
C THR A 70 8.68 35.37 -18.14
N ALA A 71 8.62 34.07 -17.87
CA ALA A 71 9.68 33.38 -17.14
C ALA A 71 10.77 33.02 -18.13
N ARG A 72 11.92 33.68 -17.99
CA ARG A 72 13.09 33.31 -18.79
C ARG A 72 13.55 31.91 -18.43
N ARG A 73 13.57 31.59 -17.14
CA ARG A 73 13.95 30.24 -16.70
C ARG A 73 12.95 29.72 -15.68
N ALA A 74 12.66 28.42 -15.77
CA ALA A 74 11.73 27.73 -14.89
C ALA A 74 12.50 26.54 -14.32
N ILE A 75 13.08 26.72 -13.13
CA ILE A 75 14.05 25.80 -12.57
C ILE A 75 13.33 24.97 -11.50
N ARG A 76 12.89 23.78 -11.90
CA ARG A 76 12.44 22.77 -10.96
C ARG A 76 13.61 22.28 -10.13
N HIS A 77 13.32 21.97 -8.87
CA HIS A 77 14.32 21.30 -8.06
C HIS A 77 14.80 20.05 -8.79
N PRO A 78 16.11 19.84 -8.90
CA PRO A 78 16.62 18.72 -9.69
C PRO A 78 16.17 17.36 -9.19
N GLN A 79 15.78 17.24 -7.93
CA GLN A 79 15.27 15.99 -7.42
C GLN A 79 13.78 16.05 -7.13
N TYR A 80 13.06 16.97 -7.75
CA TYR A 80 11.60 16.93 -7.71
C TYR A 80 11.10 15.53 -8.07
N ASN A 81 10.17 15.02 -7.26
CA ASN A 81 9.62 13.69 -7.41
C ASN A 81 8.14 13.84 -7.75
N GLN A 82 7.81 13.65 -9.03
CA GLN A 82 6.44 13.81 -9.48
C GLN A 82 5.52 12.73 -8.90
N ARG A 83 6.07 11.54 -8.64
CA ARG A 83 5.25 10.46 -8.09
C ARG A 83 4.73 10.80 -6.70
N THR A 84 5.61 11.26 -5.81
CA THR A 84 5.30 11.50 -4.42
C THR A 84 5.03 12.97 -4.11
N ILE A 85 5.26 13.86 -5.09
CA ILE A 85 5.21 15.31 -4.91
C ILE A 85 6.14 15.71 -3.77
N GLN A 86 7.40 15.37 -3.91
CA GLN A 86 8.42 15.71 -2.95
C GLN A 86 9.43 16.63 -3.63
N ASN A 87 10.18 17.40 -2.82
CA ASN A 87 11.05 18.45 -3.33
C ASN A 87 10.29 19.34 -4.30
N ASP A 88 9.05 19.68 -3.92
CA ASP A 88 8.10 20.37 -4.80
C ASP A 88 8.37 21.87 -4.69
N ILE A 89 9.42 22.31 -5.37
CA ILE A 89 9.80 23.72 -5.34
C ILE A 89 10.42 24.08 -6.68
N MET A 90 10.12 25.30 -7.14
CA MET A 90 10.59 25.80 -8.42
C MET A 90 10.90 27.29 -8.30
N LEU A 91 11.98 27.70 -8.95
CA LEU A 91 12.31 29.12 -9.07
C LEU A 91 12.07 29.59 -10.50
N LEU A 92 11.33 30.69 -10.65
CA LEU A 92 11.15 31.34 -11.93
C LEU A 92 12.08 32.55 -12.00
N GLN A 93 13.04 32.50 -12.90
CA GLN A 93 13.81 33.69 -13.23
C GLN A 93 13.02 34.49 -14.26
N LEU A 94 12.62 35.70 -13.87
CA LEU A 94 11.81 36.56 -14.72
C LEU A 94 12.66 37.16 -15.83
N SER A 95 12.02 37.39 -16.97
CA SER A 95 12.72 37.96 -18.12
C SER A 95 13.22 39.36 -17.85
N ARG A 96 12.61 40.07 -16.90
CA ARG A 96 13.06 41.40 -16.52
C ARG A 96 12.75 41.62 -15.04
N ARG A 97 13.46 42.56 -14.44
CA ARG A 97 13.15 42.94 -13.07
C ARG A 97 11.81 43.64 -13.02
N VAL A 98 11.04 43.35 -11.97
CA VAL A 98 9.78 44.05 -11.76
C VAL A 98 10.03 45.52 -11.45
N ARG A 99 9.01 46.33 -11.71
CA ARG A 99 8.98 47.70 -11.19
C ARG A 99 8.43 47.63 -9.77
N ARG A 100 9.30 47.89 -8.80
CA ARG A 100 8.96 47.70 -7.40
C ARG A 100 8.17 48.91 -6.90
N ASN A 101 7.01 48.66 -6.29
CA ASN A 101 6.17 49.73 -5.76
C ASN A 101 5.25 49.14 -4.70
N ARG A 102 4.23 49.90 -4.31
CA ARG A 102 3.32 49.47 -3.25
C ARG A 102 2.54 48.21 -3.62
N ASN A 103 2.36 47.95 -4.91
CA ASN A 103 1.60 46.77 -5.36
C ASN A 103 2.47 45.59 -5.72
N VAL A 104 3.78 45.79 -5.91
CA VAL A 104 4.71 44.73 -6.32
C VAL A 104 5.95 44.87 -5.46
N ASN A 105 6.18 43.92 -4.56
CA ASN A 105 7.43 43.92 -3.80
C ASN A 105 7.64 42.55 -3.19
N PRO A 106 8.89 42.13 -2.98
CA PRO A 106 9.16 40.76 -2.56
C PRO A 106 8.74 40.52 -1.11
N VAL A 107 8.61 39.23 -0.80
CA VAL A 107 8.34 38.77 0.56
C VAL A 107 9.59 38.07 1.08
N ALA A 108 9.85 38.24 2.38
CA ALA A 108 11.01 37.65 3.00
C ALA A 108 10.85 36.15 3.15
N LEU A 109 11.97 35.45 3.09
CA LEU A 109 12.06 34.04 3.36
C LEU A 109 12.57 33.79 4.77
N PRO A 110 12.36 32.61 5.32
CA PRO A 110 12.78 32.35 6.70
C PRO A 110 14.28 32.20 6.79
N ARG A 111 14.78 32.18 8.03
CA ARG A 111 16.18 31.94 8.30
C ARG A 111 16.45 30.43 8.30
N ALA A 112 17.71 30.07 8.55
CA ALA A 112 18.26 28.74 8.27
C ALA A 112 17.31 27.61 8.61
N GLN A 113 16.84 27.55 9.85
CA GLN A 113 15.72 26.71 10.24
C GLN A 113 14.75 27.50 11.11
N GLU A 114 14.38 28.69 10.64
CA GLU A 114 13.50 29.57 11.40
C GLU A 114 12.31 28.80 11.93
N GLY A 115 12.13 28.87 13.25
CA GLY A 115 11.12 28.08 13.91
C GLY A 115 9.72 28.33 13.37
N LEU A 116 9.01 27.26 13.05
CA LEU A 116 7.59 27.30 12.77
C LEU A 116 6.91 26.31 13.70
N ARG A 117 6.26 26.82 14.72
CA ARG A 117 5.72 25.96 15.75
C ARG A 117 4.26 25.58 15.46
N PRO A 118 3.85 24.38 15.87
CA PRO A 118 2.45 23.97 15.74
C PRO A 118 1.52 24.92 16.49
N GLY A 119 0.37 25.22 15.88
CA GLY A 119 -0.55 26.21 16.40
C GLY A 119 -0.36 27.60 15.83
N THR A 120 0.75 27.87 15.14
CA THR A 120 0.96 29.19 14.58
C THR A 120 -0.07 29.47 13.50
N LEU A 121 -0.62 30.69 13.51
CA LEU A 121 -1.60 31.10 12.51
C LEU A 121 -0.89 31.73 11.33
N CYS A 122 -1.19 31.24 10.14
CA CYS A 122 -0.60 31.73 8.91
C CYS A 122 -1.71 32.02 7.92
N THR A 123 -1.38 32.79 6.88
CA THR A 123 -2.31 33.16 5.84
C THR A 123 -1.87 32.54 4.52
N VAL A 124 -2.82 31.95 3.81
CA VAL A 124 -2.59 31.44 2.46
C VAL A 124 -3.52 32.20 1.54
N ALA A 125 -2.99 32.68 0.42
CA ALA A 125 -3.78 33.44 -0.54
C ALA A 125 -3.62 32.85 -1.94
N GLY A 126 -4.61 33.11 -2.79
CA GLY A 126 -4.57 32.58 -4.14
C GLY A 126 -5.87 32.78 -4.90
N TRP A 127 -5.81 32.40 -6.18
CA TRP A 127 -6.92 32.50 -7.12
C TRP A 127 -7.49 31.14 -7.47
N GLY A 128 -7.29 30.13 -6.62
CA GLY A 128 -7.83 28.81 -6.87
C GLY A 128 -9.32 28.72 -6.59
N ARG A 129 -9.90 27.59 -6.99
CA ARG A 129 -11.33 27.38 -6.85
C ARG A 129 -11.75 27.41 -5.39
N VAL A 130 -12.99 27.86 -5.16
CA VAL A 130 -13.52 27.94 -3.79
C VAL A 130 -14.46 26.80 -3.46
N SER A 131 -14.69 25.90 -4.40
CA SER A 131 -15.53 24.73 -4.24
C SER A 131 -15.31 23.86 -5.46
N MET A 132 -15.95 22.69 -5.48
CA MET A 132 -15.97 21.88 -6.68
C MET A 132 -16.63 22.61 -7.84
N ARG A 133 -17.56 23.51 -7.56
CA ARG A 133 -18.40 24.11 -8.60
C ARG A 133 -17.98 25.52 -9.01
N ARG A 134 -17.29 26.28 -8.15
CA ARG A 134 -17.01 27.67 -8.44
C ARG A 134 -15.53 27.98 -8.30
N GLY A 135 -15.04 28.87 -9.16
CA GLY A 135 -13.76 29.52 -8.98
C GLY A 135 -13.93 30.94 -8.50
N THR A 136 -12.90 31.75 -8.75
CA THR A 136 -12.89 33.16 -8.37
C THR A 136 -12.08 33.95 -9.39
N ASP A 137 -12.51 35.18 -9.64
CA ASP A 137 -11.72 36.09 -10.45
C ASP A 137 -10.72 36.91 -9.63
N THR A 138 -10.92 36.99 -8.31
CA THR A 138 -10.17 37.89 -7.44
C THR A 138 -9.39 37.09 -6.39
N LEU A 139 -8.34 37.73 -5.86
CA LEU A 139 -7.49 37.07 -4.87
C LEU A 139 -8.28 36.82 -3.59
N ARG A 140 -8.14 35.60 -3.05
CA ARG A 140 -8.83 35.25 -1.82
C ARG A 140 -7.82 34.70 -0.82
N GLU A 141 -8.20 34.70 0.46
CA GLU A 141 -7.23 34.29 1.47
C GLU A 141 -7.94 33.64 2.64
N VAL A 142 -7.20 32.78 3.34
CA VAL A 142 -7.73 32.07 4.50
C VAL A 142 -6.60 31.89 5.50
N GLN A 143 -6.96 31.92 6.78
CA GLN A 143 -6.02 31.73 7.87
C GLN A 143 -6.08 30.28 8.31
N LEU A 144 -4.91 29.64 8.40
CA LEU A 144 -4.75 28.22 8.66
C LEU A 144 -3.69 28.05 9.75
N ARG A 145 -3.80 26.96 10.51
CA ARG A 145 -2.87 26.70 11.61
C ARG A 145 -1.89 25.60 11.23
N VAL A 146 -0.61 25.84 11.54
CA VAL A 146 0.39 24.78 11.43
C VAL A 146 0.01 23.64 12.38
N GLN A 147 0.05 22.42 11.87
CA GLN A 147 -0.25 21.25 12.67
C GLN A 147 1.05 20.59 13.14
N ARG A 148 0.92 19.78 14.20
CA ARG A 148 1.95 18.77 14.46
C ARG A 148 2.02 17.76 13.31
N ASP A 149 3.21 17.21 13.11
CA ASP A 149 3.46 16.36 11.94
C ASP A 149 2.58 15.12 11.92
N ARG A 150 2.17 14.62 13.09
CA ARG A 150 1.39 13.38 13.13
C ARG A 150 0.12 13.52 12.30
N GLN A 151 -0.49 14.71 12.30
CA GLN A 151 -1.73 14.92 11.57
C GLN A 151 -1.61 14.64 10.08
N CYS A 152 -0.41 14.70 9.50
CA CYS A 152 -0.25 14.36 8.11
C CYS A 152 0.36 12.99 7.86
N LEU A 153 0.98 12.38 8.88
CA LEU A 153 1.79 11.20 8.62
C LEU A 153 0.94 10.02 8.20
N ARG A 154 -0.24 9.84 8.79
CA ARG A 154 -1.09 8.71 8.41
C ARG A 154 -1.75 8.92 7.03
N ILE A 155 -2.26 10.12 6.77
CA ILE A 155 -3.05 10.25 5.55
C ILE A 155 -2.18 10.43 4.32
N PHE A 156 -0.98 11.02 4.45
CA PHE A 156 -0.10 11.25 3.30
C PHE A 156 1.18 10.43 3.48
N GLY A 157 1.25 9.28 2.80
CA GLY A 157 2.32 8.33 3.04
C GLY A 157 3.72 8.81 2.69
N SER A 158 3.84 9.78 1.79
CA SER A 158 5.14 10.31 1.41
C SER A 158 5.44 11.65 2.04
N TYR A 159 4.65 12.07 3.03
CA TYR A 159 4.91 13.31 3.75
C TYR A 159 6.20 13.20 4.56
N ASP A 160 7.07 14.18 4.42
CA ASP A 160 8.35 14.22 5.12
C ASP A 160 8.46 15.51 5.91
N PRO A 161 8.41 15.45 7.24
CA PRO A 161 8.50 16.69 8.04
C PRO A 161 9.78 17.47 7.81
N ARG A 162 10.88 16.82 7.44
CA ARG A 162 12.12 17.53 7.16
C ARG A 162 11.97 18.49 5.99
N ARG A 163 11.06 18.22 5.05
CA ARG A 163 10.94 19.00 3.83
C ARG A 163 9.57 19.63 3.63
N GLN A 164 8.58 19.31 4.47
CA GLN A 164 7.20 19.70 4.28
C GLN A 164 6.55 20.06 5.61
N ILE A 165 5.46 20.81 5.52
CA ILE A 165 4.70 21.33 6.64
C ILE A 165 3.27 20.83 6.54
N CYS A 166 2.68 20.48 7.68
CA CYS A 166 1.30 20.00 7.77
C CYS A 166 0.44 21.16 8.23
N VAL A 167 -0.59 21.52 7.46
CA VAL A 167 -1.33 22.75 7.70
C VAL A 167 -2.82 22.49 7.66
N GLY A 168 -3.56 23.05 8.60
CA GLY A 168 -5.02 22.98 8.50
C GLY A 168 -5.64 22.00 9.47
N ASP A 169 -6.74 22.42 10.09
CA ASP A 169 -7.51 21.59 11.01
C ASP A 169 -8.55 20.78 10.25
N ARG A 170 -8.52 19.46 10.45
CA ARG A 170 -9.38 18.54 9.72
C ARG A 170 -10.88 18.81 9.90
N ARG A 171 -11.30 19.52 10.95
CA ARG A 171 -12.72 19.69 11.16
C ARG A 171 -13.26 20.98 10.58
N GLU A 172 -12.40 21.81 10.00
CA GLU A 172 -12.79 23.05 9.32
C GLU A 172 -12.84 22.84 7.82
N ARG A 173 -13.67 23.62 7.15
CA ARG A 173 -13.61 23.74 5.69
C ARG A 173 -12.82 24.97 5.26
N LYS A 174 -11.60 25.09 5.76
CA LYS A 174 -10.68 26.15 5.37
C LYS A 174 -9.44 25.48 4.82
N ALA A 175 -9.13 25.74 3.57
CA ALA A 175 -7.96 25.10 2.96
C ALA A 175 -7.63 25.81 1.66
N ALA A 176 -6.42 25.55 1.18
CA ALA A 176 -6.06 25.82 -0.20
C ALA A 176 -6.63 24.73 -1.09
N PHE A 177 -6.78 25.04 -2.38
CA PHE A 177 -7.44 24.08 -3.26
C PHE A 177 -6.88 24.27 -4.67
N LYS A 178 -7.58 23.73 -5.67
CA LYS A 178 -7.09 23.67 -7.04
C LYS A 178 -6.83 25.06 -7.62
N GLY A 179 -5.58 25.32 -8.01
CA GLY A 179 -5.15 26.61 -8.54
C GLY A 179 -4.37 27.46 -7.56
N ASP A 180 -4.37 27.09 -6.29
CA ASP A 180 -3.59 27.74 -5.25
C ASP A 180 -2.18 27.22 -5.10
N SER A 181 -1.85 26.08 -5.75
CA SER A 181 -0.47 25.58 -5.76
C SER A 181 0.54 26.68 -6.02
N GLY A 182 1.65 26.65 -5.30
CA GLY A 182 2.75 27.57 -5.52
C GLY A 182 2.67 28.86 -4.71
N GLY A 183 1.48 29.21 -4.21
CA GLY A 183 1.29 30.33 -3.30
C GLY A 183 1.94 30.10 -1.95
N PRO A 184 2.22 31.18 -1.23
CA PRO A 184 2.98 31.09 0.01
C PRO A 184 2.13 30.85 1.26
N LEU A 185 2.73 30.14 2.20
CA LEU A 185 2.24 30.05 3.56
C LEU A 185 2.94 31.16 4.35
N LEU A 186 2.19 32.21 4.66
CA LEU A 186 2.76 33.42 5.22
C LEU A 186 2.53 33.42 6.72
N CYS A 187 3.62 33.36 7.49
CA CYS A 187 3.52 33.36 8.95
C CYS A 187 4.41 34.48 9.46
N ASN A 188 3.80 35.43 10.18
CA ASN A 188 4.50 36.59 10.72
C ASN A 188 5.29 37.32 9.63
N ASN A 189 4.64 37.52 8.48
CA ASN A 189 5.22 38.29 7.36
C ASN A 189 6.44 37.60 6.75
N VAL A 190 6.50 36.28 6.85
CA VAL A 190 7.60 35.49 6.31
C VAL A 190 7.02 34.29 5.57
N ALA A 191 7.52 34.05 4.36
CA ALA A 191 7.04 32.94 3.54
C ALA A 191 7.71 31.66 4.02
N HIS A 192 7.04 30.94 4.93
CA HIS A 192 7.56 29.67 5.40
C HIS A 192 7.20 28.49 4.50
N GLY A 193 6.18 28.61 3.66
CA GLY A 193 5.67 27.44 2.97
C GLY A 193 5.18 27.75 1.57
N ILE A 194 5.03 26.68 0.77
CA ILE A 194 4.52 26.72 -0.59
C ILE A 194 3.37 25.72 -0.68
N VAL A 195 2.19 26.18 -1.13
CA VAL A 195 1.03 25.28 -1.32
C VAL A 195 1.42 24.16 -2.26
N SER A 196 1.26 22.90 -1.80
CA SER A 196 1.70 21.78 -2.63
C SER A 196 0.59 20.80 -2.94
N TYR A 197 0.01 20.14 -1.95
CA TYR A 197 -0.95 19.09 -2.28
C TYR A 197 -1.83 18.78 -1.08
N GLY A 198 -2.85 17.95 -1.32
CA GLY A 198 -3.71 17.53 -0.25
C GLY A 198 -4.68 16.50 -0.77
N LYS A 199 -5.79 16.35 -0.07
CA LYS A 199 -6.86 15.45 -0.48
C LYS A 199 -7.65 16.05 -1.61
N SER A 200 -8.15 15.19 -2.51
CA SER A 200 -8.91 15.69 -3.65
C SER A 200 -10.22 16.34 -3.22
N SER A 201 -10.69 16.08 -2.00
CA SER A 201 -11.90 16.70 -1.49
C SER A 201 -11.68 18.12 -1.00
N GLY A 202 -10.43 18.52 -0.79
CA GLY A 202 -10.12 19.79 -0.17
C GLY A 202 -10.20 19.80 1.34
N VAL A 203 -10.60 18.70 1.97
CA VAL A 203 -10.66 18.63 3.43
C VAL A 203 -9.24 18.69 3.99
N PRO A 204 -9.00 19.46 5.05
CA PRO A 204 -7.65 19.54 5.62
C PRO A 204 -7.31 18.26 6.38
N PRO A 205 -6.05 18.07 6.77
CA PRO A 205 -4.90 18.94 6.54
C PRO A 205 -4.35 18.80 5.13
N GLU A 206 -3.47 19.72 4.76
CA GLU A 206 -2.80 19.68 3.47
C GLU A 206 -1.30 19.86 3.70
N VAL A 207 -0.53 19.63 2.64
CA VAL A 207 0.93 19.57 2.70
C VAL A 207 1.49 20.77 1.95
N PHE A 208 2.38 21.50 2.60
CA PHE A 208 3.10 22.64 2.06
C PHE A 208 4.58 22.28 2.00
N THR A 209 5.28 22.77 0.97
CA THR A 209 6.72 22.59 0.94
C THR A 209 7.34 23.52 1.99
N ARG A 210 8.29 23.00 2.78
CA ARG A 210 8.93 23.76 3.85
C ARG A 210 10.11 24.52 3.25
N VAL A 211 9.96 25.85 3.12
CA VAL A 211 10.94 26.66 2.38
C VAL A 211 12.31 26.57 3.03
N SER A 212 12.36 26.50 4.37
CA SER A 212 13.63 26.57 5.09
C SER A 212 14.51 25.36 4.80
N SER A 213 13.90 24.23 4.40
CA SER A 213 14.64 23.04 4.02
C SER A 213 15.37 23.20 2.68
N PHE A 214 15.02 24.21 1.89
CA PHE A 214 15.58 24.35 0.56
C PHE A 214 16.32 25.68 0.39
N LEU A 215 16.58 26.40 1.49
CA LEU A 215 17.34 27.64 1.40
C LEU A 215 18.68 27.50 0.68
N PRO A 216 19.50 26.47 0.92
CA PRO A 216 20.78 26.39 0.18
C PRO A 216 20.57 26.40 -1.32
N TRP A 217 19.75 25.47 -1.83
CA TRP A 217 19.47 25.42 -3.26
C TRP A 217 18.91 26.75 -3.75
N ILE A 218 17.95 27.32 -3.03
CA ILE A 218 17.43 28.63 -3.40
C ILE A 218 18.57 29.62 -3.60
N ARG A 219 19.44 29.75 -2.59
CA ARG A 219 20.50 30.74 -2.72
C ARG A 219 21.41 30.42 -3.88
N THR A 220 21.79 29.15 -4.02
CA THR A 220 22.69 28.78 -5.11
C THR A 220 22.04 29.07 -6.44
N THR A 221 20.71 28.88 -6.52
CA THR A 221 20.03 29.06 -7.79
C THR A 221 19.85 30.53 -8.12
N MET A 222 19.73 31.39 -7.11
CA MET A 222 19.49 32.80 -7.41
C MET A 222 20.77 33.61 -7.62
N ARG A 223 21.92 33.08 -7.22
CA ARG A 223 23.18 33.76 -7.49
C ARG A 223 23.94 33.04 -8.60
N ILE B 1 -13.88 -1.41 -43.14
CA ILE B 1 -13.77 -0.03 -42.68
C ILE B 1 -12.31 0.40 -42.50
N VAL B 2 -11.54 -0.37 -41.74
CA VAL B 2 -10.09 -0.39 -41.94
C VAL B 2 -9.79 -1.56 -42.87
N GLY B 3 -9.19 -1.26 -44.02
CA GLY B 3 -8.83 -2.30 -44.96
C GLY B 3 -9.99 -2.89 -45.74
N GLY B 4 -11.09 -2.17 -45.84
CA GLY B 4 -12.24 -2.60 -46.61
C GLY B 4 -12.29 -1.97 -47.98
N ARG B 5 -13.49 -1.86 -48.53
CA ARG B 5 -13.72 -1.30 -49.84
C ARG B 5 -14.99 -0.48 -49.82
N ARG B 6 -15.10 0.45 -50.76
CA ARG B 6 -16.35 1.20 -50.88
C ARG B 6 -17.49 0.25 -51.19
N ALA B 7 -18.62 0.45 -50.52
CA ALA B 7 -19.84 -0.25 -50.91
C ALA B 7 -20.36 0.30 -52.23
N ARG B 8 -21.03 -0.55 -53.00
CA ARG B 8 -21.74 -0.06 -54.17
C ARG B 8 -22.86 0.88 -53.71
N PRO B 9 -23.16 1.93 -54.46
CA PRO B 9 -24.18 2.89 -54.02
C PRO B 9 -25.49 2.22 -53.61
N HIS B 10 -25.87 2.41 -52.34
CA HIS B 10 -27.14 1.92 -51.79
C HIS B 10 -27.25 0.40 -51.89
N ALA B 11 -26.12 -0.30 -51.81
CA ALA B 11 -26.17 -1.75 -51.80
C ALA B 11 -26.84 -2.29 -50.54
N TRP B 12 -26.83 -1.52 -49.46
CA TRP B 12 -27.38 -1.95 -48.16
C TRP B 12 -28.34 -0.88 -47.68
N PRO B 13 -29.53 -0.81 -48.28
CA PRO B 13 -30.45 0.31 -48.02
C PRO B 13 -31.04 0.31 -46.62
N PHE B 14 -30.71 -0.67 -45.79
CA PHE B 14 -31.07 -0.67 -44.38
C PHE B 14 -30.03 0.05 -43.53
N MET B 15 -28.93 0.50 -44.12
CA MET B 15 -27.85 1.11 -43.37
C MET B 15 -28.22 2.55 -43.00
N VAL B 16 -27.91 2.93 -41.76
CA VAL B 16 -28.31 4.21 -41.20
C VAL B 16 -27.08 4.89 -40.61
N SER B 17 -27.02 6.21 -40.74
CA SER B 17 -25.99 7.02 -40.08
C SER B 17 -26.65 7.81 -38.95
N LEU B 18 -26.08 7.73 -37.75
CA LEU B 18 -26.52 8.57 -36.65
C LEU B 18 -25.58 9.76 -36.56
N GLN B 19 -26.14 10.97 -36.53
CA GLN B 19 -25.34 12.18 -36.62
C GLN B 19 -25.72 13.18 -35.55
N LEU B 20 -24.70 13.86 -35.00
CA LEU B 20 -24.89 14.97 -34.08
C LEU B 20 -24.11 16.17 -34.60
N ARG B 21 -24.80 17.30 -34.77
CA ARG B 21 -24.17 18.53 -35.22
C ARG B 21 -23.38 18.31 -36.52
N GLY B 22 -23.96 17.54 -37.42
CA GLY B 22 -23.38 17.30 -38.72
C GLY B 22 -22.42 16.12 -38.79
N GLY B 23 -21.97 15.60 -37.64
CA GLY B 23 -20.95 14.56 -37.62
C GLY B 23 -21.56 13.20 -37.37
N HIS B 24 -21.25 12.26 -38.28
CA HIS B 24 -21.54 10.85 -38.03
C HIS B 24 -20.76 10.40 -36.80
N PHE B 25 -21.43 9.67 -35.90
CA PHE B 25 -20.77 9.14 -34.71
C PHE B 25 -21.03 7.66 -34.47
N CYS B 26 -22.10 7.10 -35.03
CA CYS B 26 -22.41 5.68 -34.92
C CYS B 26 -23.26 5.28 -36.12
N GLY B 27 -23.29 3.98 -36.39
CA GLY B 27 -24.19 3.43 -37.38
C GLY B 27 -25.46 2.89 -36.76
N ALA B 28 -26.38 2.48 -37.64
CA ALA B 28 -27.60 1.82 -37.17
C ALA B 28 -28.22 1.06 -38.33
N THR B 29 -29.27 0.30 -38.01
CA THR B 29 -29.97 -0.54 -38.98
C THR B 29 -31.47 -0.26 -38.93
N LEU B 30 -32.07 -0.04 -40.10
CA LEU B 30 -33.52 0.14 -40.18
C LEU B 30 -34.19 -1.23 -40.07
N ILE B 31 -35.00 -1.44 -39.03
CA ILE B 31 -35.64 -2.74 -38.81
C ILE B 31 -37.14 -2.68 -38.95
N ALA B 32 -37.71 -1.49 -39.08
CA ALA B 32 -39.11 -1.26 -39.42
C ALA B 32 -39.21 0.16 -39.93
N PRO B 33 -40.30 0.51 -40.62
CA PRO B 33 -40.39 1.86 -41.18
C PRO B 33 -40.15 2.97 -40.16
N ASN B 34 -40.36 2.67 -38.88
CA ASN B 34 -40.22 3.69 -37.82
C ASN B 34 -39.30 3.24 -36.69
N PHE B 35 -38.49 2.20 -36.88
CA PHE B 35 -37.60 1.72 -35.84
C PHE B 35 -36.21 1.48 -36.38
N VAL B 36 -35.21 2.00 -35.67
CA VAL B 36 -33.81 1.83 -35.98
C VAL B 36 -33.16 1.11 -34.81
N MET B 37 -32.15 0.30 -35.10
CA MET B 37 -31.47 -0.54 -34.13
C MET B 37 -30.00 -0.15 -34.10
N SER B 38 -29.48 0.17 -32.91
CA SER B 38 -28.08 0.54 -32.80
C SER B 38 -27.51 -0.08 -31.53
N ALA B 39 -26.30 0.34 -31.16
CA ALA B 39 -25.70 -0.08 -29.90
C ALA B 39 -26.09 0.87 -28.79
N ALA B 40 -26.30 0.32 -27.59
CA ALA B 40 -26.73 1.15 -26.48
C ALA B 40 -25.67 2.20 -26.12
N HIS B 41 -24.39 1.83 -26.18
CA HIS B 41 -23.37 2.78 -25.76
C HIS B 41 -23.34 4.00 -26.66
N CYS B 42 -23.92 3.89 -27.85
CA CYS B 42 -23.92 5.02 -28.78
C CYS B 42 -24.80 6.17 -28.28
N VAL B 43 -25.75 5.91 -27.39
CA VAL B 43 -26.64 6.98 -26.98
C VAL B 43 -26.64 7.12 -25.47
N ALA B 44 -25.67 6.47 -24.81
CA ALA B 44 -25.64 6.48 -23.35
C ALA B 44 -25.29 7.87 -22.81
N ASN B 45 -24.52 8.66 -23.54
CA ASN B 45 -24.01 9.92 -23.00
C ASN B 45 -24.19 11.07 -23.99
N VAL B 46 -25.28 11.08 -24.75
CA VAL B 46 -25.56 12.13 -25.72
C VAL B 46 -26.96 12.68 -25.49
N ASN B 47 -27.21 13.85 -26.06
CA ASN B 47 -28.56 14.43 -26.08
C ASN B 47 -29.34 13.76 -27.21
N VAL B 48 -30.18 12.79 -26.84
CA VAL B 48 -30.92 12.01 -27.82
C VAL B 48 -31.83 12.90 -28.68
N ARG B 49 -32.35 13.98 -28.10
CA ARG B 49 -33.23 14.87 -28.84
C ARG B 49 -32.53 15.59 -29.98
N ALA B 50 -31.20 15.63 -29.98
CA ALA B 50 -30.44 16.25 -31.05
C ALA B 50 -29.88 15.26 -32.06
N VAL B 51 -30.08 13.96 -31.84
CA VAL B 51 -29.62 12.94 -32.77
C VAL B 51 -30.44 13.01 -34.05
N ARG B 52 -29.77 12.99 -35.20
CA ARG B 52 -30.42 12.89 -36.50
C ARG B 52 -30.14 11.51 -37.08
N VAL B 53 -31.21 10.82 -37.48
CA VAL B 53 -31.14 9.47 -38.06
C VAL B 53 -31.26 9.63 -39.56
N VAL B 54 -30.20 9.28 -40.30
CA VAL B 54 -30.11 9.55 -41.73
C VAL B 54 -30.15 8.22 -42.46
N LEU B 55 -31.18 8.02 -43.28
CA LEU B 55 -31.36 6.83 -44.10
C LEU B 55 -31.11 7.17 -45.56
N GLY B 56 -30.77 6.15 -46.34
CA GLY B 56 -30.53 6.32 -47.77
C GLY B 56 -29.25 7.04 -48.13
N ALA B 57 -28.27 7.08 -47.22
CA ALA B 57 -27.03 7.79 -47.45
C ALA B 57 -25.98 6.88 -48.09
N HIS B 58 -25.11 7.49 -48.90
CA HIS B 58 -23.96 6.76 -49.42
C HIS B 58 -22.64 7.46 -49.09
N ASN B 59 -22.52 8.71 -49.52
CA ASN B 59 -21.32 9.52 -49.34
C ASN B 59 -21.70 10.68 -48.42
N LEU B 60 -21.27 10.62 -47.17
CA LEU B 60 -21.69 11.61 -46.19
C LEU B 60 -21.09 12.99 -46.45
N SER B 61 -20.05 13.08 -47.27
CA SER B 61 -19.38 14.35 -47.53
C SER B 61 -19.97 15.10 -48.73
N ARG B 62 -21.00 14.56 -49.37
CA ARG B 62 -21.68 15.23 -50.45
C ARG B 62 -23.17 15.38 -50.13
N ARG B 63 -23.81 16.31 -50.82
CA ARG B 63 -25.26 16.48 -50.71
C ARG B 63 -25.94 15.36 -51.50
N GLU B 64 -26.89 14.68 -50.87
CA GLU B 64 -27.58 13.56 -51.49
C GLU B 64 -29.08 13.72 -51.31
N PRO B 65 -29.84 13.99 -52.37
CA PRO B 65 -31.31 14.11 -52.23
C PRO B 65 -31.99 12.80 -51.88
N THR B 66 -31.31 11.66 -52.03
CA THR B 66 -31.91 10.39 -51.67
C THR B 66 -32.16 10.25 -50.17
N ARG B 67 -31.49 11.05 -49.35
CA ARG B 67 -31.49 10.83 -47.91
C ARG B 67 -32.84 11.21 -47.28
N GLN B 68 -33.19 10.47 -46.23
CA GLN B 68 -34.36 10.73 -45.40
C GLN B 68 -33.91 10.91 -43.96
N VAL B 69 -34.30 12.02 -43.34
CA VAL B 69 -33.80 12.43 -42.03
C VAL B 69 -34.94 12.34 -41.03
N PHE B 70 -34.66 11.75 -39.86
CA PHE B 70 -35.66 11.62 -38.80
C PHE B 70 -35.04 11.98 -37.46
N ALA B 71 -35.91 12.27 -36.50
CA ALA B 71 -35.51 12.47 -35.11
C ALA B 71 -35.86 11.22 -34.31
N VAL B 72 -35.30 11.14 -33.10
CA VAL B 72 -35.51 10.00 -32.21
C VAL B 72 -36.66 10.35 -31.26
N GLN B 73 -37.78 9.63 -31.40
CA GLN B 73 -38.95 9.88 -30.56
C GLN B 73 -38.79 9.29 -29.17
N ARG B 74 -38.39 8.02 -29.09
CA ARG B 74 -38.13 7.39 -27.80
C ARG B 74 -37.14 6.25 -28.02
N ILE B 75 -36.61 5.72 -26.92
CA ILE B 75 -35.59 4.68 -26.98
C ILE B 75 -36.01 3.52 -26.09
N PHE B 76 -35.50 2.33 -26.42
CA PHE B 76 -35.78 1.10 -25.69
C PHE B 76 -34.47 0.38 -25.50
N GLU B 77 -34.12 0.10 -24.26
CA GLU B 77 -32.95 -0.69 -23.92
C GLU B 77 -33.39 -2.01 -23.32
N ASN B 78 -32.45 -2.95 -23.25
CA ASN B 78 -32.68 -4.31 -22.75
C ASN B 78 -31.62 -4.65 -21.71
N GLY B 79 -31.45 -3.78 -20.73
CA GLY B 79 -30.52 -4.02 -19.65
C GLY B 79 -29.06 -3.82 -20.00
N TYR B 80 -28.75 -2.73 -20.72
CA TYR B 80 -27.37 -2.45 -21.10
C TYR B 80 -26.48 -2.39 -19.87
N ASP B 81 -25.33 -3.05 -19.95
CA ASP B 81 -24.36 -3.08 -18.88
C ASP B 81 -23.10 -2.36 -19.33
N PRO B 82 -22.92 -1.09 -19.00
CA PRO B 82 -21.73 -0.36 -19.46
C PRO B 82 -20.42 -0.94 -18.95
N VAL B 83 -20.40 -1.53 -17.76
CA VAL B 83 -19.14 -1.99 -17.18
C VAL B 83 -18.57 -3.16 -17.97
N ASN B 84 -19.39 -4.16 -18.28
CA ASN B 84 -18.94 -5.38 -18.95
C ASN B 84 -19.28 -5.43 -20.43
N LEU B 85 -19.90 -4.38 -20.97
CA LEU B 85 -20.32 -4.33 -22.36
C LEU B 85 -21.20 -5.53 -22.71
N LEU B 86 -22.19 -5.77 -21.86
CA LEU B 86 -23.24 -6.75 -22.11
C LEU B 86 -24.52 -6.02 -22.53
N ASN B 87 -25.33 -6.69 -23.36
CA ASN B 87 -26.63 -6.18 -23.76
C ASN B 87 -26.50 -4.82 -24.47
N ASP B 88 -25.53 -4.73 -25.38
CA ASP B 88 -25.18 -3.46 -25.99
C ASP B 88 -26.04 -3.22 -27.24
N ILE B 89 -27.35 -3.11 -27.00
CA ILE B 89 -28.31 -2.93 -28.07
C ILE B 89 -29.37 -1.92 -27.61
N VAL B 90 -29.76 -1.03 -28.52
CA VAL B 90 -30.83 -0.07 -28.27
C VAL B 90 -31.71 0.00 -29.51
N ILE B 91 -32.98 0.32 -29.30
CA ILE B 91 -33.93 0.56 -30.38
C ILE B 91 -34.43 1.98 -30.28
N LEU B 92 -34.33 2.73 -31.37
CA LEU B 92 -34.76 4.11 -31.45
C LEU B 92 -35.99 4.18 -32.34
N GLN B 93 -37.13 4.55 -31.76
CA GLN B 93 -38.32 4.79 -32.57
C GLN B 93 -38.24 6.19 -33.17
N LEU B 94 -38.56 6.29 -34.45
CA LEU B 94 -38.43 7.55 -35.15
C LEU B 94 -39.69 8.39 -34.97
N ASN B 95 -39.58 9.67 -35.28
CA ASN B 95 -40.72 10.59 -35.25
C ASN B 95 -41.61 10.43 -36.47
N GLY B 96 -41.43 9.36 -37.24
CA GLY B 96 -42.26 9.09 -38.39
C GLY B 96 -41.85 7.77 -39.00
N SER B 97 -42.40 7.48 -40.17
CA SER B 97 -42.12 6.25 -40.91
C SER B 97 -41.36 6.58 -42.18
N ALA B 98 -40.29 5.83 -42.43
CA ALA B 98 -39.50 6.04 -43.63
C ALA B 98 -40.30 5.67 -44.88
N THR B 99 -39.99 6.33 -45.98
CA THR B 99 -40.51 5.96 -47.29
C THR B 99 -39.64 4.84 -47.87
N ILE B 100 -40.24 3.67 -48.08
CA ILE B 100 -39.50 2.51 -48.56
C ILE B 100 -39.34 2.62 -50.07
N ASN B 101 -38.09 2.68 -50.53
CA ASN B 101 -37.80 2.83 -51.96
C ASN B 101 -36.47 2.16 -52.26
N ALA B 102 -35.90 2.48 -53.43
CA ALA B 102 -34.67 1.85 -53.87
C ALA B 102 -33.47 2.18 -53.00
N ASN B 103 -33.56 3.26 -52.21
CA ASN B 103 -32.47 3.67 -51.34
C ASN B 103 -32.72 3.37 -49.87
N VAL B 104 -33.97 3.12 -49.47
CA VAL B 104 -34.34 2.92 -48.08
C VAL B 104 -35.18 1.66 -48.00
N GLN B 105 -34.66 0.62 -47.34
CA GLN B 105 -35.37 -0.63 -47.18
C GLN B 105 -35.13 -1.13 -45.76
N VAL B 106 -36.03 -1.99 -45.32
CA VAL B 106 -36.00 -2.56 -43.98
C VAL B 106 -35.16 -3.83 -43.97
N ALA B 107 -34.32 -3.97 -42.95
CA ALA B 107 -33.48 -5.15 -42.84
C ALA B 107 -34.29 -6.36 -42.35
N GLN B 108 -33.66 -7.53 -42.40
CA GLN B 108 -34.28 -8.76 -41.92
C GLN B 108 -33.39 -9.40 -40.88
N LEU B 109 -34.01 -9.95 -39.85
CA LEU B 109 -33.34 -10.45 -38.68
C LEU B 109 -33.38 -11.97 -38.62
N PRO B 110 -32.45 -12.60 -37.92
CA PRO B 110 -32.50 -14.04 -37.71
C PRO B 110 -33.54 -14.39 -36.66
N ALA B 111 -33.69 -15.69 -36.40
CA ALA B 111 -34.61 -16.15 -35.38
C ALA B 111 -33.91 -16.15 -34.01
N GLN B 112 -34.72 -16.03 -32.97
CA GLN B 112 -34.22 -16.03 -31.60
C GLN B 112 -33.43 -17.30 -31.31
N GLY B 113 -32.27 -17.15 -30.68
CA GLY B 113 -31.47 -18.29 -30.25
C GLY B 113 -30.47 -18.79 -31.26
N ARG B 114 -30.48 -18.26 -32.48
CA ARG B 114 -29.56 -18.73 -33.52
C ARG B 114 -28.14 -18.29 -33.20
N ARG B 115 -27.24 -19.25 -33.03
CA ARG B 115 -25.83 -19.00 -32.78
C ARG B 115 -25.01 -19.45 -33.98
N LEU B 116 -24.10 -18.61 -34.44
CA LEU B 116 -23.29 -18.89 -35.62
C LEU B 116 -21.94 -19.44 -35.19
N GLY B 117 -21.54 -20.55 -35.80
CA GLY B 117 -20.30 -21.19 -35.45
C GLY B 117 -19.10 -20.57 -36.14
N ASN B 118 -17.93 -21.10 -35.78
CA ASN B 118 -16.67 -20.63 -36.36
C ASN B 118 -16.65 -20.83 -37.87
N GLY B 119 -16.20 -19.81 -38.60
CA GLY B 119 -15.98 -19.92 -40.03
C GLY B 119 -17.05 -19.33 -40.91
N VAL B 120 -18.16 -18.85 -40.34
CA VAL B 120 -19.22 -18.26 -41.15
C VAL B 120 -18.73 -16.94 -41.73
N GLN B 121 -18.91 -16.77 -43.03
CA GLN B 121 -18.46 -15.57 -43.72
C GLN B 121 -19.55 -14.51 -43.66
N CYS B 122 -19.20 -13.35 -43.12
CA CYS B 122 -20.10 -12.22 -42.95
C CYS B 122 -19.51 -11.00 -43.60
N LEU B 123 -20.31 -9.95 -43.69
CA LEU B 123 -19.90 -8.65 -44.22
C LEU B 123 -20.17 -7.60 -43.15
N ALA B 124 -19.14 -6.88 -42.75
CA ALA B 124 -19.30 -5.73 -41.87
C ALA B 124 -19.25 -4.46 -42.72
N MET B 125 -19.74 -3.36 -42.16
CA MET B 125 -19.85 -2.13 -42.93
C MET B 125 -19.98 -0.94 -42.00
N GLY B 126 -19.62 0.23 -42.51
CA GLY B 126 -19.79 1.44 -41.72
C GLY B 126 -19.05 2.62 -42.31
N TRP B 127 -19.26 3.77 -41.67
CA TRP B 127 -18.63 5.03 -42.03
C TRP B 127 -17.55 5.45 -41.04
N GLY B 128 -16.98 4.51 -40.31
CA GLY B 128 -16.00 4.85 -39.29
C GLY B 128 -14.65 5.19 -39.88
N LEU B 129 -13.66 5.29 -38.99
CA LEU B 129 -12.32 5.68 -39.40
C LEU B 129 -11.76 4.66 -40.39
N LEU B 130 -11.03 5.15 -41.37
CA LEU B 130 -10.38 4.32 -42.36
C LEU B 130 -9.03 3.79 -41.89
N GLY B 131 -8.80 3.81 -40.58
CA GLY B 131 -7.50 3.56 -39.99
C GLY B 131 -6.92 4.77 -39.31
N ARG B 132 -7.64 5.91 -39.32
CA ARG B 132 -7.23 7.17 -38.73
C ARG B 132 -6.10 7.81 -39.54
N ASN B 133 -5.56 7.06 -40.51
CA ASN B 133 -4.56 7.62 -41.41
C ASN B 133 -5.22 8.38 -42.54
N ARG B 134 -6.32 7.85 -43.07
CA ARG B 134 -7.16 8.56 -44.03
C ARG B 134 -8.33 9.28 -43.36
N GLY B 135 -8.42 9.22 -42.04
CA GLY B 135 -9.52 9.85 -41.33
C GLY B 135 -10.81 9.08 -41.47
N ILE B 136 -11.92 9.76 -41.15
CA ILE B 136 -13.23 9.13 -41.24
C ILE B 136 -13.60 8.92 -42.70
N ALA B 137 -14.41 7.89 -42.96
CA ALA B 137 -14.81 7.55 -44.32
C ALA B 137 -15.92 8.48 -44.79
N SER B 138 -15.85 8.89 -46.05
CA SER B 138 -16.94 9.61 -46.68
C SER B 138 -17.95 8.64 -47.28
N VAL B 139 -17.46 7.68 -48.06
CA VAL B 139 -18.28 6.67 -48.71
C VAL B 139 -18.38 5.46 -47.79
N LEU B 140 -19.60 4.94 -47.62
CA LEU B 140 -19.81 3.77 -46.78
C LEU B 140 -18.88 2.63 -47.19
N GLN B 141 -18.18 2.07 -46.21
CA GLN B 141 -17.21 1.02 -46.46
C GLN B 141 -17.78 -0.33 -46.04
N GLU B 142 -17.29 -1.39 -46.69
CA GLU B 142 -17.64 -2.76 -46.32
C GLU B 142 -16.39 -3.63 -46.29
N LEU B 143 -16.47 -4.71 -45.53
CA LEU B 143 -15.33 -5.57 -45.25
C LEU B 143 -15.81 -7.01 -45.09
N ASN B 144 -15.14 -7.94 -45.76
CA ASN B 144 -15.43 -9.37 -45.59
C ASN B 144 -14.74 -9.91 -44.34
N VAL B 145 -15.53 -10.45 -43.40
CA VAL B 145 -15.04 -10.93 -42.12
C VAL B 145 -15.51 -12.36 -41.94
N THR B 146 -14.91 -13.05 -40.96
CA THR B 146 -15.32 -14.40 -40.61
C THR B 146 -15.59 -14.50 -39.12
N VAL B 147 -16.69 -15.17 -38.77
CA VAL B 147 -17.06 -15.37 -37.37
C VAL B 147 -16.01 -16.26 -36.69
N VAL B 148 -15.57 -15.84 -35.50
CA VAL B 148 -14.64 -16.63 -34.70
C VAL B 148 -15.15 -16.73 -33.27
N THR B 149 -14.75 -17.80 -32.58
CA THR B 149 -15.10 -18.00 -31.18
C THR B 149 -13.90 -17.85 -30.25
N SER B 150 -12.68 -17.92 -30.78
CA SER B 150 -11.50 -17.86 -29.93
C SER B 150 -11.25 -16.43 -29.47
N LEU B 151 -10.74 -16.31 -28.24
CA LEU B 151 -10.49 -15.02 -27.59
C LEU B 151 -11.75 -14.17 -27.58
N CYS B 152 -12.88 -14.80 -27.29
CA CYS B 152 -14.14 -14.07 -27.23
C CYS B 152 -15.04 -14.70 -26.19
N ARG B 153 -16.22 -14.10 -26.02
CA ARG B 153 -17.18 -14.51 -25.02
C ARG B 153 -18.45 -14.99 -25.72
N ARG B 154 -19.19 -15.84 -25.02
CA ARG B 154 -20.48 -16.29 -25.53
C ARG B 154 -21.48 -15.16 -25.67
N SER B 155 -21.24 -14.04 -24.98
CA SER B 155 -22.17 -12.92 -24.98
C SER B 155 -21.99 -12.00 -26.18
N ASN B 156 -21.04 -12.32 -27.07
CA ASN B 156 -20.79 -11.51 -28.26
C ASN B 156 -20.66 -12.42 -29.48
N VAL B 157 -20.90 -11.84 -30.65
CA VAL B 157 -20.48 -12.45 -31.90
C VAL B 157 -19.22 -11.73 -32.34
N CYS B 158 -18.17 -12.48 -32.63
CA CYS B 158 -16.85 -11.89 -32.85
C CYS B 158 -16.33 -12.29 -34.22
N THR B 159 -15.69 -11.34 -34.89
CA THR B 159 -15.23 -11.54 -36.25
C THR B 159 -13.76 -11.18 -36.37
N LEU B 160 -13.09 -11.83 -37.33
CA LEU B 160 -11.69 -11.58 -37.61
C LEU B 160 -11.48 -11.61 -39.12
N VAL B 161 -10.47 -10.86 -39.58
CA VAL B 161 -9.96 -10.99 -40.93
C VAL B 161 -8.59 -11.64 -40.82
N ARG B 162 -8.50 -12.91 -41.20
CA ARG B 162 -7.24 -13.64 -41.13
C ARG B 162 -6.30 -13.18 -42.23
N GLY B 163 -5.02 -13.03 -41.89
CA GLY B 163 -3.97 -12.82 -42.86
C GLY B 163 -3.57 -11.37 -43.08
N ARG B 164 -4.38 -10.42 -42.63
CA ARG B 164 -4.07 -9.01 -42.81
C ARG B 164 -4.71 -8.20 -41.70
N GLN B 165 -4.25 -6.96 -41.56
CA GLN B 165 -4.72 -6.07 -40.49
C GLN B 165 -5.95 -5.32 -41.00
N ALA B 166 -7.13 -5.78 -40.62
CA ALA B 166 -8.37 -5.19 -41.08
C ALA B 166 -9.43 -5.40 -40.01
N GLY B 167 -10.42 -4.52 -39.99
CA GLY B 167 -11.49 -4.64 -39.01
C GLY B 167 -12.30 -3.36 -38.92
N VAL B 168 -13.25 -3.38 -38.00
CA VAL B 168 -14.07 -2.22 -37.75
C VAL B 168 -13.27 -1.21 -36.94
N CYS B 169 -13.71 0.05 -36.96
CA CYS B 169 -12.96 1.08 -36.25
C CYS B 169 -13.94 2.10 -35.71
N PHE B 170 -13.42 3.19 -35.18
CA PHE B 170 -14.26 4.13 -34.44
C PHE B 170 -15.19 4.89 -35.38
N GLY B 171 -16.44 4.98 -34.97
CA GLY B 171 -17.51 5.37 -35.86
C GLY B 171 -18.30 4.22 -36.43
N ASP B 172 -17.82 2.98 -36.30
CA ASP B 172 -18.60 1.84 -36.78
C ASP B 172 -19.52 1.24 -35.74
N SER B 173 -19.39 1.62 -34.46
CA SER B 173 -20.35 1.21 -33.44
C SER B 173 -21.77 1.35 -33.94
N GLY B 174 -22.60 0.34 -33.67
CA GLY B 174 -24.00 0.38 -34.03
C GLY B 174 -24.31 -0.10 -35.44
N SER B 175 -23.30 -0.25 -36.28
CA SER B 175 -23.51 -0.68 -37.65
C SER B 175 -23.80 -2.18 -37.71
N PRO B 176 -24.49 -2.65 -38.73
CA PRO B 176 -24.85 -4.07 -38.77
C PRO B 176 -23.71 -4.97 -39.22
N LEU B 177 -23.75 -6.19 -38.72
CA LEU B 177 -23.00 -7.32 -39.25
C LEU B 177 -23.99 -8.21 -39.98
N VAL B 178 -23.74 -8.45 -41.28
CA VAL B 178 -24.68 -9.13 -42.15
C VAL B 178 -24.11 -10.51 -42.47
N CYS B 179 -24.89 -11.55 -42.16
CA CYS B 179 -24.52 -12.92 -42.47
C CYS B 179 -25.72 -13.60 -43.10
N ASN B 180 -25.53 -14.15 -44.29
CA ASN B 180 -26.58 -14.84 -45.03
C ASN B 180 -27.81 -13.94 -45.19
N GLY B 181 -27.57 -12.66 -45.43
CA GLY B 181 -28.63 -11.71 -45.64
C GLY B 181 -29.36 -11.27 -44.39
N LEU B 182 -28.95 -11.74 -43.22
CA LEU B 182 -29.63 -11.43 -41.96
C LEU B 182 -28.69 -10.63 -41.06
N ILE B 183 -29.28 -9.72 -40.29
CA ILE B 183 -28.52 -8.87 -39.39
C ILE B 183 -28.24 -9.67 -38.12
N HIS B 184 -27.03 -10.21 -38.01
CA HIS B 184 -26.67 -11.01 -36.84
C HIS B 184 -25.86 -10.23 -35.80
N GLY B 185 -25.32 -9.08 -36.16
CA GLY B 185 -24.48 -8.35 -35.23
C GLY B 185 -24.66 -6.85 -35.34
N ILE B 186 -24.43 -6.19 -34.21
CA ILE B 186 -24.33 -4.74 -34.08
C ILE B 186 -22.95 -4.43 -33.51
N ALA B 187 -22.15 -3.66 -34.25
CA ALA B 187 -20.77 -3.43 -33.83
C ALA B 187 -20.70 -2.84 -32.43
N SER B 188 -19.88 -3.46 -31.57
CA SER B 188 -19.81 -3.08 -30.17
C SER B 188 -18.45 -2.56 -29.74
N PHE B 189 -17.38 -3.36 -29.84
CA PHE B 189 -16.11 -2.88 -29.34
C PHE B 189 -14.92 -3.62 -29.96
N VAL B 190 -13.77 -2.95 -29.89
CA VAL B 190 -12.51 -3.51 -30.34
C VAL B 190 -11.60 -3.65 -29.13
N ARG B 191 -10.50 -4.38 -29.31
CA ARG B 191 -9.54 -4.64 -28.24
C ARG B 191 -8.19 -4.05 -28.63
N GLY B 192 -7.69 -3.12 -27.81
CA GLY B 192 -6.36 -2.54 -27.98
C GLY B 192 -6.25 -1.49 -29.05
N GLY B 193 -7.05 -1.64 -30.10
CA GLY B 193 -7.02 -0.75 -31.23
C GLY B 193 -7.73 -1.40 -32.41
N CYS B 194 -7.94 -0.59 -33.44
CA CYS B 194 -8.57 -1.11 -34.65
C CYS B 194 -7.58 -1.97 -35.43
N ALA B 195 -8.10 -3.04 -36.04
CA ALA B 195 -7.35 -3.84 -37.00
C ALA B 195 -6.01 -4.29 -36.42
N SER B 196 -6.07 -4.79 -35.19
CA SER B 196 -4.85 -5.26 -34.53
C SER B 196 -4.27 -6.48 -35.22
N GLY B 197 -5.12 -7.31 -35.83
CA GLY B 197 -4.69 -8.59 -36.35
C GLY B 197 -4.48 -9.65 -35.30
N LEU B 198 -4.77 -9.36 -34.04
CA LEU B 198 -4.59 -10.29 -32.93
C LEU B 198 -5.88 -10.57 -32.18
N TYR B 199 -6.77 -9.60 -32.05
CA TYR B 199 -8.01 -9.76 -31.34
C TYR B 199 -9.21 -9.53 -32.25
N PRO B 200 -10.26 -10.34 -32.11
CA PRO B 200 -11.45 -10.14 -32.94
C PRO B 200 -12.25 -8.91 -32.53
N ASP B 201 -12.97 -8.35 -33.50
CA ASP B 201 -13.95 -7.31 -33.20
C ASP B 201 -15.21 -7.96 -32.63
N ALA B 202 -15.86 -7.27 -31.69
CA ALA B 202 -16.98 -7.84 -30.96
C ALA B 202 -18.26 -7.08 -31.28
N PHE B 203 -19.30 -7.83 -31.59
CA PHE B 203 -20.62 -7.33 -31.97
C PHE B 203 -21.64 -7.82 -30.96
N ALA B 204 -22.65 -6.99 -30.74
CA ALA B 204 -23.79 -7.43 -29.94
C ALA B 204 -24.51 -8.56 -30.69
N PRO B 205 -24.86 -9.66 -30.02
CA PRO B 205 -25.49 -10.79 -30.72
C PRO B 205 -26.99 -10.62 -30.95
N VAL B 206 -27.35 -10.00 -32.09
CA VAL B 206 -28.74 -9.66 -32.39
C VAL B 206 -29.68 -10.85 -32.12
N ALA B 207 -29.28 -12.05 -32.53
CA ALA B 207 -30.17 -13.21 -32.42
C ALA B 207 -30.56 -13.53 -30.99
N GLN B 208 -29.77 -13.12 -30.00
CA GLN B 208 -30.13 -13.41 -28.61
C GLN B 208 -31.16 -12.42 -28.07
N PHE B 209 -31.49 -11.38 -28.84
CA PHE B 209 -32.42 -10.33 -28.41
C PHE B 209 -33.67 -10.27 -29.27
N VAL B 210 -33.85 -11.23 -30.20
CA VAL B 210 -34.90 -11.12 -31.21
C VAL B 210 -36.28 -11.03 -30.57
N ASN B 211 -36.57 -11.94 -29.63
CA ASN B 211 -37.82 -11.86 -28.88
C ASN B 211 -38.08 -10.43 -28.42
N TRP B 212 -37.11 -9.87 -27.68
CA TRP B 212 -37.27 -8.52 -27.17
C TRP B 212 -37.56 -7.55 -28.31
N ILE B 213 -36.75 -7.62 -29.37
CA ILE B 213 -36.91 -6.71 -30.50
C ILE B 213 -38.34 -6.77 -31.02
N ASP B 214 -38.88 -7.98 -31.18
CA ASP B 214 -40.22 -8.09 -31.75
C ASP B 214 -41.25 -7.41 -30.85
N SER B 215 -41.13 -7.59 -29.54
CA SER B 215 -42.10 -6.98 -28.62
C SER B 215 -42.08 -5.46 -28.71
N ILE B 216 -41.04 -4.89 -29.31
CA ILE B 216 -40.98 -3.45 -29.51
C ILE B 216 -41.49 -3.05 -30.88
N ILE B 217 -41.20 -3.82 -31.93
CA ILE B 217 -41.48 -3.36 -33.29
C ILE B 217 -42.74 -3.97 -33.89
N GLN B 218 -43.35 -4.95 -33.24
CA GLN B 218 -44.53 -5.60 -33.78
C GLN B 218 -45.77 -5.31 -32.93
N ALA C 15 -8.85 30.83 -29.64
CA ALA C 15 -10.31 30.78 -29.56
C ALA C 15 -10.90 30.02 -30.74
N LYS C 16 -11.89 29.16 -30.45
CA LYS C 16 -12.63 28.39 -31.44
C LYS C 16 -11.74 27.31 -32.07
N GLU C 17 -10.45 27.31 -31.75
CA GLU C 17 -9.57 26.25 -32.24
C GLU C 17 -9.45 25.12 -31.22
N MET C 18 -9.44 25.44 -29.93
CA MET C 18 -9.28 24.45 -28.88
C MET C 18 -10.30 24.66 -27.77
N GLN C 19 -10.85 23.55 -27.29
CA GLN C 19 -11.58 23.51 -26.04
C GLN C 19 -10.62 23.10 -24.92
N ASN C 20 -10.78 23.72 -23.76
CA ASN C 20 -9.93 23.49 -22.59
C ASN C 20 -10.75 22.71 -21.56
N VAL C 21 -10.51 21.41 -21.47
CA VAL C 21 -11.28 20.53 -20.60
C VAL C 21 -10.54 20.43 -19.27
N PRO C 22 -11.11 20.90 -18.17
CA PRO C 22 -10.45 20.72 -16.87
C PRO C 22 -10.32 19.24 -16.50
N TYR C 23 -9.22 18.91 -15.85
CA TYR C 23 -9.03 17.56 -15.35
C TYR C 23 -8.29 17.61 -14.02
N THR C 24 -8.50 16.57 -13.22
CA THR C 24 -7.75 16.43 -11.99
C THR C 24 -7.12 15.04 -11.95
N ILE C 25 -6.01 14.92 -11.22
CA ILE C 25 -5.35 13.64 -11.03
C ILE C 25 -5.17 13.43 -9.54
N ALA C 26 -5.69 12.31 -9.03
CA ALA C 26 -5.39 11.85 -7.67
C ALA C 26 -4.72 10.50 -7.76
N VAL C 27 -3.58 10.36 -7.11
CA VAL C 27 -2.88 9.08 -7.02
C VAL C 27 -2.63 8.80 -5.54
N ASP C 28 -3.17 7.67 -5.06
CA ASP C 28 -3.02 7.27 -3.66
C ASP C 28 -3.57 8.34 -2.71
N GLY C 29 -4.70 8.94 -3.09
CA GLY C 29 -5.36 9.91 -2.25
C GLY C 29 -4.74 11.29 -2.22
N ILE C 30 -3.70 11.55 -3.00
CA ILE C 30 -2.99 12.82 -2.99
C ILE C 30 -3.22 13.52 -4.32
N MET C 31 -3.63 14.79 -4.26
CA MET C 31 -3.86 15.61 -5.44
C MET C 31 -3.06 16.90 -5.35
N ALA C 32 -2.22 17.16 -6.34
CA ALA C 32 -1.54 18.44 -6.43
C ALA C 32 -2.58 19.55 -6.66
N PHE C 33 -2.30 20.72 -6.12
CA PHE C 33 -3.32 21.77 -6.10
C PHE C 33 -3.14 22.78 -7.25
N ASN C 34 -2.61 22.36 -8.39
CA ASN C 34 -2.71 23.22 -9.56
C ASN C 34 -4.09 23.06 -10.19
N GLN C 35 -4.40 23.90 -11.19
CA GLN C 35 -5.66 23.84 -11.91
C GLN C 35 -5.35 23.65 -13.38
N SER C 36 -5.58 22.45 -13.91
CA SER C 36 -5.05 22.10 -15.22
C SER C 36 -6.16 21.71 -16.20
N TYR C 37 -5.84 21.89 -17.49
CA TYR C 37 -6.76 21.73 -18.61
C TYR C 37 -6.09 20.94 -19.72
N LEU C 38 -6.85 20.05 -20.33
CA LEU C 38 -6.43 19.29 -21.50
C LEU C 38 -7.03 19.94 -22.72
N ASN C 39 -6.23 20.15 -23.75
CA ASN C 39 -6.70 20.83 -24.95
C ASN C 39 -7.17 19.82 -25.99
N LEU C 40 -8.36 20.04 -26.52
CA LEU C 40 -8.86 19.24 -27.64
C LEU C 40 -9.29 20.16 -28.77
N PRO C 41 -9.11 19.74 -30.02
CA PRO C 41 -9.58 20.59 -31.13
C PRO C 41 -11.08 20.81 -30.98
N LYS C 42 -11.50 22.07 -31.08
CA LYS C 42 -12.92 22.37 -30.91
C LYS C 42 -13.71 21.79 -32.07
N ASP C 43 -14.91 21.28 -31.75
CA ASP C 43 -15.83 20.73 -32.74
C ASP C 43 -15.22 19.55 -33.50
N SER C 44 -14.27 18.86 -32.87
CA SER C 44 -13.67 17.66 -33.45
C SER C 44 -14.31 16.41 -32.84
N GLN C 45 -13.92 15.27 -33.36
CA GLN C 45 -14.39 13.98 -32.88
C GLN C 45 -13.19 13.18 -32.41
N LEU C 46 -13.40 12.36 -31.37
CA LEU C 46 -12.34 11.50 -30.89
C LEU C 46 -12.94 10.21 -30.37
N SER C 47 -12.07 9.23 -30.13
CA SER C 47 -12.47 7.92 -29.68
C SER C 47 -12.01 7.69 -28.25
N TYR C 48 -12.46 6.59 -27.66
CA TYR C 48 -11.99 6.24 -26.33
C TYR C 48 -10.54 5.80 -26.35
N LEU C 49 -10.03 5.34 -27.49
CA LEU C 49 -8.60 5.07 -27.58
C LEU C 49 -7.81 6.36 -27.51
N ASP C 50 -8.21 7.36 -28.31
CA ASP C 50 -7.55 8.66 -28.28
C ASP C 50 -7.55 9.23 -26.86
N LEU C 51 -8.73 9.24 -26.22
CA LEU C 51 -8.85 9.89 -24.93
C LEU C 51 -8.14 9.10 -23.84
N GLY C 52 -8.28 7.77 -23.85
CA GLY C 52 -7.53 6.96 -22.91
C GLY C 52 -6.03 7.16 -23.04
N ASN C 53 -5.52 7.28 -24.27
CA ASN C 53 -4.10 7.49 -24.46
C ASN C 53 -3.67 8.85 -23.91
N LYS C 54 -4.52 9.88 -24.11
CA LYS C 54 -4.24 11.19 -23.50
C LYS C 54 -4.21 11.09 -21.97
N VAL C 55 -5.15 10.34 -21.39
CA VAL C 55 -5.20 10.23 -19.93
C VAL C 55 -3.97 9.50 -19.40
N LYS C 56 -3.55 8.42 -20.08
CA LYS C 56 -2.33 7.72 -19.69
C LYS C 56 -1.09 8.60 -19.82
N ALA C 57 -0.99 9.40 -20.89
CA ALA C 57 0.15 10.29 -21.03
C ALA C 57 0.16 11.35 -19.93
N LEU C 58 -1.01 11.88 -19.57
CA LEU C 58 -1.09 12.83 -18.46
C LEU C 58 -0.63 12.19 -17.16
N LEU C 59 -1.11 10.98 -16.90
CA LEU C 59 -0.73 10.28 -15.68
C LEU C 59 0.77 10.10 -15.60
N TYR C 60 1.41 9.69 -16.71
CA TYR C 60 2.85 9.50 -16.67
C TYR C 60 3.60 10.82 -16.53
N ASP C 61 3.26 11.83 -17.35
CA ASP C 61 4.03 13.06 -17.31
C ASP C 61 3.85 13.79 -15.99
N GLU C 62 2.63 13.85 -15.47
CA GLU C 62 2.39 14.69 -14.30
C GLU C 62 2.65 13.97 -12.98
N ARG C 63 2.40 12.66 -12.91
CA ARG C 63 2.58 11.96 -11.64
C ARG C 63 3.44 10.72 -11.78
N GLY C 64 4.11 10.54 -12.91
CA GLY C 64 5.06 9.47 -13.05
C GLY C 64 4.45 8.08 -13.02
N VAL C 65 3.14 7.98 -13.26
CA VAL C 65 2.44 6.70 -13.27
C VAL C 65 2.70 5.98 -14.59
N THR C 66 3.26 4.79 -14.51
CA THR C 66 3.69 3.99 -15.65
C THR C 66 2.58 3.06 -16.10
N PRO C 67 2.66 2.52 -17.32
CA PRO C 67 1.73 1.44 -17.68
C PRO C 67 1.79 0.28 -16.71
N GLU C 68 2.99 -0.07 -16.25
CA GLU C 68 3.12 -1.16 -15.30
C GLU C 68 2.43 -0.83 -13.98
N LYS C 69 2.44 0.44 -13.58
CA LYS C 69 1.76 0.83 -12.35
C LYS C 69 0.24 0.78 -12.51
N ILE C 70 -0.25 1.10 -13.70
CA ILE C 70 -1.68 0.98 -13.97
C ILE C 70 -2.10 -0.48 -13.97
N ARG C 71 -1.31 -1.33 -14.65
CA ARG C 71 -1.63 -2.74 -14.74
C ARG C 71 -1.65 -3.41 -13.37
N ASN C 72 -0.82 -2.94 -12.44
CA ASN C 72 -0.71 -3.55 -11.13
C ASN C 72 -1.44 -2.78 -10.03
N ALA C 73 -2.15 -1.72 -10.37
CA ALA C 73 -2.86 -0.93 -9.36
C ALA C 73 -4.06 -1.70 -8.83
N LYS C 74 -4.49 -1.30 -7.62
CA LYS C 74 -5.76 -1.80 -7.10
C LYS C 74 -6.91 -1.35 -8.00
N SER C 75 -6.90 -0.08 -8.38
CA SER C 75 -7.88 0.48 -9.29
C SER C 75 -7.22 1.62 -10.04
N ALA C 76 -7.65 1.82 -11.28
CA ALA C 76 -7.13 2.90 -12.12
C ALA C 76 -8.25 3.26 -13.08
N VAL C 77 -8.91 4.39 -12.84
CA VAL C 77 -10.07 4.80 -13.61
C VAL C 77 -9.92 6.26 -13.99
N TYR C 78 -10.78 6.69 -14.91
CA TYR C 78 -11.04 8.11 -15.08
C TYR C 78 -12.52 8.28 -15.37
N THR C 79 -13.07 9.40 -14.90
CA THR C 79 -14.49 9.67 -15.01
C THR C 79 -14.71 10.86 -15.93
N ILE C 80 -15.48 10.66 -16.97
CA ILE C 80 -15.88 11.73 -17.88
C ILE C 80 -17.20 12.29 -17.37
N THR C 81 -17.23 13.58 -17.10
CA THR C 81 -18.48 14.31 -16.94
C THR C 81 -18.83 14.92 -18.29
N TRP C 82 -20.01 14.61 -18.81
CA TRP C 82 -20.45 15.08 -20.12
C TRP C 82 -21.29 16.35 -19.97
N LYS C 83 -21.34 17.13 -21.04
CA LYS C 83 -22.09 18.39 -21.04
C LYS C 83 -23.56 18.17 -20.68
N ASP C 84 -24.11 16.98 -20.93
CA ASP C 84 -25.50 16.71 -20.58
C ASP C 84 -25.67 16.20 -19.15
N GLY C 85 -24.60 16.20 -18.35
CA GLY C 85 -24.67 15.89 -16.95
C GLY C 85 -24.37 14.44 -16.60
N SER C 86 -24.47 13.52 -17.55
CA SER C 86 -24.16 12.13 -17.28
C SER C 86 -22.65 11.94 -17.10
N LYS C 87 -22.29 10.90 -16.35
CA LYS C 87 -20.90 10.56 -16.11
C LYS C 87 -20.65 9.13 -16.55
N LYS C 88 -19.43 8.89 -17.05
CA LYS C 88 -19.04 7.54 -17.43
C LYS C 88 -17.67 7.26 -16.86
N GLU C 89 -17.53 6.13 -16.18
CA GLU C 89 -16.25 5.69 -15.65
C GLU C 89 -15.58 4.76 -16.65
N VAL C 90 -14.30 5.00 -16.90
CA VAL C 90 -13.48 4.20 -17.80
C VAL C 90 -12.36 3.56 -16.99
N ASP C 91 -12.24 2.25 -17.10
CA ASP C 91 -11.24 1.47 -16.38
C ASP C 91 -9.97 1.48 -17.23
N LEU C 92 -8.92 2.13 -16.71
CA LEU C 92 -7.66 2.20 -17.45
C LEU C 92 -6.96 0.85 -17.53
N LYS C 93 -7.35 -0.12 -16.69
CA LYS C 93 -6.76 -1.43 -16.77
C LYS C 93 -7.30 -2.28 -17.91
N LYS C 94 -8.36 -1.84 -18.60
CA LYS C 94 -8.97 -2.60 -19.68
C LYS C 94 -8.46 -2.14 -21.04
N ASP C 95 -8.41 -3.07 -22.00
CA ASP C 95 -7.98 -2.78 -23.35
C ASP C 95 -9.15 -2.84 -24.35
N SER C 96 -10.39 -2.88 -23.86
CA SER C 96 -11.56 -2.91 -24.71
C SER C 96 -12.14 -1.51 -24.84
N TYR C 97 -12.44 -1.11 -26.07
CA TYR C 97 -12.91 0.25 -26.37
C TYR C 97 -14.14 0.17 -27.25
N THR C 98 -15.24 0.80 -26.82
CA THR C 98 -16.40 0.88 -27.68
C THR C 98 -16.02 1.63 -28.96
N ALA C 99 -16.64 1.21 -30.08
CA ALA C 99 -16.22 1.62 -31.42
C ALA C 99 -16.91 2.88 -31.89
N ASN C 100 -17.23 3.81 -30.98
CA ASN C 100 -17.96 5.01 -31.32
C ASN C 100 -17.03 6.21 -31.32
N LEU C 101 -17.53 7.31 -31.89
CA LEU C 101 -16.90 8.62 -31.85
C LEU C 101 -17.76 9.54 -30.99
N PHE C 102 -17.11 10.49 -30.31
CA PHE C 102 -17.84 11.51 -29.58
C PHE C 102 -17.22 12.88 -29.84
N ASP C 103 -18.03 13.91 -29.63
CA ASP C 103 -17.63 15.29 -29.89
C ASP C 103 -16.71 15.80 -28.79
N SER C 104 -15.66 16.52 -29.20
CA SER C 104 -14.78 17.15 -28.23
C SER C 104 -15.53 18.18 -27.39
N ASN C 105 -16.54 18.83 -27.97
CA ASN C 105 -17.29 19.84 -27.23
C ASN C 105 -18.18 19.26 -26.14
N SER C 106 -18.34 17.94 -26.09
CA SER C 106 -19.28 17.33 -25.15
C SER C 106 -18.65 16.92 -23.82
N ILE C 107 -17.35 17.12 -23.64
CA ILE C 107 -16.65 16.76 -22.41
C ILE C 107 -16.54 18.01 -21.54
N LYS C 108 -17.07 17.94 -20.31
CA LYS C 108 -16.99 19.05 -19.38
C LYS C 108 -15.86 18.92 -18.37
N GLN C 109 -15.53 17.70 -17.93
CA GLN C 109 -14.52 17.51 -16.89
C GLN C 109 -13.99 16.08 -16.98
N ILE C 110 -12.74 15.88 -16.56
CA ILE C 110 -12.17 14.55 -16.46
C ILE C 110 -11.50 14.41 -15.10
N ASP C 111 -11.83 13.35 -14.38
CA ASP C 111 -11.27 13.13 -13.05
C ASP C 111 -10.60 11.77 -13.01
N ILE C 112 -9.27 11.77 -12.84
CA ILE C 112 -8.44 10.58 -12.91
C ILE C 112 -8.07 10.17 -11.50
N ASN C 113 -8.25 8.91 -11.17
CA ASN C 113 -8.01 8.42 -9.82
C ASN C 113 -7.32 7.07 -9.89
N VAL C 114 -6.10 7.01 -9.39
CA VAL C 114 -5.33 5.77 -9.34
C VAL C 114 -5.06 5.42 -7.89
N LYS C 115 -5.34 4.17 -7.53
CA LYS C 115 -5.03 3.66 -6.20
C LYS C 115 -4.19 2.41 -6.33
N THR C 116 -2.97 2.44 -5.78
CA THR C 116 -2.11 1.27 -5.81
C THR C 116 -2.53 0.22 -4.78
N LYS C 117 -3.05 0.65 -3.64
CA LYS C 117 -3.67 -0.26 -2.68
C LYS C 117 -4.49 0.52 -1.66
N ALA D 15 3.72 -14.67 -21.30
CA ALA D 15 3.05 -15.51 -20.33
C ALA D 15 2.51 -16.77 -21.00
N LYS D 16 2.52 -16.79 -22.33
CA LYS D 16 2.06 -17.94 -23.09
C LYS D 16 3.15 -19.00 -23.25
N GLU D 17 4.38 -18.71 -22.85
CA GLU D 17 5.45 -19.70 -22.91
C GLU D 17 5.67 -20.26 -21.51
N MET D 18 5.60 -21.59 -21.38
CA MET D 18 6.03 -22.26 -20.16
C MET D 18 5.25 -21.84 -18.92
N GLN D 19 4.00 -22.28 -18.80
CA GLN D 19 3.29 -22.19 -17.54
C GLN D 19 4.14 -22.72 -16.39
N ASN D 20 3.96 -22.15 -15.21
CA ASN D 20 4.72 -22.53 -14.02
C ASN D 20 3.79 -23.25 -13.04
N VAL D 21 4.08 -24.53 -12.79
CA VAL D 21 3.26 -25.36 -11.91
C VAL D 21 3.97 -25.43 -10.57
N PRO D 22 3.40 -24.87 -9.49
CA PRO D 22 4.05 -24.97 -8.18
C PRO D 22 4.13 -26.42 -7.72
N TYR D 23 5.27 -26.77 -7.10
CA TYR D 23 5.44 -28.11 -6.60
C TYR D 23 6.13 -28.07 -5.24
N THR D 24 5.88 -29.10 -4.43
CA THR D 24 6.58 -29.30 -3.17
C THR D 24 7.16 -30.69 -3.12
N ILE D 25 8.31 -30.85 -2.49
CA ILE D 25 8.96 -32.14 -2.32
C ILE D 25 9.16 -32.40 -0.83
N ALA D 26 8.68 -33.55 -0.36
CA ALA D 26 8.92 -34.01 1.00
C ALA D 26 9.54 -35.39 0.93
N VAL D 27 10.68 -35.56 1.59
CA VAL D 27 11.39 -36.85 1.63
C VAL D 27 11.77 -37.14 3.08
N ASP D 28 11.35 -38.31 3.56
CA ASP D 28 11.67 -38.76 4.93
C ASP D 28 11.26 -37.72 5.96
N GLY D 29 10.08 -37.13 5.76
CA GLY D 29 9.47 -36.23 6.70
C GLY D 29 9.97 -34.80 6.68
N ILE D 30 10.89 -34.44 5.80
CA ILE D 30 11.48 -33.09 5.81
C ILE D 30 11.31 -32.45 4.44
N MET D 31 10.96 -31.16 4.45
CA MET D 31 10.74 -30.39 3.24
C MET D 31 11.57 -29.11 3.32
N ALA D 32 12.36 -28.85 2.30
CA ALA D 32 13.05 -27.57 2.21
C ALA D 32 12.03 -26.45 2.05
N PHE D 33 12.35 -25.27 2.59
CA PHE D 33 11.37 -24.19 2.67
C PHE D 33 11.55 -23.14 1.56
N ASN D 34 12.05 -23.55 0.40
CA ASN D 34 11.98 -22.72 -0.79
C ASN D 34 10.63 -22.94 -1.50
N GLN D 35 10.29 -22.03 -2.40
CA GLN D 35 9.04 -22.12 -3.17
C GLN D 35 9.39 -22.32 -4.65
N SER D 36 9.09 -23.50 -5.18
CA SER D 36 9.59 -23.90 -6.49
C SER D 36 8.47 -24.17 -7.50
N TYR D 37 8.76 -23.86 -8.76
CA TYR D 37 7.83 -24.03 -9.88
C TYR D 37 8.50 -24.86 -10.95
N LEU D 38 7.71 -25.69 -11.61
CA LEU D 38 8.15 -26.57 -12.69
C LEU D 38 7.56 -26.06 -13.99
N ASN D 39 8.40 -25.94 -15.02
CA ASN D 39 7.97 -25.41 -16.29
C ASN D 39 7.19 -26.46 -17.09
N LEU D 40 6.11 -26.03 -17.73
CA LEU D 40 5.36 -26.88 -18.62
C LEU D 40 5.02 -26.06 -19.85
N PRO D 41 5.35 -26.53 -21.06
CA PRO D 41 4.93 -25.82 -22.28
C PRO D 41 3.44 -25.53 -22.25
N LYS D 42 3.06 -24.26 -22.39
CA LYS D 42 1.67 -23.89 -22.35
C LYS D 42 0.91 -24.48 -23.53
N ASP D 43 -0.36 -24.82 -23.27
CA ASP D 43 -1.27 -25.29 -24.30
C ASP D 43 -0.70 -26.50 -25.06
N SER D 44 -0.05 -27.39 -24.32
CA SER D 44 0.57 -28.58 -24.90
C SER D 44 -0.03 -29.83 -24.25
N GLN D 45 0.27 -30.97 -24.85
CA GLN D 45 -0.24 -32.26 -24.39
C GLN D 45 0.89 -33.07 -23.78
N LEU D 46 0.59 -33.73 -22.65
CA LEU D 46 1.57 -34.52 -21.93
C LEU D 46 0.95 -35.86 -21.54
N SER D 47 1.81 -36.86 -21.40
CA SER D 47 1.45 -38.16 -20.86
C SER D 47 1.89 -38.26 -19.40
N TYR D 48 1.46 -39.34 -18.73
CA TYR D 48 1.95 -39.58 -17.39
C TYR D 48 3.41 -40.01 -17.39
N LEU D 49 3.91 -40.54 -18.52
CA LEU D 49 5.34 -40.81 -18.61
C LEU D 49 6.16 -39.52 -18.57
N ASP D 50 5.72 -38.50 -19.32
CA ASP D 50 6.43 -37.23 -19.33
C ASP D 50 6.42 -36.58 -17.94
N LEU D 51 5.25 -36.54 -17.30
CA LEU D 51 5.11 -35.93 -15.99
C LEU D 51 5.89 -36.71 -14.94
N GLY D 52 5.82 -38.04 -15.00
CA GLY D 52 6.60 -38.85 -14.07
C GLY D 52 8.08 -38.66 -14.23
N ASN D 53 8.55 -38.52 -15.48
CA ASN D 53 9.97 -38.30 -15.71
C ASN D 53 10.40 -36.94 -15.17
N LYS D 54 9.58 -35.91 -15.38
CA LYS D 54 9.88 -34.61 -14.80
C LYS D 54 9.94 -34.69 -13.27
N VAL D 55 9.02 -35.44 -12.67
CA VAL D 55 8.99 -35.60 -11.22
C VAL D 55 10.24 -36.32 -10.74
N LYS D 56 10.65 -37.36 -11.45
CA LYS D 56 11.86 -38.09 -11.06
C LYS D 56 13.09 -37.20 -11.16
N ALA D 57 13.17 -36.37 -12.21
CA ALA D 57 14.28 -35.44 -12.32
C ALA D 57 14.29 -34.46 -11.15
N LEU D 58 13.10 -33.95 -10.78
CA LEU D 58 13.05 -33.05 -9.63
C LEU D 58 13.53 -33.76 -8.37
N LEU D 59 13.08 -35.00 -8.17
CA LEU D 59 13.46 -35.73 -6.96
C LEU D 59 14.97 -35.93 -6.90
N TYR D 60 15.58 -36.31 -8.02
CA TYR D 60 17.02 -36.53 -8.01
C TYR D 60 17.80 -35.22 -7.86
N ASP D 61 17.48 -34.22 -8.66
CA ASP D 61 18.30 -33.01 -8.66
C ASP D 61 18.15 -32.24 -7.35
N GLU D 62 16.93 -32.17 -6.81
CA GLU D 62 16.72 -31.35 -5.63
C GLU D 62 16.96 -32.10 -4.33
N ARG D 63 16.77 -33.42 -4.31
CA ARG D 63 16.97 -34.17 -3.08
C ARG D 63 17.81 -35.42 -3.27
N GLY D 64 18.50 -35.57 -4.40
CA GLY D 64 19.41 -36.69 -4.58
C GLY D 64 18.74 -38.04 -4.59
N VAL D 65 17.43 -38.07 -4.76
CA VAL D 65 16.67 -39.32 -4.73
C VAL D 65 16.88 -40.03 -6.07
N THR D 66 17.54 -41.18 -6.02
CA THR D 66 17.85 -42.01 -7.17
C THR D 66 16.70 -42.96 -7.50
N PRO D 67 16.65 -43.51 -8.73
CA PRO D 67 15.63 -44.53 -9.04
C PRO D 67 15.67 -45.73 -8.12
N GLU D 68 16.87 -46.17 -7.74
CA GLU D 68 17.01 -47.28 -6.83
C GLU D 68 16.46 -46.95 -5.44
N LYS D 69 16.52 -45.68 -5.05
CA LYS D 69 15.92 -45.28 -3.78
C LYS D 69 14.39 -45.25 -3.86
N ILE D 70 13.84 -44.88 -5.02
CA ILE D 70 12.40 -44.99 -5.23
C ILE D 70 11.97 -46.46 -5.19
N ARG D 71 12.77 -47.32 -5.80
CA ARG D 71 12.45 -48.75 -5.83
C ARG D 71 12.38 -49.33 -4.43
N ASN D 72 13.38 -49.02 -3.61
CA ASN D 72 13.44 -49.51 -2.24
C ASN D 72 12.92 -48.45 -1.27
N ALA D 73 11.70 -48.00 -1.51
CA ALA D 73 11.04 -47.01 -0.67
C ALA D 73 9.72 -47.58 -0.16
N LYS D 74 9.36 -47.19 1.07
CA LYS D 74 8.07 -47.59 1.62
C LYS D 74 6.92 -47.05 0.76
N SER D 75 7.00 -45.78 0.37
CA SER D 75 6.04 -45.21 -0.55
C SER D 75 6.71 -44.05 -1.27
N ALA D 76 6.34 -43.87 -2.54
CA ALA D 76 6.89 -42.81 -3.38
C ALA D 76 5.80 -42.41 -4.35
N VAL D 77 5.07 -41.34 -4.02
CA VAL D 77 3.93 -40.89 -4.80
C VAL D 77 4.11 -39.42 -5.15
N TYR D 78 3.35 -38.98 -6.15
CA TYR D 78 3.11 -37.55 -6.33
C TYR D 78 1.64 -37.34 -6.64
N THR D 79 1.08 -36.25 -6.11
CA THR D 79 -0.33 -35.94 -6.25
C THR D 79 -0.49 -34.70 -7.13
N ILE D 80 -1.19 -34.86 -8.23
CA ILE D 80 -1.59 -33.75 -9.08
C ILE D 80 -2.89 -33.19 -8.54
N THR D 81 -2.91 -31.89 -8.26
CA THR D 81 -4.15 -31.15 -8.12
C THR D 81 -4.53 -30.61 -9.49
N TRP D 82 -5.70 -31.00 -9.98
CA TRP D 82 -6.12 -30.58 -11.31
C TRP D 82 -6.78 -29.21 -11.26
N LYS D 83 -6.99 -28.63 -12.44
CA LYS D 83 -7.58 -27.30 -12.55
C LYS D 83 -8.95 -27.22 -11.90
N ASP D 84 -9.67 -28.34 -11.81
CA ASP D 84 -11.03 -28.35 -11.30
C ASP D 84 -11.13 -28.87 -9.87
N GLY D 85 -10.01 -29.03 -9.18
CA GLY D 85 -9.99 -29.56 -7.83
C GLY D 85 -9.86 -31.05 -7.73
N SER D 86 -9.95 -31.78 -8.84
CA SER D 86 -9.67 -33.20 -8.81
C SER D 86 -8.23 -33.43 -8.41
N LYS D 87 -7.99 -34.48 -7.63
CA LYS D 87 -6.65 -34.88 -7.23
C LYS D 87 -6.39 -36.30 -7.72
N LYS D 88 -5.20 -36.51 -8.25
CA LYS D 88 -4.79 -37.85 -8.69
C LYS D 88 -3.45 -38.19 -8.05
N GLU D 89 -3.39 -39.34 -7.40
CA GLU D 89 -2.14 -39.84 -6.85
C GLU D 89 -1.50 -40.79 -7.85
N VAL D 90 -0.21 -40.62 -8.07
CA VAL D 90 0.55 -41.45 -9.01
C VAL D 90 1.67 -42.11 -8.24
N ASP D 91 1.77 -43.43 -8.42
CA ASP D 91 2.74 -44.26 -7.70
C ASP D 91 4.03 -44.32 -8.51
N LEU D 92 5.08 -43.65 -8.03
CA LEU D 92 6.36 -43.61 -8.73
C LEU D 92 7.07 -44.97 -8.75
N LYS D 93 6.68 -45.90 -7.89
CA LYS D 93 7.31 -47.21 -7.89
C LYS D 93 6.89 -48.07 -9.07
N LYS D 94 5.82 -47.71 -9.77
CA LYS D 94 5.28 -48.55 -10.83
C LYS D 94 5.85 -48.18 -12.19
N ASP D 95 5.90 -49.17 -13.08
CA ASP D 95 6.43 -49.02 -14.42
C ASP D 95 5.34 -49.00 -15.48
N SER D 96 4.08 -48.87 -15.07
CA SER D 96 2.94 -48.91 -15.97
C SER D 96 2.34 -47.51 -16.08
N TYR D 97 2.08 -47.08 -17.32
CA TYR D 97 1.47 -45.78 -17.59
C TYR D 97 0.27 -45.97 -18.49
N THR D 98 -0.87 -45.39 -18.10
CA THR D 98 -2.02 -45.33 -18.97
C THR D 98 -1.71 -44.52 -20.22
N ALA D 99 -2.10 -45.05 -21.39
CA ALA D 99 -1.62 -44.52 -22.67
C ALA D 99 -2.48 -43.36 -23.19
N ASN D 100 -2.71 -42.37 -22.33
CA ASN D 100 -3.53 -41.22 -22.66
C ASN D 100 -2.70 -39.94 -22.58
N LEU D 101 -3.34 -38.82 -22.95
CA LEU D 101 -2.72 -37.51 -22.91
C LEU D 101 -3.61 -36.57 -22.11
N PHE D 102 -3.00 -35.53 -21.55
CA PHE D 102 -3.73 -34.48 -20.87
C PHE D 102 -3.05 -33.15 -21.15
N ASP D 103 -3.77 -32.07 -20.86
CA ASP D 103 -3.33 -30.72 -21.20
C ASP D 103 -2.48 -30.14 -20.08
N SER D 104 -1.46 -29.36 -20.48
CA SER D 104 -0.55 -28.76 -19.52
C SER D 104 -1.26 -27.76 -18.62
N ASN D 105 -2.24 -27.03 -19.16
CA ASN D 105 -2.87 -25.96 -18.40
C ASN D 105 -3.84 -26.46 -17.34
N SER D 106 -4.09 -27.78 -17.26
CA SER D 106 -5.05 -28.33 -16.33
C SER D 106 -4.46 -28.71 -14.98
N ILE D 107 -3.17 -28.41 -14.76
CA ILE D 107 -2.45 -28.82 -13.57
C ILE D 107 -2.16 -27.57 -12.73
N LYS D 108 -2.68 -27.55 -11.50
CA LYS D 108 -2.47 -26.39 -10.64
C LYS D 108 -1.32 -26.55 -9.67
N GLN D 109 -1.01 -27.79 -9.25
CA GLN D 109 -0.06 -28.02 -8.16
C GLN D 109 0.38 -29.48 -8.19
N ILE D 110 1.63 -29.73 -7.80
CA ILE D 110 2.16 -31.09 -7.70
C ILE D 110 2.86 -31.25 -6.36
N ASP D 111 2.50 -32.30 -5.64
CA ASP D 111 3.02 -32.55 -4.29
C ASP D 111 3.67 -33.93 -4.25
N ILE D 112 5.01 -33.96 -4.16
CA ILE D 112 5.80 -35.19 -4.21
C ILE D 112 6.17 -35.57 -2.78
N ASN D 113 5.98 -36.85 -2.45
CA ASN D 113 6.18 -37.34 -1.08
C ASN D 113 6.81 -38.73 -1.14
N VAL D 114 8.03 -38.84 -0.63
CA VAL D 114 8.81 -40.07 -0.71
C VAL D 114 9.22 -40.50 0.70
N LYS D 115 9.09 -41.79 0.97
CA LYS D 115 9.50 -42.38 2.25
C LYS D 115 10.44 -43.53 1.96
N THR D 116 11.75 -43.24 1.92
CA THR D 116 12.74 -44.27 1.63
C THR D 116 12.70 -45.36 2.69
N LYS D 117 12.76 -44.96 3.97
CA LYS D 117 12.62 -45.85 5.11
C LYS D 117 13.34 -47.19 4.97
N ILE E 1 0.95 -46.73 -32.00
CA ILE E 1 1.21 -45.97 -33.21
C ILE E 1 2.65 -46.18 -33.67
N VAL E 2 3.49 -46.62 -32.75
CA VAL E 2 4.90 -46.81 -33.08
C VAL E 2 5.01 -47.90 -34.13
N GLY E 3 5.60 -47.56 -35.27
CA GLY E 3 5.72 -48.51 -36.35
C GLY E 3 4.41 -48.95 -36.95
N GLY E 4 3.43 -48.06 -37.03
CA GLY E 4 2.15 -48.37 -37.63
C GLY E 4 2.22 -48.28 -39.14
N ARG E 5 1.06 -48.46 -39.77
CA ARG E 5 0.98 -48.42 -41.23
C ARG E 5 0.48 -47.07 -41.75
N ARG E 6 -0.75 -46.71 -41.41
CA ARG E 6 -1.63 -45.72 -42.06
C ARG E 6 -2.90 -46.45 -42.47
N ALA E 7 -4.01 -46.16 -41.80
CA ALA E 7 -5.26 -46.80 -42.18
C ALA E 7 -5.73 -46.31 -43.53
N ARG E 8 -6.33 -47.21 -44.30
CA ARG E 8 -7.02 -46.79 -45.51
C ARG E 8 -8.18 -45.88 -45.12
N PRO E 9 -8.48 -44.84 -45.91
CA PRO E 9 -9.48 -43.85 -45.49
C PRO E 9 -10.81 -44.48 -45.09
N HIS E 10 -11.20 -44.25 -43.83
CA HIS E 10 -12.47 -44.75 -43.28
C HIS E 10 -12.57 -46.26 -43.33
N ALA E 11 -11.42 -46.96 -43.28
CA ALA E 11 -11.44 -48.41 -43.26
C ALA E 11 -12.08 -48.97 -41.99
N TRP E 12 -12.06 -48.19 -40.90
CA TRP E 12 -12.64 -48.60 -39.62
C TRP E 12 -13.59 -47.49 -39.18
N PRO E 13 -14.80 -47.46 -39.74
CA PRO E 13 -15.73 -46.35 -39.48
C PRO E 13 -16.29 -46.33 -38.08
N PHE E 14 -15.94 -47.31 -37.25
CA PHE E 14 -16.33 -47.36 -35.85
C PHE E 14 -15.33 -46.65 -34.95
N MET E 15 -14.25 -46.14 -35.51
CA MET E 15 -13.18 -45.49 -34.75
C MET E 15 -13.52 -44.04 -34.49
N VAL E 16 -13.43 -43.60 -33.22
CA VAL E 16 -13.76 -42.23 -32.86
C VAL E 16 -12.64 -41.65 -32.01
N SER E 17 -12.55 -40.32 -32.03
CA SER E 17 -11.59 -39.57 -31.25
C SER E 17 -12.31 -38.77 -30.17
N LEU E 18 -11.72 -38.71 -28.97
CA LEU E 18 -12.20 -37.84 -27.91
C LEU E 18 -11.28 -36.64 -27.84
N GLN E 19 -11.84 -35.44 -27.87
CA GLN E 19 -11.05 -34.22 -27.96
C GLN E 19 -11.46 -33.25 -26.87
N LEU E 20 -10.48 -32.56 -26.30
CA LEU E 20 -10.69 -31.59 -25.24
C LEU E 20 -10.10 -30.25 -25.68
N ARG E 21 -10.87 -29.52 -26.49
CA ARG E 21 -10.67 -28.10 -26.80
C ARG E 21 -9.42 -27.83 -27.64
N GLY E 22 -8.49 -28.77 -27.69
CA GLY E 22 -7.28 -28.52 -28.45
C GLY E 22 -6.69 -29.70 -29.20
N GLY E 23 -7.22 -30.89 -28.98
CA GLY E 23 -6.61 -32.05 -29.59
C GLY E 23 -7.15 -33.34 -29.01
N HIS E 24 -6.64 -34.44 -29.56
CA HIS E 24 -7.12 -35.78 -29.26
C HIS E 24 -6.31 -36.36 -28.11
N PHE E 25 -7.00 -36.76 -27.04
CA PHE E 25 -6.35 -37.36 -25.88
C PHE E 25 -6.61 -38.85 -25.72
N CYS E 26 -7.70 -39.38 -26.32
CA CYS E 26 -8.01 -40.79 -26.24
C CYS E 26 -8.86 -41.19 -27.44
N GLY E 27 -8.78 -42.47 -27.78
CA GLY E 27 -9.64 -43.05 -28.80
C GLY E 27 -10.85 -43.74 -28.17
N ALA E 28 -11.77 -44.14 -29.05
CA ALA E 28 -12.96 -44.82 -28.57
C ALA E 28 -13.61 -45.55 -29.74
N THR E 29 -14.57 -46.41 -29.42
CA THR E 29 -15.23 -47.27 -30.39
C THR E 29 -16.73 -46.99 -30.39
N LEU E 30 -17.29 -46.68 -31.55
CA LEU E 30 -18.73 -46.57 -31.69
C LEU E 30 -19.35 -47.96 -31.55
N ILE E 31 -20.21 -48.14 -30.54
CA ILE E 31 -20.79 -49.44 -30.25
C ILE E 31 -22.29 -49.48 -30.46
N ALA E 32 -22.92 -48.34 -30.77
CA ALA E 32 -24.34 -48.16 -30.99
C ALA E 32 -24.52 -46.73 -31.47
N PRO E 33 -25.59 -46.42 -32.23
CA PRO E 33 -25.71 -45.08 -32.83
C PRO E 33 -25.53 -43.92 -31.86
N ASN E 34 -25.75 -44.15 -30.57
CA ASN E 34 -25.60 -43.10 -29.56
C ASN E 34 -24.55 -43.43 -28.50
N PHE E 35 -23.82 -44.53 -28.66
CA PHE E 35 -22.95 -45.03 -27.59
C PHE E 35 -21.54 -45.25 -28.09
N VAL E 36 -20.57 -44.83 -27.27
CA VAL E 36 -19.17 -45.05 -27.56
C VAL E 36 -18.55 -45.68 -26.31
N MET E 37 -17.46 -46.42 -26.49
CA MET E 37 -16.78 -46.99 -25.34
C MET E 37 -15.28 -46.74 -25.44
N SER E 38 -14.66 -46.52 -24.29
CA SER E 38 -13.25 -46.14 -24.20
C SER E 38 -12.70 -46.70 -22.89
N ALA E 39 -11.55 -46.21 -22.48
CA ALA E 39 -10.96 -46.59 -21.20
C ALA E 39 -11.45 -45.63 -20.10
N ALA E 40 -11.61 -46.17 -18.89
CA ALA E 40 -12.12 -45.37 -17.79
C ALA E 40 -11.16 -44.24 -17.43
N HIS E 41 -9.85 -44.53 -17.35
CA HIS E 41 -8.89 -43.51 -16.97
C HIS E 41 -8.94 -42.32 -17.91
N CYS E 42 -9.36 -42.54 -19.16
CA CYS E 42 -9.42 -41.45 -20.14
C CYS E 42 -10.31 -40.31 -19.67
N VAL E 43 -11.29 -40.60 -18.82
CA VAL E 43 -12.19 -39.58 -18.30
C VAL E 43 -12.03 -39.41 -16.80
N ALA E 44 -10.99 -39.99 -16.20
CA ALA E 44 -10.87 -39.98 -14.74
C ALA E 44 -10.58 -38.57 -14.21
N ASN E 45 -9.76 -37.80 -14.92
CA ASN E 45 -9.30 -36.49 -14.47
C ASN E 45 -9.51 -35.44 -15.55
N VAL E 46 -10.70 -35.42 -16.13
CA VAL E 46 -10.99 -34.61 -17.32
C VAL E 46 -12.31 -33.89 -17.12
N ASN E 47 -12.44 -32.72 -17.76
CA ASN E 47 -13.63 -31.87 -17.62
C ASN E 47 -14.91 -32.60 -17.99
N VAL E 48 -14.83 -33.61 -18.86
CA VAL E 48 -15.97 -34.44 -19.26
C VAL E 48 -16.94 -33.63 -20.13
N ARG E 49 -17.48 -32.54 -19.57
CA ARG E 49 -18.47 -31.75 -20.30
C ARG E 49 -17.87 -31.05 -21.50
N ALA E 50 -16.59 -30.68 -21.43
CA ALA E 50 -15.92 -30.03 -22.54
C ALA E 50 -15.34 -31.01 -23.55
N VAL E 51 -15.65 -32.30 -23.41
CA VAL E 51 -15.12 -33.34 -24.30
C VAL E 51 -16.08 -33.51 -25.46
N ARG E 52 -15.53 -33.51 -26.68
CA ARG E 52 -16.31 -33.72 -27.89
C ARG E 52 -15.88 -35.01 -28.55
N VAL E 53 -16.86 -35.77 -29.06
CA VAL E 53 -16.63 -37.07 -29.67
C VAL E 53 -16.74 -36.90 -31.18
N VAL E 54 -15.68 -37.31 -31.90
CA VAL E 54 -15.56 -37.08 -33.33
C VAL E 54 -15.54 -38.43 -34.04
N LEU E 55 -16.48 -38.63 -34.96
CA LEU E 55 -16.61 -39.85 -35.73
C LEU E 55 -16.42 -39.55 -37.21
N GLY E 56 -16.09 -40.60 -37.95
CA GLY E 56 -15.86 -40.46 -39.38
C GLY E 56 -14.67 -39.60 -39.72
N ALA E 57 -13.64 -39.61 -38.88
CA ALA E 57 -12.41 -38.88 -39.14
C ALA E 57 -11.36 -39.81 -39.73
N HIS E 58 -10.49 -39.23 -40.56
CA HIS E 58 -9.26 -39.91 -40.95
C HIS E 58 -8.02 -39.10 -40.60
N ASN E 59 -8.00 -37.82 -40.95
CA ASN E 59 -6.85 -36.95 -40.71
C ASN E 59 -7.31 -35.78 -39.85
N LEU E 60 -6.89 -35.77 -38.58
CA LEU E 60 -7.29 -34.71 -37.66
C LEU E 60 -6.60 -33.39 -37.97
N SER E 61 -5.52 -33.42 -38.76
CA SER E 61 -4.88 -32.17 -39.19
C SER E 61 -5.81 -31.33 -40.06
N ARG E 62 -6.17 -31.85 -41.23
CA ARG E 62 -7.04 -31.12 -42.14
C ARG E 62 -8.50 -31.27 -41.71
N ARG E 63 -9.26 -30.18 -41.82
CA ARG E 63 -10.68 -30.25 -41.51
C ARG E 63 -11.39 -31.08 -42.57
N GLU E 64 -12.28 -31.97 -42.11
CA GLU E 64 -12.97 -32.90 -42.98
C GLU E 64 -14.47 -32.73 -42.84
N PRO E 65 -15.19 -32.36 -43.89
CA PRO E 65 -16.66 -32.28 -43.78
C PRO E 65 -17.31 -33.62 -43.46
N THR E 66 -16.61 -34.73 -43.66
CA THR E 66 -17.16 -36.04 -43.34
C THR E 66 -17.34 -36.26 -41.84
N ARG E 67 -16.66 -35.47 -41.01
CA ARG E 67 -16.67 -35.70 -39.57
C ARG E 67 -18.03 -35.38 -38.97
N GLN E 68 -18.41 -36.15 -37.95
CA GLN E 68 -19.60 -35.89 -37.15
C GLN E 68 -19.18 -35.68 -35.70
N VAL E 69 -19.61 -34.58 -35.10
CA VAL E 69 -19.18 -34.16 -33.77
C VAL E 69 -20.38 -34.21 -32.82
N PHE E 70 -20.18 -34.83 -31.67
CA PHE E 70 -21.22 -34.97 -30.66
C PHE E 70 -20.65 -34.60 -29.29
N ALA E 71 -21.54 -34.40 -28.33
CA ALA E 71 -21.16 -34.12 -26.95
C ALA E 71 -21.44 -35.34 -26.09
N VAL E 72 -21.16 -35.19 -24.79
CA VAL E 72 -21.28 -36.29 -23.82
C VAL E 72 -22.46 -36.00 -22.91
N GLN E 73 -23.33 -37.00 -22.74
CA GLN E 73 -24.46 -36.89 -21.82
C GLN E 73 -24.18 -37.57 -20.49
N ARG E 74 -23.89 -38.87 -20.52
CA ARG E 74 -23.73 -39.62 -19.29
C ARG E 74 -22.64 -40.67 -19.45
N ILE E 75 -22.13 -41.11 -18.29
CA ILE E 75 -20.94 -41.94 -18.16
C ILE E 75 -21.31 -43.19 -17.37
N PHE E 76 -20.82 -44.34 -17.84
CA PHE E 76 -21.04 -45.61 -17.15
C PHE E 76 -19.71 -46.31 -16.96
N GLU E 77 -19.38 -46.67 -15.72
CA GLU E 77 -18.19 -47.42 -15.39
C GLU E 77 -18.56 -48.72 -14.69
N ASN E 78 -17.60 -49.64 -14.63
CA ASN E 78 -17.79 -50.95 -14.01
C ASN E 78 -16.71 -51.17 -12.95
N GLY E 79 -16.52 -50.19 -12.09
CA GLY E 79 -15.58 -50.32 -11.00
C GLY E 79 -14.13 -50.25 -11.45
N TYR E 80 -13.77 -49.15 -12.11
CA TYR E 80 -12.38 -48.93 -12.47
C TYR E 80 -11.51 -48.87 -11.21
N ASP E 81 -10.38 -49.57 -11.26
CA ASP E 81 -9.42 -49.63 -10.16
C ASP E 81 -8.12 -49.01 -10.64
N PRO E 82 -7.91 -47.71 -10.43
CA PRO E 82 -6.69 -47.06 -10.94
C PRO E 82 -5.41 -47.61 -10.35
N VAL E 83 -5.43 -48.01 -9.08
CA VAL E 83 -4.19 -48.44 -8.41
C VAL E 83 -3.63 -49.70 -9.06
N ASN E 84 -4.49 -50.67 -9.38
CA ASN E 84 -4.07 -51.91 -10.00
C ASN E 84 -4.43 -52.01 -11.47
N LEU E 85 -5.04 -50.97 -12.04
CA LEU E 85 -5.43 -50.94 -13.46
C LEU E 85 -6.29 -52.16 -13.81
N LEU E 86 -7.41 -52.27 -13.13
CA LEU E 86 -8.41 -53.30 -13.39
C LEU E 86 -9.72 -52.65 -13.80
N ASN E 87 -10.46 -53.35 -14.68
CA ASN E 87 -11.75 -52.87 -15.17
C ASN E 87 -11.61 -51.50 -15.83
N ASP E 88 -10.65 -51.39 -16.74
CA ASP E 88 -10.32 -50.12 -17.38
C ASP E 88 -11.20 -49.88 -18.60
N ILE E 89 -12.50 -49.79 -18.36
CA ILE E 89 -13.50 -49.64 -19.41
C ILE E 89 -14.54 -48.62 -18.96
N VAL E 90 -14.95 -47.76 -19.89
CA VAL E 90 -16.01 -46.79 -19.65
C VAL E 90 -16.88 -46.68 -20.89
N ILE E 91 -18.14 -46.31 -20.70
CA ILE E 91 -19.10 -46.13 -21.77
C ILE E 91 -19.67 -44.73 -21.71
N LEU E 92 -19.68 -44.03 -22.84
CA LEU E 92 -20.14 -42.65 -22.96
C LEU E 92 -21.37 -42.62 -23.85
N GLN E 93 -22.41 -41.91 -23.41
CA GLN E 93 -23.62 -41.73 -24.20
C GLN E 93 -23.62 -40.34 -24.81
N LEU E 94 -23.88 -40.28 -26.12
CA LEU E 94 -23.79 -39.01 -26.85
C LEU E 94 -25.05 -38.19 -26.66
N ASN E 95 -24.97 -36.91 -27.06
CA ASN E 95 -26.11 -36.01 -27.06
C ASN E 95 -26.96 -36.16 -28.31
N GLY E 96 -26.85 -37.30 -28.98
CA GLY E 96 -27.63 -37.56 -30.16
C GLY E 96 -27.30 -38.94 -30.68
N SER E 97 -27.60 -39.15 -31.96
CA SER E 97 -27.28 -40.41 -32.63
C SER E 97 -26.50 -40.12 -33.90
N ALA E 98 -25.48 -40.93 -34.15
CA ALA E 98 -24.66 -40.77 -35.34
C ALA E 98 -25.39 -41.26 -36.58
N THR E 99 -25.08 -40.65 -37.71
CA THR E 99 -25.63 -41.05 -39.00
C THR E 99 -24.74 -42.15 -39.57
N ILE E 100 -25.34 -43.32 -39.79
CA ILE E 100 -24.59 -44.47 -40.31
C ILE E 100 -24.41 -44.31 -41.82
N ASN E 101 -23.17 -44.23 -42.27
CA ASN E 101 -22.86 -44.02 -43.67
C ASN E 101 -21.55 -44.75 -43.99
N ALA E 102 -20.97 -44.41 -45.15
CA ALA E 102 -19.73 -45.03 -45.59
C ALA E 102 -18.55 -44.68 -44.68
N ASN E 103 -18.66 -43.60 -43.88
CA ASN E 103 -17.59 -43.18 -43.01
C ASN E 103 -17.87 -43.41 -41.53
N VAL E 104 -19.12 -43.66 -41.15
CA VAL E 104 -19.49 -43.87 -39.75
C VAL E 104 -20.31 -45.15 -39.67
N GLN E 105 -19.74 -46.18 -39.04
CA GLN E 105 -20.42 -47.45 -38.84
C GLN E 105 -20.26 -47.88 -37.40
N VAL E 106 -21.10 -48.82 -36.98
CA VAL E 106 -21.10 -49.36 -35.63
C VAL E 106 -20.28 -50.64 -35.61
N ALA E 107 -19.34 -50.74 -34.67
CA ALA E 107 -18.54 -51.95 -34.52
C ALA E 107 -19.40 -53.06 -33.93
N GLN E 108 -18.80 -54.24 -33.77
CA GLN E 108 -19.49 -55.33 -33.11
C GLN E 108 -18.53 -56.06 -32.17
N LEU E 109 -19.10 -56.55 -31.08
CA LEU E 109 -18.44 -57.12 -29.92
C LEU E 109 -18.47 -58.64 -29.95
N PRO E 110 -17.58 -59.29 -29.19
CA PRO E 110 -17.66 -60.75 -29.06
C PRO E 110 -18.71 -61.15 -28.02
N ALA E 111 -18.80 -62.45 -27.74
CA ALA E 111 -19.62 -62.90 -26.63
C ALA E 111 -18.78 -62.99 -25.36
N GLN E 112 -19.47 -63.10 -24.22
CA GLN E 112 -18.80 -63.16 -22.93
C GLN E 112 -17.96 -64.43 -22.82
N GLY E 113 -16.86 -64.32 -22.06
CA GLY E 113 -15.99 -65.44 -21.79
C GLY E 113 -14.99 -65.74 -22.89
N ARG E 114 -14.98 -64.98 -23.97
CA ARG E 114 -14.07 -65.22 -25.09
C ARG E 114 -12.68 -64.75 -24.68
N ARG E 115 -11.77 -65.68 -24.45
CA ARG E 115 -10.40 -65.39 -24.04
C ARG E 115 -9.45 -65.97 -25.09
N LEU E 116 -8.95 -65.10 -25.97
CA LEU E 116 -8.12 -65.54 -27.08
C LEU E 116 -6.79 -66.10 -26.58
N GLY E 117 -6.40 -67.24 -27.14
CA GLY E 117 -5.13 -67.85 -26.80
C GLY E 117 -3.97 -67.17 -27.48
N ASN E 118 -2.77 -67.65 -27.15
CA ASN E 118 -1.55 -67.08 -27.70
C ASN E 118 -1.46 -67.34 -29.20
N GLY E 119 -1.09 -66.30 -29.95
CA GLY E 119 -0.84 -66.42 -31.38
C GLY E 119 -1.88 -65.80 -32.27
N VAL E 120 -3.04 -65.39 -31.74
CA VAL E 120 -4.08 -64.79 -32.57
C VAL E 120 -3.58 -63.49 -33.16
N GLN E 121 -3.83 -63.29 -34.46
CA GLN E 121 -3.42 -62.08 -35.15
C GLN E 121 -4.53 -61.04 -35.04
N CYS E 122 -4.20 -59.86 -34.53
CA CYS E 122 -5.14 -58.78 -34.32
C CYS E 122 -4.59 -57.50 -34.94
N LEU E 123 -5.43 -56.47 -34.98
CA LEU E 123 -5.04 -55.17 -35.52
C LEU E 123 -5.34 -54.09 -34.49
N ALA E 124 -4.32 -53.33 -34.11
CA ALA E 124 -4.48 -52.15 -33.28
C ALA E 124 -4.50 -50.92 -34.16
N MET E 125 -4.99 -49.81 -33.60
CA MET E 125 -5.12 -48.57 -34.36
C MET E 125 -5.29 -47.41 -33.40
N GLY E 126 -4.95 -46.21 -33.87
CA GLY E 126 -5.16 -45.03 -33.05
C GLY E 126 -4.61 -43.78 -33.70
N TRP E 127 -4.81 -42.66 -33.00
CA TRP E 127 -4.26 -41.36 -33.36
C TRP E 127 -3.21 -40.88 -32.37
N GLY E 128 -2.52 -41.81 -31.73
CA GLY E 128 -1.57 -41.47 -30.68
C GLY E 128 -0.24 -41.00 -31.22
N LEU E 129 0.73 -40.93 -30.32
CA LEU E 129 2.07 -40.47 -30.67
C LEU E 129 2.69 -41.39 -31.71
N LEU E 130 3.28 -40.79 -32.75
CA LEU E 130 3.99 -41.56 -33.77
C LEU E 130 5.38 -41.91 -33.29
N GLY E 131 5.65 -43.21 -33.14
CA GLY E 131 7.00 -43.70 -32.89
C GLY E 131 7.85 -43.00 -31.85
N ARG E 132 7.35 -42.91 -30.60
CA ARG E 132 8.14 -42.43 -29.46
C ARG E 132 8.64 -41.00 -29.70
N ASN E 133 7.66 -40.07 -29.70
CA ASN E 133 7.75 -38.63 -29.92
C ASN E 133 7.28 -38.33 -31.33
N ARG E 134 8.11 -37.67 -32.13
CA ARG E 134 7.92 -37.51 -33.57
C ARG E 134 6.52 -36.98 -33.92
N GLY E 135 5.84 -36.38 -32.96
CA GLY E 135 4.53 -35.79 -33.18
C GLY E 135 3.39 -36.74 -32.92
N ILE E 136 2.24 -36.16 -32.60
CA ILE E 136 1.00 -36.93 -32.50
C ILE E 136 0.52 -37.27 -33.91
N ALA E 137 -0.19 -38.40 -34.04
CA ALA E 137 -0.56 -38.88 -35.36
C ALA E 137 -1.48 -37.90 -36.07
N SER E 138 -1.26 -37.75 -37.37
CA SER E 138 -2.14 -36.95 -38.22
C SER E 138 -3.29 -37.81 -38.76
N VAL E 139 -2.95 -38.85 -39.50
CA VAL E 139 -3.94 -39.80 -40.00
C VAL E 139 -3.96 -41.00 -39.08
N LEU E 140 -5.14 -41.63 -38.97
CA LEU E 140 -5.30 -42.80 -38.13
C LEU E 140 -4.36 -43.91 -38.56
N GLN E 141 -3.58 -44.43 -37.62
CA GLN E 141 -2.60 -45.47 -37.89
C GLN E 141 -3.12 -46.82 -37.43
N GLU E 142 -2.59 -47.88 -38.05
CA GLU E 142 -2.94 -49.25 -37.71
C GLU E 142 -1.67 -50.10 -37.69
N LEU E 143 -1.72 -51.20 -36.94
CA LEU E 143 -0.56 -52.05 -36.72
C LEU E 143 -1.01 -53.48 -36.47
N ASN E 144 -0.35 -54.44 -37.12
CA ASN E 144 -0.59 -55.85 -36.86
C ASN E 144 0.12 -56.28 -35.59
N VAL E 145 -0.63 -56.96 -34.70
CA VAL E 145 -0.09 -57.44 -33.44
C VAL E 145 -0.53 -58.89 -33.26
N THR E 146 0.12 -59.57 -32.30
CA THR E 146 -0.24 -60.95 -31.95
C THR E 146 -0.53 -61.03 -30.46
N VAL E 147 -1.59 -61.76 -30.13
CA VAL E 147 -1.98 -61.94 -28.73
C VAL E 147 -0.96 -62.83 -28.03
N VAL E 148 -0.51 -62.39 -26.86
CA VAL E 148 0.51 -63.08 -26.07
C VAL E 148 0.04 -63.16 -24.62
N THR E 149 0.24 -64.33 -24.00
CA THR E 149 -0.10 -64.50 -22.60
C THR E 149 1.08 -64.27 -21.66
N SER E 150 2.30 -64.25 -22.17
CA SER E 150 3.48 -64.08 -21.33
C SER E 150 3.60 -62.63 -20.86
N LEU E 151 4.03 -62.47 -19.60
CA LEU E 151 4.16 -61.17 -18.94
C LEU E 151 2.82 -60.42 -18.86
N CYS E 152 1.71 -61.14 -19.02
CA CYS E 152 0.36 -60.62 -18.87
C CYS E 152 -0.28 -61.32 -17.68
N ARG E 153 -1.09 -60.61 -16.89
CA ARG E 153 -1.43 -61.23 -15.62
C ARG E 153 -2.55 -62.25 -15.74
N ARG E 154 -3.80 -61.81 -15.77
CA ARG E 154 -4.90 -62.58 -16.37
C ARG E 154 -5.99 -61.63 -16.84
N SER E 155 -5.98 -60.41 -16.32
CA SER E 155 -7.09 -59.49 -16.43
C SER E 155 -6.96 -58.56 -17.63
N ASN E 156 -6.07 -58.88 -18.56
CA ASN E 156 -5.85 -58.06 -19.74
C ASN E 156 -5.64 -58.98 -20.93
N VAL E 157 -5.86 -58.42 -22.11
CA VAL E 157 -5.41 -59.03 -23.36
C VAL E 157 -4.14 -58.29 -23.76
N CYS E 158 -3.02 -59.00 -23.80
CA CYS E 158 -1.74 -58.39 -24.11
C CYS E 158 -1.35 -58.73 -25.54
N THR E 159 -0.78 -57.74 -26.23
CA THR E 159 -0.34 -57.92 -27.61
C THR E 159 1.14 -57.59 -27.73
N LEU E 160 1.78 -58.22 -28.71
CA LEU E 160 3.20 -58.07 -28.96
C LEU E 160 3.44 -58.03 -30.46
N VAL E 161 4.54 -57.41 -30.85
CA VAL E 161 5.04 -57.45 -32.22
C VAL E 161 6.43 -58.07 -32.15
N ARG E 162 6.51 -59.39 -32.35
CA ARG E 162 7.78 -60.08 -32.31
C ARG E 162 8.72 -59.52 -33.36
N GLY E 163 9.96 -59.24 -32.96
CA GLY E 163 10.92 -58.62 -33.86
C GLY E 163 11.19 -57.17 -33.56
N ARG E 164 10.63 -56.27 -34.36
CA ARG E 164 10.90 -54.84 -34.23
C ARG E 164 10.18 -54.26 -33.02
N GLN E 165 10.51 -52.99 -32.72
CA GLN E 165 9.87 -52.25 -31.63
C GLN E 165 8.65 -51.54 -32.18
N ALA E 166 7.47 -52.08 -31.87
CA ALA E 166 6.21 -51.49 -32.32
C ALA E 166 5.15 -51.75 -31.27
N GLY E 167 4.13 -50.91 -31.27
CA GLY E 167 3.05 -51.06 -30.33
C GLY E 167 2.21 -49.80 -30.28
N VAL E 168 1.29 -49.78 -29.32
CA VAL E 168 0.45 -48.62 -29.07
C VAL E 168 1.24 -47.60 -28.28
N CYS E 169 0.74 -46.37 -28.20
CA CYS E 169 1.46 -45.31 -27.51
C CYS E 169 0.45 -44.32 -26.95
N PHE E 170 0.94 -43.22 -26.38
CA PHE E 170 0.08 -42.29 -25.68
C PHE E 170 -0.82 -41.56 -26.64
N GLY E 171 -2.10 -41.45 -26.26
CA GLY E 171 -3.16 -41.05 -27.16
C GLY E 171 -3.96 -42.20 -27.74
N ASP E 172 -3.43 -43.43 -27.63
CA ASP E 172 -4.15 -44.62 -28.10
C ASP E 172 -5.07 -45.20 -27.04
N SER E 173 -4.99 -44.73 -25.79
CA SER E 173 -5.88 -45.22 -24.75
C SER E 173 -7.34 -45.10 -25.20
N GLY E 174 -8.08 -46.19 -25.05
CA GLY E 174 -9.46 -46.24 -25.45
C GLY E 174 -9.71 -46.78 -26.85
N SER E 175 -8.68 -46.82 -27.69
CA SER E 175 -8.83 -47.31 -29.05
C SER E 175 -9.08 -48.81 -29.05
N PRO E 176 -9.76 -49.34 -30.08
CA PRO E 176 -10.08 -50.77 -30.11
C PRO E 176 -8.91 -51.63 -30.57
N LEU E 177 -8.99 -52.90 -30.16
CA LEU E 177 -8.14 -53.96 -30.68
C LEU E 177 -9.04 -54.93 -31.43
N VAL E 178 -8.91 -54.96 -32.76
CA VAL E 178 -9.81 -55.71 -33.62
C VAL E 178 -9.18 -57.06 -33.93
N CYS E 179 -9.89 -58.13 -33.60
CA CYS E 179 -9.49 -59.49 -33.95
C CYS E 179 -10.67 -60.17 -34.61
N ASN E 180 -10.44 -60.71 -35.81
CA ASN E 180 -11.47 -61.43 -36.55
C ASN E 180 -12.72 -60.58 -36.73
N GLY E 181 -12.51 -59.27 -36.93
CA GLY E 181 -13.60 -58.35 -37.14
C GLY E 181 -14.37 -57.96 -35.89
N LEU E 182 -13.97 -58.43 -34.73
CA LEU E 182 -14.66 -58.14 -33.48
C LEU E 182 -13.74 -57.37 -32.54
N ILE E 183 -14.32 -56.43 -31.80
CA ILE E 183 -13.56 -55.57 -30.90
C ILE E 183 -13.30 -56.35 -29.63
N HIS E 184 -12.08 -56.89 -29.50
CA HIS E 184 -11.72 -57.69 -28.33
C HIS E 184 -10.97 -56.92 -27.27
N GLY E 185 -10.44 -55.74 -27.59
CA GLY E 185 -9.60 -55.03 -26.65
C GLY E 185 -9.86 -53.53 -26.68
N ILE E 186 -9.62 -52.91 -25.53
CA ILE E 186 -9.52 -51.46 -25.38
C ILE E 186 -8.12 -51.17 -24.86
N ALA E 187 -7.38 -50.30 -25.55
CA ALA E 187 -6.01 -50.00 -25.15
C ALA E 187 -5.98 -49.45 -23.73
N SER E 188 -5.16 -50.08 -22.87
CA SER E 188 -5.15 -49.73 -21.46
C SER E 188 -3.82 -49.15 -20.99
N PHE E 189 -2.70 -49.88 -21.14
CA PHE E 189 -1.44 -49.31 -20.66
C PHE E 189 -0.25 -50.02 -21.29
N VAL E 190 0.90 -49.37 -21.14
CA VAL E 190 2.18 -49.91 -21.59
C VAL E 190 3.09 -50.01 -20.38
N ARG E 191 4.21 -50.70 -20.57
CA ARG E 191 5.15 -50.98 -19.48
C ARG E 191 6.52 -50.44 -19.87
N GLY E 192 6.98 -49.40 -19.16
CA GLY E 192 8.31 -48.85 -19.39
C GLY E 192 8.41 -47.88 -20.55
N GLY E 193 7.35 -47.66 -21.29
CA GLY E 193 7.37 -46.80 -22.46
C GLY E 193 6.77 -47.49 -23.67
N CYS E 194 6.57 -46.68 -24.71
CA CYS E 194 5.95 -47.17 -25.93
C CYS E 194 6.92 -48.04 -26.72
N ALA E 195 6.42 -49.18 -27.20
CA ALA E 195 7.17 -50.04 -28.11
C ALA E 195 8.54 -50.40 -27.56
N SER E 196 8.54 -50.88 -26.32
CA SER E 196 9.80 -51.29 -25.69
C SER E 196 10.45 -52.43 -26.46
N GLY E 197 9.66 -53.28 -27.10
CA GLY E 197 10.16 -54.44 -27.79
C GLY E 197 10.33 -55.67 -26.92
N LEU E 198 10.15 -55.55 -25.61
CA LEU E 198 10.24 -56.69 -24.70
C LEU E 198 9.04 -56.84 -23.78
N TYR E 199 8.23 -55.80 -23.58
CA TYR E 199 7.00 -55.90 -22.81
C TYR E 199 5.80 -55.81 -23.76
N PRO E 200 4.71 -56.51 -23.45
CA PRO E 200 3.51 -56.41 -24.29
C PRO E 200 2.61 -55.26 -23.87
N ASP E 201 1.92 -54.71 -24.86
CA ASP E 201 0.89 -53.71 -24.56
C ASP E 201 -0.32 -54.40 -23.96
N ALA E 202 -0.94 -53.76 -22.96
CA ALA E 202 -2.03 -54.36 -22.22
C ALA E 202 -3.34 -53.66 -22.55
N PHE E 203 -4.36 -54.45 -22.91
CA PHE E 203 -5.68 -53.98 -23.28
C PHE E 203 -6.72 -54.49 -22.28
N ALA E 204 -7.72 -53.67 -22.02
CA ALA E 204 -8.88 -54.13 -21.27
C ALA E 204 -9.57 -55.23 -22.07
N PRO E 205 -9.92 -56.35 -21.44
CA PRO E 205 -10.55 -57.46 -22.18
C PRO E 205 -12.05 -57.26 -22.38
N VAL E 206 -12.42 -56.59 -23.47
CA VAL E 206 -13.80 -56.27 -23.82
C VAL E 206 -14.75 -57.45 -23.58
N ALA E 207 -14.32 -58.66 -23.97
CA ALA E 207 -15.20 -59.82 -23.87
C ALA E 207 -15.72 -60.00 -22.45
N GLN E 208 -14.82 -59.95 -21.47
CA GLN E 208 -15.18 -60.17 -20.07
C GLN E 208 -16.15 -59.13 -19.54
N PHE E 209 -16.53 -58.13 -20.33
CA PHE E 209 -17.46 -57.10 -19.92
C PHE E 209 -18.74 -57.08 -20.73
N VAL E 210 -18.89 -57.98 -21.71
CA VAL E 210 -19.94 -57.82 -22.73
C VAL E 210 -21.32 -57.68 -22.10
N ASN E 211 -21.66 -58.59 -21.18
CA ASN E 211 -22.98 -58.54 -20.55
C ASN E 211 -23.22 -57.20 -19.91
N TRP E 212 -22.24 -56.71 -19.13
CA TRP E 212 -22.35 -55.39 -18.54
C TRP E 212 -22.65 -54.36 -19.62
N ILE E 213 -21.86 -54.37 -20.68
CA ILE E 213 -22.07 -53.45 -21.79
C ILE E 213 -23.49 -53.57 -22.32
N ASP E 214 -23.96 -54.81 -22.50
CA ASP E 214 -25.31 -55.01 -23.03
C ASP E 214 -26.34 -54.33 -22.16
N SER E 215 -26.22 -54.50 -20.82
CA SER E 215 -27.22 -53.95 -19.92
C SER E 215 -27.32 -52.44 -20.00
N ILE E 216 -26.42 -51.80 -20.74
CA ILE E 216 -26.45 -50.36 -20.90
C ILE E 216 -26.70 -49.93 -22.34
N ILE E 217 -26.43 -50.78 -23.34
CA ILE E 217 -26.62 -50.38 -24.73
C ILE E 217 -27.96 -50.82 -25.32
N GLN E 218 -28.62 -51.82 -24.72
CA GLN E 218 -29.93 -52.25 -25.20
C GLN E 218 -31.01 -51.98 -24.15
N ILE F 1 6.42 -16.54 9.53
CA ILE F 1 5.73 -16.11 8.33
C ILE F 1 4.35 -16.74 8.28
N ILE F 2 4.23 -17.99 8.70
CA ILE F 2 2.94 -18.54 9.06
C ILE F 2 2.72 -18.18 10.52
N GLY F 3 1.62 -17.47 10.80
CA GLY F 3 1.41 -16.94 12.13
C GLY F 3 2.19 -15.68 12.46
N GLY F 4 2.80 -15.06 11.46
CA GLY F 4 3.61 -13.87 11.67
C GLY F 4 3.05 -12.71 10.88
N ARG F 5 3.08 -11.54 11.49
CA ARG F 5 2.47 -10.32 10.97
C ARG F 5 3.35 -9.67 9.91
N GLU F 6 2.77 -8.68 9.22
CA GLU F 6 3.53 -7.88 8.28
C GLU F 6 4.59 -7.05 9.02
N SER F 7 5.79 -7.01 8.45
CA SER F 7 6.89 -6.29 9.06
C SER F 7 6.83 -4.80 8.68
N ARG F 8 7.49 -3.98 9.48
CA ARG F 8 7.60 -2.56 9.15
C ARG F 8 8.52 -2.41 7.95
N PRO F 9 8.15 -1.63 6.94
CA PRO F 9 9.00 -1.52 5.75
C PRO F 9 10.40 -1.02 6.09
N HIS F 10 11.40 -1.72 5.53
CA HIS F 10 12.80 -1.33 5.59
C HIS F 10 13.36 -1.35 7.00
N SER F 11 12.66 -2.02 7.92
CA SER F 11 13.22 -2.29 9.24
C SER F 11 14.15 -3.50 9.25
N ARG F 12 14.11 -4.31 8.19
CA ARG F 12 15.02 -5.45 8.03
C ARG F 12 15.88 -5.25 6.78
N PRO F 13 16.71 -4.21 6.76
CA PRO F 13 17.36 -3.80 5.50
C PRO F 13 18.30 -4.83 4.91
N TYR F 14 18.76 -5.79 5.72
CA TYR F 14 19.63 -6.85 5.22
C TYR F 14 18.87 -7.94 4.47
N MET F 15 17.54 -7.98 4.59
CA MET F 15 16.77 -9.00 3.90
C MET F 15 17.00 -8.91 2.40
N ALA F 16 17.08 -10.07 1.75
CA ALA F 16 17.24 -10.14 0.31
C ALA F 16 16.21 -11.13 -0.23
N TYR F 17 15.50 -10.70 -1.27
CA TYR F 17 14.56 -11.56 -1.98
C TYR F 17 15.29 -12.18 -3.15
N LEU F 18 15.19 -13.50 -3.30
CA LEU F 18 15.96 -14.23 -4.29
C LEU F 18 15.02 -14.84 -5.33
N GLN F 19 15.23 -14.48 -6.59
CA GLN F 19 14.54 -15.08 -7.72
C GLN F 19 15.52 -15.95 -8.49
N ILE F 20 15.23 -17.25 -8.58
CA ILE F 20 16.17 -18.23 -9.12
C ILE F 20 15.53 -18.88 -10.32
N GLN F 21 16.29 -18.97 -11.42
CA GLN F 21 15.80 -19.51 -12.66
C GLN F 21 16.79 -20.53 -13.20
N SER F 22 16.27 -21.63 -13.72
CA SER F 22 16.99 -22.64 -14.46
C SER F 22 16.11 -23.02 -15.64
N PRO F 23 16.68 -23.60 -16.70
CA PRO F 23 15.91 -23.74 -17.96
C PRO F 23 14.56 -24.40 -17.81
N ALA F 24 14.38 -25.31 -16.84
CA ALA F 24 13.12 -26.01 -16.68
C ALA F 24 12.33 -25.60 -15.44
N GLY F 25 12.78 -24.59 -14.69
CA GLY F 25 12.07 -24.26 -13.47
C GLY F 25 12.53 -22.96 -12.86
N GLN F 26 11.80 -22.55 -11.81
CA GLN F 26 12.14 -21.36 -11.07
C GLN F 26 11.85 -21.60 -9.59
N SER F 27 12.52 -20.82 -8.75
CA SER F 27 12.38 -20.91 -7.30
C SER F 27 12.44 -19.51 -6.70
N ARG F 28 11.91 -19.40 -5.49
CA ARG F 28 11.89 -18.15 -4.73
C ARG F 28 12.42 -18.43 -3.34
N CYS F 29 13.35 -17.59 -2.87
CA CYS F 29 14.00 -17.82 -1.60
C CYS F 29 14.24 -16.50 -0.87
N GLY F 30 14.65 -16.61 0.40
CA GLY F 30 15.17 -15.49 1.14
C GLY F 30 16.68 -15.56 1.25
N GLY F 31 17.25 -14.49 1.79
CA GLY F 31 18.67 -14.45 2.10
C GLY F 31 18.97 -13.19 2.87
N PHE F 32 20.24 -13.03 3.26
CA PHE F 32 20.61 -11.81 3.96
C PHE F 32 21.98 -11.30 3.55
N LEU F 33 22.08 -9.98 3.39
CA LEU F 33 23.33 -9.32 3.05
C LEU F 33 24.30 -9.36 4.23
N VAL F 34 25.49 -9.93 4.01
CA VAL F 34 26.49 -10.04 5.07
C VAL F 34 27.73 -9.20 4.79
N ARG F 35 27.85 -8.66 3.58
CA ARG F 35 28.86 -7.67 3.21
C ARG F 35 28.31 -6.96 1.98
N GLU F 36 28.95 -5.87 1.58
CA GLU F 36 28.43 -5.11 0.45
C GLU F 36 28.42 -5.93 -0.83
N ASP F 37 29.17 -7.02 -0.89
CA ASP F 37 29.26 -7.83 -2.10
C ASP F 37 28.84 -9.28 -1.86
N PHE F 38 28.22 -9.61 -0.72
CA PHE F 38 27.87 -11.01 -0.45
C PHE F 38 26.52 -11.13 0.25
N VAL F 39 25.74 -12.09 -0.23
CA VAL F 39 24.46 -12.48 0.37
C VAL F 39 24.58 -13.93 0.81
N LEU F 40 24.21 -14.20 2.04
CA LEU F 40 24.21 -15.55 2.59
C LEU F 40 22.81 -16.11 2.49
N THR F 41 22.70 -17.39 2.16
CA THR F 41 21.38 -17.99 1.99
C THR F 41 21.56 -19.50 2.08
N ALA F 42 20.53 -20.24 1.71
CA ALA F 42 20.61 -21.70 1.77
C ALA F 42 21.12 -22.25 0.46
N ALA F 43 21.90 -23.34 0.55
CA ALA F 43 22.42 -24.00 -0.65
C ALA F 43 21.32 -24.59 -1.53
N HIS F 44 20.20 -24.99 -0.94
CA HIS F 44 19.10 -25.57 -1.72
C HIS F 44 18.32 -24.53 -2.50
N CYS F 45 18.67 -23.26 -2.37
CA CYS F 45 18.12 -22.16 -3.15
C CYS F 45 18.88 -21.92 -4.44
N TRP F 46 19.84 -22.77 -4.76
CA TRP F 46 20.74 -22.55 -5.88
C TRP F 46 20.04 -22.80 -7.21
N GLY F 47 20.50 -22.11 -8.25
CA GLY F 47 20.01 -22.33 -9.59
C GLY F 47 20.93 -21.69 -10.60
N SER F 48 20.56 -21.81 -11.87
CA SER F 48 21.44 -21.36 -12.97
C SER F 48 21.59 -19.85 -12.99
N ASN F 49 20.57 -19.10 -12.54
CA ASN F 49 20.63 -17.65 -12.53
C ASN F 49 19.92 -17.16 -11.28
N ILE F 50 20.56 -16.26 -10.53
CA ILE F 50 19.96 -15.75 -9.31
C ILE F 50 19.94 -14.22 -9.41
N ASN F 51 18.76 -13.64 -9.31
CA ASN F 51 18.58 -12.21 -9.15
C ASN F 51 18.29 -11.91 -7.68
N VAL F 52 18.98 -10.92 -7.14
CA VAL F 52 18.91 -10.54 -5.74
C VAL F 52 18.24 -9.18 -5.68
N THR F 53 17.08 -9.09 -5.04
CA THR F 53 16.45 -7.81 -4.80
C THR F 53 16.71 -7.42 -3.35
N LEU F 54 17.35 -6.28 -3.16
CA LEU F 54 17.59 -5.72 -1.83
C LEU F 54 16.78 -4.44 -1.66
N GLY F 55 16.51 -4.11 -0.40
CA GLY F 55 15.77 -2.91 -0.07
C GLY F 55 14.28 -2.99 -0.34
N ALA F 56 13.71 -4.19 -0.41
CA ALA F 56 12.33 -4.38 -0.80
C ALA F 56 11.44 -4.48 0.43
N HIS F 57 10.21 -3.97 0.29
CA HIS F 57 9.13 -4.36 1.18
C HIS F 57 8.03 -5.11 0.43
N ASN F 58 7.47 -4.52 -0.62
CA ASN F 58 6.48 -5.19 -1.46
C ASN F 58 7.19 -5.67 -2.73
N ILE F 59 7.42 -6.98 -2.82
CA ILE F 59 8.21 -7.53 -3.92
C ILE F 59 7.42 -7.69 -5.21
N GLN F 60 6.10 -7.51 -5.19
CA GLN F 60 5.29 -7.66 -6.39
C GLN F 60 5.15 -6.37 -7.18
N ARG F 61 5.46 -5.22 -6.59
CA ARG F 61 5.37 -3.94 -7.28
C ARG F 61 6.75 -3.32 -7.41
N ARG F 62 6.91 -2.50 -8.45
CA ARG F 62 8.19 -1.89 -8.80
C ARG F 62 8.44 -0.71 -7.87
N GLU F 63 9.09 -0.99 -6.74
CA GLU F 63 9.41 0.02 -5.74
C GLU F 63 10.74 0.69 -6.06
N ASN F 64 10.76 2.02 -5.94
CA ASN F 64 11.97 2.79 -6.26
C ASN F 64 13.12 2.49 -5.31
N THR F 65 12.84 2.01 -4.10
CA THR F 65 13.89 1.69 -3.14
C THR F 65 14.63 0.41 -3.47
N GLN F 66 14.15 -0.39 -4.41
CA GLN F 66 14.71 -1.71 -4.65
C GLN F 66 15.97 -1.64 -5.52
N GLN F 67 16.93 -2.51 -5.22
CA GLN F 67 18.13 -2.69 -6.01
C GLN F 67 18.17 -4.14 -6.50
N HIS F 68 18.32 -4.33 -7.81
CA HIS F 68 18.37 -5.65 -8.42
C HIS F 68 19.80 -5.96 -8.85
N ILE F 69 20.41 -6.97 -8.24
CA ILE F 69 21.79 -7.33 -8.51
C ILE F 69 21.85 -8.82 -8.83
N THR F 70 22.48 -9.18 -9.94
CA THR F 70 22.62 -10.62 -10.20
C THR F 70 23.78 -11.19 -9.39
N ALA F 71 23.69 -12.49 -9.09
CA ALA F 71 24.76 -13.18 -8.39
C ALA F 71 25.83 -13.57 -9.40
N ARG F 72 27.00 -12.93 -9.30
CA ARG F 72 28.10 -13.32 -10.18
C ARG F 72 28.58 -14.72 -9.86
N ARG F 73 28.65 -15.06 -8.59
CA ARG F 73 28.96 -16.44 -8.21
C ARG F 73 27.96 -16.93 -7.17
N ALA F 74 27.57 -18.20 -7.28
CA ALA F 74 26.71 -18.86 -6.30
C ALA F 74 27.49 -20.06 -5.76
N ILE F 75 28.08 -19.90 -4.58
CA ILE F 75 29.01 -20.86 -4.00
C ILE F 75 28.24 -21.66 -2.95
N ARG F 76 27.73 -22.82 -3.35
CA ARG F 76 27.23 -23.79 -2.38
C ARG F 76 28.37 -24.36 -1.57
N HIS F 77 28.10 -24.66 -0.30
CA HIS F 77 29.08 -25.34 0.51
C HIS F 77 29.53 -26.62 -0.21
N PRO F 78 30.84 -26.89 -0.26
CA PRO F 78 31.35 -27.99 -1.11
C PRO F 78 30.87 -29.35 -0.68
N GLN F 79 30.43 -29.52 0.56
CA GLN F 79 29.85 -30.79 1.00
C GLN F 79 28.37 -30.65 1.35
N TYR F 80 27.69 -29.66 0.76
CA TYR F 80 26.23 -29.63 0.83
C TYR F 80 25.69 -31.00 0.47
N ASN F 81 24.72 -31.46 1.27
CA ASN F 81 24.10 -32.78 1.13
C ASN F 81 22.64 -32.57 0.79
N GLN F 82 22.31 -32.68 -0.49
CA GLN F 82 20.93 -32.43 -0.92
C GLN F 82 19.99 -33.52 -0.44
N ARG F 83 20.50 -34.74 -0.21
CA ARG F 83 19.68 -35.81 0.34
C ARG F 83 19.20 -35.49 1.75
N THR F 84 20.10 -35.02 2.60
CA THR F 84 19.77 -34.78 4.00
C THR F 84 19.60 -33.31 4.34
N ILE F 85 19.79 -32.40 3.37
CA ILE F 85 19.80 -30.96 3.56
C ILE F 85 20.73 -30.62 4.73
N GLN F 86 21.95 -31.10 4.65
CA GLN F 86 23.02 -30.80 5.59
C GLN F 86 24.07 -29.94 4.89
N ASN F 87 24.85 -29.20 5.68
CA ASN F 87 25.76 -28.17 5.17
C ASN F 87 25.01 -27.22 4.23
N ASP F 88 23.79 -26.85 4.63
CA ASP F 88 22.84 -26.14 3.76
C ASP F 88 23.13 -24.65 3.88
N ILE F 89 24.16 -24.22 3.17
CA ILE F 89 24.59 -22.83 3.21
C ILE F 89 25.23 -22.48 1.87
N MET F 90 24.96 -21.27 1.40
CA MET F 90 25.47 -20.78 0.13
C MET F 90 25.83 -19.31 0.27
N LEU F 91 26.90 -18.92 -0.40
CA LEU F 91 27.28 -17.51 -0.50
C LEU F 91 27.08 -17.05 -1.93
N LEU F 92 26.38 -15.93 -2.09
CA LEU F 92 26.22 -15.27 -3.39
C LEU F 92 27.16 -14.08 -3.44
N GLN F 93 28.15 -14.15 -4.34
CA GLN F 93 28.97 -12.98 -4.66
C GLN F 93 28.23 -12.18 -5.72
N LEU F 94 27.79 -10.98 -5.31
CA LEU F 94 27.01 -10.09 -6.14
C LEU F 94 27.88 -9.55 -7.28
N SER F 95 27.23 -9.28 -8.41
CA SER F 95 27.94 -8.78 -9.58
C SER F 95 28.50 -7.38 -9.37
N ARG F 96 27.93 -6.63 -8.44
CA ARG F 96 28.44 -5.32 -8.08
C ARG F 96 28.18 -5.11 -6.60
N ARG F 97 28.85 -4.13 -6.02
CA ARG F 97 28.60 -3.81 -4.62
C ARG F 97 27.28 -3.06 -4.49
N VAL F 98 26.64 -3.22 -3.33
CA VAL F 98 25.35 -2.57 -3.08
C VAL F 98 25.54 -1.10 -2.78
N ARG F 99 24.51 -0.32 -3.08
CA ARG F 99 24.44 1.08 -2.65
C ARG F 99 23.94 1.09 -1.21
N ARG F 100 24.82 1.45 -0.28
CA ARG F 100 24.53 1.29 1.15
C ARG F 100 23.76 2.52 1.63
N ASN F 101 22.50 2.30 2.04
CA ASN F 101 21.66 3.36 2.57
C ASN F 101 20.88 2.79 3.75
N ARG F 102 19.86 3.53 4.19
CA ARG F 102 19.04 3.07 5.31
C ARG F 102 18.23 1.84 4.94
N ASN F 103 18.05 1.56 3.66
CA ASN F 103 17.29 0.38 3.22
C ASN F 103 18.18 -0.82 2.92
N VAL F 104 19.50 -0.65 2.82
CA VAL F 104 20.40 -1.73 2.43
C VAL F 104 21.67 -1.63 3.27
N ASN F 105 21.87 -2.58 4.19
CA ASN F 105 23.13 -2.66 4.92
C ASN F 105 23.24 -4.07 5.50
N PRO F 106 24.46 -4.53 5.77
CA PRO F 106 24.67 -5.93 6.20
C PRO F 106 24.18 -6.19 7.62
N VAL F 107 24.25 -7.46 8.00
CA VAL F 107 23.93 -7.90 9.35
C VAL F 107 25.12 -8.69 9.88
N ALA F 108 25.42 -8.53 11.16
CA ALA F 108 26.56 -9.19 11.77
C ALA F 108 26.33 -10.69 11.92
N LEU F 109 27.43 -11.42 12.06
CA LEU F 109 27.44 -12.86 12.23
C LEU F 109 28.02 -13.23 13.59
N PRO F 110 27.71 -14.41 14.11
CA PRO F 110 28.19 -14.79 15.44
C PRO F 110 29.72 -14.83 15.50
N ARG F 111 30.25 -14.70 16.72
CA ARG F 111 31.68 -14.55 16.91
C ARG F 111 32.49 -15.76 16.46
N ALA F 112 32.37 -16.87 17.19
CA ALA F 112 32.98 -18.13 16.79
C ALA F 112 32.11 -19.32 17.15
N GLN F 113 30.92 -19.07 17.69
CA GLN F 113 30.01 -20.01 18.35
C GLN F 113 29.29 -19.16 19.39
N GLU F 114 28.80 -18.00 18.97
CA GLU F 114 28.35 -16.91 19.85
C GLU F 114 27.59 -17.41 21.06
N GLY F 115 26.78 -18.45 20.85
CA GLY F 115 26.01 -19.02 21.93
C GLY F 115 24.54 -18.75 21.77
N LEU F 116 23.80 -19.78 21.36
CA LEU F 116 22.35 -19.74 21.31
C LEU F 116 21.82 -20.72 22.36
N ARG F 117 21.25 -20.20 23.38
CA ARG F 117 20.76 -21.06 24.43
C ARG F 117 19.28 -21.40 24.21
N PRO F 118 18.85 -22.59 24.66
CA PRO F 118 17.43 -22.94 24.55
C PRO F 118 16.54 -21.93 25.26
N GLY F 119 15.40 -21.62 24.65
CA GLY F 119 14.51 -20.61 25.17
C GLY F 119 14.83 -19.21 24.71
N THR F 120 15.97 -19.00 24.05
CA THR F 120 16.30 -17.69 23.53
C THR F 120 15.28 -17.26 22.50
N LEU F 121 14.82 -16.02 22.62
CA LEU F 121 13.83 -15.46 21.71
C LEU F 121 14.55 -14.83 20.53
N CYS F 122 14.27 -15.34 19.33
CA CYS F 122 14.87 -14.86 18.10
C CYS F 122 13.76 -14.44 17.16
N THR F 123 14.14 -13.77 16.07
CA THR F 123 13.18 -13.29 15.08
C THR F 123 13.57 -13.82 13.72
N VAL F 124 12.60 -14.37 13.00
CA VAL F 124 12.82 -14.79 11.63
C VAL F 124 11.91 -13.94 10.74
N ALA F 125 12.40 -13.64 9.55
CA ALA F 125 11.71 -12.73 8.64
C ALA F 125 11.77 -13.29 7.23
N GLY F 126 10.78 -12.94 6.42
CA GLY F 126 10.79 -13.37 5.04
C GLY F 126 9.51 -13.02 4.33
N TRP F 127 9.49 -13.39 3.04
CA TRP F 127 8.37 -13.19 2.12
C TRP F 127 7.63 -14.49 1.82
N GLY F 128 7.80 -15.51 2.66
CA GLY F 128 7.23 -16.81 2.37
C GLY F 128 5.72 -16.84 2.48
N ARG F 129 5.16 -18.00 2.12
CA ARG F 129 3.70 -18.19 2.14
C ARG F 129 3.18 -18.26 3.57
N VAL F 130 1.88 -18.03 3.73
CA VAL F 130 1.26 -18.08 5.04
C VAL F 130 0.35 -19.28 5.20
N SER F 131 0.16 -20.08 4.16
CA SER F 131 -0.67 -21.29 4.25
C SER F 131 -0.39 -22.16 3.04
N MET F 132 -1.00 -23.34 3.03
CA MET F 132 -0.93 -24.24 1.87
C MET F 132 -1.63 -23.66 0.64
N ARG F 133 -2.43 -22.60 0.80
CA ARG F 133 -3.26 -22.10 -0.27
C ARG F 133 -2.96 -20.66 -0.69
N ARG F 134 -2.32 -19.85 0.15
CA ARG F 134 -2.07 -18.45 -0.16
C ARG F 134 -0.69 -18.03 0.31
N GLY F 135 -0.26 -16.85 -0.15
CA GLY F 135 1.05 -16.32 0.13
C GLY F 135 0.98 -14.87 0.58
N THR F 136 2.03 -14.11 0.25
CA THR F 136 2.15 -12.71 0.62
C THR F 136 2.84 -11.94 -0.48
N ASP F 137 2.83 -10.61 -0.34
CA ASP F 137 3.64 -9.71 -1.15
C ASP F 137 4.56 -8.83 -0.33
N THR F 138 4.41 -8.80 0.99
CA THR F 138 5.18 -7.90 1.84
C THR F 138 5.94 -8.66 2.91
N LEU F 139 7.06 -8.07 3.35
CA LEU F 139 7.92 -8.71 4.35
C LEU F 139 7.17 -8.94 5.65
N ARG F 140 7.32 -10.13 6.20
CA ARG F 140 6.68 -10.48 7.47
C ARG F 140 7.72 -11.08 8.40
N GLU F 141 7.38 -11.20 9.67
CA GLU F 141 8.31 -11.75 10.64
C GLU F 141 7.54 -12.41 11.76
N VAL F 142 8.24 -13.27 12.50
CA VAL F 142 7.67 -13.91 13.68
C VAL F 142 8.80 -14.22 14.65
N GLN F 143 8.48 -14.14 15.95
CA GLN F 143 9.43 -14.45 17.01
C GLN F 143 9.32 -15.92 17.39
N LEU F 144 10.47 -16.60 17.47
CA LEU F 144 10.52 -18.02 17.75
C LEU F 144 11.54 -18.30 18.86
N ARG F 145 11.31 -19.38 19.60
CA ARG F 145 12.21 -19.77 20.68
C ARG F 145 13.11 -20.91 20.23
N VAL F 146 14.42 -20.76 20.49
CA VAL F 146 15.34 -21.85 20.25
C VAL F 146 14.99 -23.02 21.18
N GLN F 147 14.92 -24.22 20.63
CA GLN F 147 14.61 -25.41 21.39
C GLN F 147 15.88 -26.13 21.81
N ARG F 148 15.75 -26.94 22.86
CA ARG F 148 16.77 -27.96 23.11
C ARG F 148 16.82 -28.92 21.93
N ASP F 149 18.02 -29.44 21.67
CA ASP F 149 18.22 -30.29 20.50
C ASP F 149 17.31 -31.50 20.49
N ARG F 150 16.91 -31.99 21.67
CA ARG F 150 16.04 -33.16 21.71
C ARG F 150 14.74 -32.93 20.94
N GLN F 151 14.31 -31.68 20.79
CA GLN F 151 13.07 -31.41 20.06
C GLN F 151 13.17 -31.74 18.58
N CYS F 152 14.37 -31.74 18.01
CA CYS F 152 14.51 -32.06 16.58
C CYS F 152 15.15 -33.40 16.30
N LEU F 153 15.83 -34.01 17.28
CA LEU F 153 16.58 -35.24 17.00
C LEU F 153 15.66 -36.37 16.56
N ARG F 154 14.49 -36.49 17.19
CA ARG F 154 13.58 -37.56 16.84
C ARG F 154 12.95 -37.36 15.46
N ILE F 155 12.34 -36.20 15.22
CA ILE F 155 11.53 -36.03 14.02
C ILE F 155 12.34 -35.73 12.76
N PHE F 156 13.57 -35.24 12.90
CA PHE F 156 14.43 -34.94 11.75
C PHE F 156 15.68 -35.81 11.85
N GLY F 157 15.72 -36.87 11.04
CA GLY F 157 16.72 -37.91 11.25
C GLY F 157 18.15 -37.48 11.04
N SER F 158 18.37 -36.51 10.15
CA SER F 158 19.73 -36.03 9.88
C SER F 158 20.00 -34.69 10.54
N TYR F 159 19.19 -34.30 11.52
CA TYR F 159 19.48 -33.11 12.30
C TYR F 159 20.78 -33.28 13.07
N ASP F 160 21.65 -32.28 13.00
CA ASP F 160 22.96 -32.33 13.66
C ASP F 160 23.13 -31.07 14.49
N PRO F 161 23.09 -31.18 15.82
CA PRO F 161 23.26 -29.99 16.67
C PRO F 161 24.57 -29.23 16.43
N ARG F 162 25.63 -29.92 15.99
CA ARG F 162 26.88 -29.22 15.71
C ARG F 162 26.74 -28.20 14.59
N ARG F 163 25.83 -28.45 13.65
CA ARG F 163 25.75 -27.64 12.45
C ARG F 163 24.38 -27.02 12.24
N GLN F 164 23.39 -27.33 13.08
CA GLN F 164 22.03 -26.84 12.90
C GLN F 164 21.42 -26.44 14.24
N ILE F 165 20.33 -25.67 14.14
CA ILE F 165 19.57 -25.16 15.27
C ILE F 165 18.13 -25.64 15.15
N CYS F 166 17.56 -26.07 16.27
CA CYS F 166 16.16 -26.48 16.37
C CYS F 166 15.34 -25.29 16.86
N VAL F 167 14.31 -24.89 16.11
CA VAL F 167 13.61 -23.62 16.35
C VAL F 167 12.09 -23.85 16.28
N GLY F 168 11.36 -23.35 17.26
CA GLY F 168 9.90 -23.33 17.20
C GLY F 168 9.24 -24.29 18.18
N ASP F 169 8.12 -23.85 18.76
CA ASP F 169 7.33 -24.65 19.69
C ASP F 169 6.28 -25.45 18.92
N ARG F 170 6.26 -26.76 19.14
CA ARG F 170 5.38 -27.64 18.37
C ARG F 170 3.90 -27.28 18.53
N ARG F 171 3.51 -26.70 19.67
CA ARG F 171 2.09 -26.45 19.89
C ARG F 171 1.61 -25.15 19.28
N GLU F 172 2.52 -24.32 18.77
CA GLU F 172 2.19 -23.05 18.14
C GLU F 172 2.07 -23.22 16.63
N ARG F 173 1.39 -22.27 16.01
CA ARG F 173 1.34 -22.20 14.56
C ARG F 173 2.49 -21.38 13.97
N LYS F 174 3.17 -20.60 14.79
CA LYS F 174 4.18 -19.65 14.32
C LYS F 174 5.40 -20.39 13.77
N ALA F 175 5.73 -20.14 12.51
CA ALA F 175 6.85 -20.84 11.88
C ALA F 175 7.31 -20.11 10.62
N ALA F 176 8.51 -20.48 10.16
CA ALA F 176 8.90 -20.18 8.79
C ALA F 176 8.33 -21.27 7.88
N PHE F 177 8.07 -20.91 6.63
CA PHE F 177 7.40 -21.84 5.72
C PHE F 177 7.87 -21.55 4.29
N LYS F 178 7.11 -22.04 3.31
CA LYS F 178 7.48 -21.99 1.88
C LYS F 178 7.88 -20.59 1.45
N GLY F 179 9.11 -20.47 0.94
CA GLY F 179 9.64 -19.21 0.46
C GLY F 179 10.51 -18.47 1.44
N ASP F 180 10.54 -18.91 2.70
CA ASP F 180 11.37 -18.26 3.70
C ASP F 180 12.77 -18.82 3.79
N SER F 181 13.04 -19.96 3.13
CA SER F 181 14.38 -20.52 3.09
C SER F 181 15.43 -19.45 2.78
N GLY F 182 16.54 -19.53 3.50
CA GLY F 182 17.68 -18.67 3.31
C GLY F 182 17.70 -17.45 4.18
N GLY F 183 16.57 -17.06 4.74
CA GLY F 183 16.49 -15.89 5.56
C GLY F 183 17.11 -16.14 6.91
N PRO F 184 17.45 -15.07 7.62
CA PRO F 184 18.17 -15.23 8.88
C PRO F 184 17.26 -15.54 10.05
N LEU F 185 17.80 -16.33 10.97
CA LEU F 185 17.31 -16.37 12.34
C LEU F 185 18.10 -15.32 13.12
N LEU F 186 17.44 -14.21 13.43
CA LEU F 186 18.08 -13.09 14.11
C LEU F 186 17.88 -13.23 15.61
N CYS F 187 18.98 -13.39 16.35
CA CYS F 187 18.93 -13.39 17.80
C CYS F 187 19.78 -12.23 18.28
N ASN F 188 19.13 -11.24 18.90
CA ASN F 188 19.81 -10.04 19.40
C ASN F 188 20.61 -9.34 18.30
N ASN F 189 19.93 -9.05 17.18
CA ASN F 189 20.50 -8.30 16.07
C ASN F 189 21.73 -8.99 15.48
N VAL F 190 21.76 -10.32 15.54
CA VAL F 190 22.85 -11.12 14.98
C VAL F 190 22.25 -12.31 14.25
N ALA F 191 22.76 -12.60 13.06
CA ALA F 191 22.25 -13.69 12.23
C ALA F 191 22.87 -15.00 12.68
N HIS F 192 22.18 -15.73 13.54
CA HIS F 192 22.68 -17.01 14.01
C HIS F 192 22.28 -18.18 13.13
N GLY F 193 21.23 -18.04 12.32
CA GLY F 193 20.69 -19.16 11.59
C GLY F 193 20.25 -18.80 10.20
N ILE F 194 20.04 -19.84 9.39
CA ILE F 194 19.48 -19.72 8.05
C ILE F 194 18.31 -20.67 7.94
N VAL F 195 17.16 -20.19 7.48
CA VAL F 195 15.98 -21.04 7.35
C VAL F 195 16.28 -22.16 6.39
N SER F 196 16.14 -23.41 6.85
CA SER F 196 16.55 -24.54 6.02
C SER F 196 15.38 -25.46 5.70
N TYR F 197 14.77 -26.10 6.71
CA TYR F 197 13.73 -27.07 6.38
C TYR F 197 12.82 -27.30 7.57
N GLY F 198 11.73 -28.02 7.32
CA GLY F 198 10.86 -28.44 8.39
C GLY F 198 9.88 -29.47 7.88
N LYS F 199 8.73 -29.59 8.52
CA LYS F 199 7.69 -30.49 8.04
C LYS F 199 6.89 -29.83 6.93
N SER F 200 6.32 -30.68 6.05
CA SER F 200 5.50 -30.16 4.96
C SER F 200 4.24 -29.48 5.47
N SER F 201 3.78 -29.82 6.68
CA SER F 201 2.64 -29.14 7.27
C SER F 201 2.99 -27.75 7.79
N GLY F 202 4.28 -27.46 8.02
CA GLY F 202 4.67 -26.22 8.65
C GLY F 202 4.53 -26.19 10.15
N VAL F 203 4.09 -27.28 10.76
CA VAL F 203 4.07 -27.37 12.24
C VAL F 203 5.50 -27.34 12.75
N PRO F 204 5.80 -26.58 13.80
CA PRO F 204 7.16 -26.56 14.34
C PRO F 204 7.44 -27.82 15.13
N PRO F 205 8.70 -28.09 15.51
CA PRO F 205 9.91 -27.30 15.24
C PRO F 205 10.42 -27.45 13.81
N GLU F 206 11.30 -26.53 13.42
CA GLU F 206 11.99 -26.55 12.15
C GLU F 206 13.49 -26.40 12.38
N VAL F 207 14.23 -26.64 11.30
CA VAL F 207 15.68 -26.71 11.33
C VAL F 207 16.27 -25.52 10.58
N PHE F 208 17.20 -24.84 11.24
CA PHE F 208 17.97 -23.74 10.68
C PHE F 208 19.43 -24.15 10.58
N THR F 209 20.09 -23.73 9.52
CA THR F 209 21.53 -23.91 9.45
C THR F 209 22.22 -23.00 10.46
N ARG F 210 23.17 -23.55 11.21
CA ARG F 210 23.83 -22.80 12.28
C ARG F 210 25.05 -22.09 11.68
N VAL F 211 24.97 -20.78 11.56
CA VAL F 211 26.03 -20.02 10.88
C VAL F 211 27.37 -20.20 11.58
N SER F 212 27.37 -20.28 12.91
CA SER F 212 28.63 -20.29 13.65
C SER F 212 29.49 -21.51 13.33
N SER F 213 28.87 -22.62 12.93
CA SER F 213 29.63 -23.81 12.55
C SER F 213 30.38 -23.64 11.25
N PHE F 214 30.07 -22.61 10.45
CA PHE F 214 30.64 -22.48 9.12
C PHE F 214 31.43 -21.20 8.91
N LEU F 215 31.75 -20.49 9.99
CA LEU F 215 32.52 -19.25 9.84
C LEU F 215 33.83 -19.39 9.09
N PRO F 216 34.66 -20.42 9.32
CA PRO F 216 35.91 -20.51 8.54
C PRO F 216 35.66 -20.52 7.05
N TRP F 217 34.79 -21.43 6.57
CA TRP F 217 34.49 -21.48 5.15
C TRP F 217 33.97 -20.14 4.66
N ILE F 218 33.03 -19.55 5.40
CA ILE F 218 32.53 -18.23 5.04
C ILE F 218 33.69 -17.26 4.86
N ARG F 219 34.55 -17.17 5.88
CA ARG F 219 35.67 -16.23 5.79
C ARG F 219 36.54 -16.59 4.60
N THR F 220 36.88 -17.87 4.46
CA THR F 220 37.76 -18.27 3.37
C THR F 220 37.11 -17.97 2.04
N THR F 221 35.80 -18.17 1.95
CA THR F 221 35.13 -17.95 0.68
C THR F 221 35.06 -16.47 0.35
N MET F 222 35.00 -15.60 1.36
CA MET F 222 34.80 -14.19 1.07
C MET F 222 36.10 -13.43 0.83
N ARG F 223 37.24 -14.00 1.23
CA ARG F 223 38.54 -13.41 0.89
C ARG F 223 38.85 -13.66 -0.58
N ALA G 15 19.19 15.39 19.34
CA ALA G 15 19.24 14.07 19.95
C ALA G 15 17.89 13.37 19.87
N LYS G 16 17.90 12.04 19.89
CA LYS G 16 16.65 11.28 19.90
C LYS G 16 16.04 11.31 21.30
N GLU G 17 14.72 11.23 21.35
CA GLU G 17 13.96 11.39 22.59
C GLU G 17 13.64 10.03 23.18
N MET G 18 14.27 9.70 24.31
CA MET G 18 14.20 8.37 24.89
C MET G 18 13.52 8.31 26.25
N GLN G 19 13.39 9.43 26.96
CA GLN G 19 12.65 9.43 28.22
C GLN G 19 11.19 9.83 27.98
N ASN G 20 10.28 9.10 28.60
CA ASN G 20 8.84 9.35 28.48
C ASN G 20 8.34 10.02 29.75
N VAL G 21 8.01 11.30 29.67
CA VAL G 21 7.58 12.10 30.81
C VAL G 21 6.05 12.14 30.82
N PRO G 22 5.39 11.60 31.83
CA PRO G 22 3.93 11.69 31.88
C PRO G 22 3.46 13.13 32.02
N TYR G 23 2.36 13.44 31.33
CA TYR G 23 1.77 14.77 31.45
C TYR G 23 0.25 14.64 31.47
N THR G 24 -0.38 15.67 32.01
CA THR G 24 -1.83 15.83 31.91
C THR G 24 -2.17 17.22 31.38
N ILE G 25 -3.31 17.32 30.71
CA ILE G 25 -3.86 18.60 30.25
C ILE G 25 -5.27 18.73 30.82
N ALA G 26 -5.51 19.79 31.59
CA ALA G 26 -6.87 20.20 31.90
C ALA G 26 -7.11 21.57 31.31
N VAL G 27 -8.24 21.71 30.60
CA VAL G 27 -8.66 22.97 30.00
C VAL G 27 -10.14 23.18 30.33
N ASP G 28 -10.45 24.34 30.93
CA ASP G 28 -11.83 24.68 31.27
C ASP G 28 -12.48 23.57 32.09
N GLY G 29 -11.73 23.05 33.06
CA GLY G 29 -12.22 22.05 33.99
C GLY G 29 -12.33 20.63 33.45
N ILE G 30 -11.76 20.35 32.28
CA ILE G 30 -11.98 19.09 31.60
C ILE G 30 -10.65 18.45 31.27
N MET G 31 -10.48 17.18 31.67
CA MET G 31 -9.29 16.41 31.33
C MET G 31 -9.71 15.13 30.62
N ALA G 32 -9.19 14.91 29.40
CA ALA G 32 -9.38 13.63 28.74
C ALA G 32 -8.68 12.52 29.53
N PHE G 33 -9.22 11.30 29.44
CA PHE G 33 -8.77 10.23 30.31
C PHE G 33 -7.84 9.24 29.61
N ASN G 34 -7.10 9.71 28.61
CA ASN G 34 -5.96 8.94 28.14
C ASN G 34 -4.79 9.12 29.12
N GLN G 35 -3.75 8.33 28.95
CA GLN G 35 -2.52 8.45 29.74
C GLN G 35 -1.38 8.72 28.77
N SER G 36 -0.81 9.91 28.82
CA SER G 36 0.07 10.37 27.74
C SER G 36 1.44 10.76 28.26
N TYR G 37 2.42 10.65 27.34
CA TYR G 37 3.83 10.85 27.66
C TYR G 37 4.49 11.70 26.59
N LEU G 38 5.28 12.68 27.04
CA LEU G 38 6.10 13.51 26.18
C LEU G 38 7.49 12.90 26.06
N ASN G 39 8.01 12.83 24.84
CA ASN G 39 9.34 12.30 24.62
C ASN G 39 10.37 13.42 24.82
N LEU G 40 11.35 13.17 25.67
CA LEU G 40 12.49 14.07 25.80
C LEU G 40 13.77 13.30 25.52
N PRO G 41 14.77 13.95 24.95
CA PRO G 41 16.06 13.27 24.73
C PRO G 41 16.61 12.77 26.05
N LYS G 42 17.04 11.50 26.04
CA LYS G 42 17.53 10.88 27.27
C LYS G 42 18.79 11.60 27.74
N ASP G 43 18.75 12.06 28.99
CA ASP G 43 19.87 12.72 29.65
C ASP G 43 20.44 13.84 28.77
N SER G 44 19.58 14.82 28.48
CA SER G 44 19.95 16.03 27.76
C SER G 44 19.58 17.24 28.60
N GLN G 45 19.87 18.42 28.07
CA GLN G 45 19.60 19.68 28.75
C GLN G 45 18.57 20.46 27.95
N LEU G 46 17.67 21.14 28.66
CA LEU G 46 16.60 21.91 28.05
C LEU G 46 16.44 23.23 28.76
N SER G 47 15.85 24.19 28.06
CA SER G 47 15.51 25.48 28.63
C SER G 47 14.02 25.56 28.90
N TYR G 48 13.63 26.59 29.66
CA TYR G 48 12.20 26.83 29.83
C TYR G 48 11.55 27.24 28.52
N LEU G 49 12.32 27.71 27.54
CA LEU G 49 11.76 28.00 26.23
C LEU G 49 11.43 26.72 25.48
N ASP G 50 12.37 25.75 25.48
CA ASP G 50 12.11 24.46 24.85
C ASP G 50 10.90 23.77 25.47
N LEU G 51 10.87 23.71 26.80
CA LEU G 51 9.78 23.05 27.49
C LEU G 51 8.47 23.79 27.29
N GLY G 52 8.51 25.12 27.38
CA GLY G 52 7.29 25.88 27.14
C GLY G 52 6.74 25.67 25.74
N ASN G 53 7.64 25.61 24.74
CA ASN G 53 7.21 25.39 23.37
C ASN G 53 6.59 24.02 23.18
N LYS G 54 7.18 22.99 23.81
CA LYS G 54 6.58 21.65 23.74
C LYS G 54 5.21 21.64 24.41
N VAL G 55 5.07 22.33 25.54
CA VAL G 55 3.78 22.40 26.24
C VAL G 55 2.74 23.13 25.39
N LYS G 56 3.16 24.21 24.71
CA LYS G 56 2.24 24.91 23.81
C LYS G 56 1.82 24.04 22.64
N ALA G 57 2.77 23.29 22.05
CA ALA G 57 2.43 22.37 20.96
C ALA G 57 1.47 21.29 21.44
N LEU G 58 1.68 20.74 22.64
CA LEU G 58 0.76 19.77 23.20
C LEU G 58 -0.63 20.36 23.38
N LEU G 59 -0.69 21.58 23.93
CA LEU G 59 -1.97 22.24 24.15
C LEU G 59 -2.72 22.41 22.84
N TYR G 60 -2.03 22.85 21.78
CA TYR G 60 -2.72 23.05 20.52
C TYR G 60 -3.12 21.72 19.88
N ASP G 61 -2.21 20.73 19.85
CA ASP G 61 -2.52 19.51 19.12
C ASP G 61 -3.55 18.67 19.83
N GLU G 62 -3.51 18.63 21.17
CA GLU G 62 -4.38 17.75 21.92
C GLU G 62 -5.69 18.42 22.26
N ARG G 63 -5.70 19.73 22.51
CA ARG G 63 -6.92 20.39 22.95
C ARG G 63 -7.23 21.65 22.17
N GLY G 64 -6.52 21.91 21.07
CA GLY G 64 -6.93 22.97 20.18
C GLY G 64 -6.71 24.35 20.74
N VAL G 65 -5.86 24.46 21.75
CA VAL G 65 -5.60 25.72 22.43
C VAL G 65 -4.55 26.49 21.64
N THR G 66 -4.93 27.64 21.13
CA THR G 66 -4.12 28.53 20.30
C THR G 66 -3.28 29.46 21.17
N PRO G 67 -2.22 30.05 20.59
CA PRO G 67 -1.49 31.08 21.34
C PRO G 67 -2.36 32.22 21.78
N GLU G 68 -3.30 32.63 20.93
CA GLU G 68 -4.21 33.71 21.29
C GLU G 68 -5.09 33.31 22.45
N LYS G 69 -5.52 32.03 22.50
CA LYS G 69 -6.31 31.54 23.62
C LYS G 69 -5.53 31.58 24.92
N ILE G 70 -4.23 31.28 24.86
CA ILE G 70 -3.38 31.40 26.06
C ILE G 70 -3.24 32.86 26.45
N ARG G 71 -3.07 33.73 25.47
CA ARG G 71 -2.84 35.15 25.77
C ARG G 71 -4.04 35.76 26.47
N ASN G 72 -5.26 35.38 26.07
CA ASN G 72 -6.48 35.94 26.63
C ASN G 72 -7.09 35.07 27.71
N ALA G 73 -6.38 34.06 28.19
CA ALA G 73 -6.92 33.16 29.20
C ALA G 73 -6.92 33.81 30.57
N LYS G 74 -7.88 33.40 31.40
CA LYS G 74 -7.85 33.81 32.81
C LYS G 74 -6.54 33.39 33.46
N SER G 75 -6.13 32.15 33.23
CA SER G 75 -4.83 31.67 33.67
C SER G 75 -4.41 30.55 32.73
N ALA G 76 -3.10 30.48 32.49
CA ALA G 76 -2.53 29.43 31.65
C ALA G 76 -1.19 29.06 32.27
N VAL G 77 -1.10 27.85 32.80
CA VAL G 77 -0.02 27.45 33.68
C VAL G 77 0.41 26.03 33.32
N TYR G 78 1.66 25.70 33.61
CA TYR G 78 2.02 24.29 33.74
C TYR G 78 2.98 24.10 34.91
N THR G 79 2.79 23.00 35.62
CA THR G 79 3.57 22.70 36.82
C THR G 79 4.51 21.54 36.52
N ILE G 80 5.81 21.82 36.61
CA ILE G 80 6.82 20.77 36.53
C ILE G 80 7.00 20.17 37.92
N THR G 81 6.92 18.85 38.01
CA THR G 81 7.35 18.13 39.19
C THR G 81 8.72 17.53 38.89
N TRP G 82 9.70 17.85 39.73
CA TRP G 82 11.07 17.38 39.56
C TRP G 82 11.29 16.09 40.35
N LYS G 83 12.32 15.35 39.96
CA LYS G 83 12.63 14.09 40.66
C LYS G 83 12.97 14.32 42.13
N ASP G 84 13.39 15.53 42.49
CA ASP G 84 13.71 15.84 43.88
C ASP G 84 12.48 16.14 44.73
N GLY G 85 11.29 16.13 44.12
CA GLY G 85 10.07 16.38 44.84
C GLY G 85 9.57 17.81 44.78
N SER G 86 10.43 18.75 44.41
CA SER G 86 9.99 20.14 44.29
C SER G 86 9.13 20.30 43.04
N LYS G 87 8.27 21.32 43.06
CA LYS G 87 7.40 21.64 41.95
C LYS G 87 7.56 23.11 41.59
N LYS G 88 7.55 23.41 40.30
CA LYS G 88 7.66 24.77 39.82
C LYS G 88 6.52 25.09 38.87
N GLU G 89 5.81 26.17 39.15
CA GLU G 89 4.73 26.63 38.28
C GLU G 89 5.29 27.62 37.26
N VAL G 90 4.94 27.42 35.99
CA VAL G 90 5.38 28.27 34.90
C VAL G 90 4.14 28.92 34.28
N ASP G 91 4.17 30.23 34.14
CA ASP G 91 3.05 30.99 33.58
C ASP G 91 3.24 31.04 32.07
N LEU G 92 2.34 30.38 31.34
CA LEU G 92 2.40 30.39 29.89
C LEU G 92 2.10 31.77 29.31
N LYS G 93 1.40 32.63 30.07
CA LYS G 93 1.11 33.97 29.58
C LYS G 93 2.32 34.87 29.55
N LYS G 94 3.41 34.50 30.22
CA LYS G 94 4.59 35.34 30.31
C LYS G 94 5.61 34.97 29.23
N ASP G 95 6.30 35.98 28.70
CA ASP G 95 7.35 35.79 27.72
C ASP G 95 8.74 35.81 28.34
N SER G 96 8.85 35.92 29.65
CA SER G 96 10.14 35.94 30.33
C SER G 96 10.54 34.53 30.73
N TYR G 97 11.77 34.16 30.36
CA TYR G 97 12.34 32.86 30.70
C TYR G 97 13.66 33.06 31.43
N THR G 98 13.81 32.42 32.59
CA THR G 98 15.11 32.37 33.24
C THR G 98 16.12 31.71 32.30
N ALA G 99 17.30 32.30 32.20
CA ALA G 99 18.28 31.89 31.20
C ALA G 99 19.19 30.76 31.71
N ASN G 100 18.58 29.69 32.23
CA ASN G 100 19.29 28.56 32.80
C ASN G 100 18.92 27.29 32.05
N LEU G 101 19.57 26.18 32.41
CA LEU G 101 19.27 24.88 31.83
C LEU G 101 18.96 23.89 32.94
N PHE G 102 18.25 22.82 32.57
CA PHE G 102 17.93 21.73 33.47
C PHE G 102 17.98 20.42 32.70
N ASP G 103 18.20 19.32 33.43
CA ASP G 103 18.38 18.01 32.79
C ASP G 103 17.04 17.37 32.50
N SER G 104 16.95 16.69 31.35
CA SER G 104 15.69 16.07 30.94
C SER G 104 15.26 14.95 31.87
N ASN G 105 16.20 14.23 32.48
CA ASN G 105 15.83 13.14 33.37
C ASN G 105 15.50 13.61 34.79
N SER G 106 15.48 14.93 35.04
CA SER G 106 15.06 15.43 36.34
C SER G 106 13.57 15.79 36.38
N ILE G 107 12.84 15.57 35.29
CA ILE G 107 11.40 15.88 35.23
C ILE G 107 10.63 14.58 35.41
N LYS G 108 9.80 14.53 36.45
CA LYS G 108 8.95 13.38 36.72
C LYS G 108 7.58 13.49 36.07
N GLN G 109 7.00 14.69 36.03
CA GLN G 109 5.61 14.85 35.59
C GLN G 109 5.37 16.31 35.19
N ILE G 110 4.47 16.50 34.22
CA ILE G 110 4.06 17.84 33.82
C ILE G 110 2.55 17.92 33.85
N ASP G 111 2.02 18.94 34.52
CA ASP G 111 0.57 19.13 34.65
C ASP G 111 0.20 20.48 34.10
N ILE G 112 -0.53 20.49 32.99
CA ILE G 112 -0.91 21.70 32.26
C ILE G 112 -2.35 22.03 32.63
N ASN G 113 -2.60 23.30 32.95
CA ASN G 113 -3.93 23.72 33.39
C ASN G 113 -4.19 25.10 32.77
N VAL G 114 -5.16 25.15 31.85
CA VAL G 114 -5.57 26.39 31.20
C VAL G 114 -7.02 26.66 31.53
N LYS G 115 -7.30 27.87 31.99
CA LYS G 115 -8.67 28.31 32.25
C LYS G 115 -8.91 29.53 31.37
N THR G 116 -9.57 29.31 30.23
CA THR G 116 -9.90 30.40 29.32
C THR G 116 -11.10 31.21 29.80
N LYS G 117 -11.65 30.88 30.96
CA LYS G 117 -12.78 31.60 31.53
C LYS G 117 -12.39 32.26 32.84
N ILE H 1 25.80 32.50 25.41
CA ILE H 1 26.03 33.76 24.71
C ILE H 1 25.85 33.56 23.20
N VAL H 2 24.88 34.29 22.63
CA VAL H 2 24.63 34.23 21.20
C VAL H 2 25.37 35.35 20.51
N GLY H 3 26.09 35.01 19.44
CA GLY H 3 26.76 36.01 18.65
C GLY H 3 27.91 36.69 19.36
N GLY H 4 28.49 36.04 20.35
CA GLY H 4 29.64 36.56 21.05
C GLY H 4 30.94 36.15 20.39
N ARG H 5 31.99 36.08 21.18
CA ARG H 5 33.30 35.71 20.68
C ARG H 5 33.98 34.78 21.68
N ARG H 6 34.86 33.94 21.15
CA ARG H 6 35.69 33.09 21.99
C ARG H 6 36.60 33.94 22.87
N ALA H 7 36.69 33.57 24.16
CA ALA H 7 37.48 34.34 25.10
C ALA H 7 38.94 33.89 25.06
N ARG H 8 39.83 34.80 25.45
CA ARG H 8 41.23 34.47 25.57
C ARG H 8 41.43 33.47 26.71
N PRO H 9 42.33 32.50 26.53
CA PRO H 9 42.61 31.51 27.59
C PRO H 9 42.72 32.08 29.00
N HIS H 10 41.84 31.61 29.89
CA HIS H 10 41.88 31.94 31.31
C HIS H 10 41.88 33.46 31.54
N ALA H 11 41.29 34.20 30.60
CA ALA H 11 41.33 35.66 30.69
C ALA H 11 40.39 36.20 31.76
N TRP H 12 39.37 35.44 32.16
CA TRP H 12 38.37 35.90 33.12
C TRP H 12 38.34 34.92 34.28
N PRO H 13 39.13 35.16 35.33
CA PRO H 13 39.35 34.16 36.37
C PRO H 13 38.35 34.16 37.52
N PHE H 14 37.46 35.14 37.61
CA PHE H 14 36.42 35.12 38.63
C PHE H 14 35.15 34.42 38.14
N MET H 15 35.18 33.85 36.94
CA MET H 15 34.02 33.18 36.35
C MET H 15 33.97 31.73 36.81
N VAL H 16 32.83 31.32 37.35
CA VAL H 16 32.70 29.98 37.88
C VAL H 16 31.46 29.33 37.25
N SER H 17 31.53 28.01 37.12
CA SER H 17 30.45 27.22 36.56
C SER H 17 29.80 26.41 37.67
N LEU H 18 28.47 26.41 37.72
CA LEU H 18 27.73 25.50 38.59
C LEU H 18 27.31 24.32 37.73
N GLN H 19 27.75 23.12 38.11
CA GLN H 19 27.56 21.96 37.28
C GLN H 19 26.84 20.85 38.05
N LEU H 20 26.01 20.11 37.30
CA LEU H 20 25.47 18.83 37.72
C LEU H 20 26.13 17.73 36.87
N ARG H 21 25.72 16.49 37.11
CA ARG H 21 26.21 15.39 36.28
C ARG H 21 25.49 15.43 34.95
N GLY H 22 26.18 15.87 33.91
CA GLY H 22 25.57 16.04 32.61
C GLY H 22 26.00 17.31 31.91
N GLY H 23 26.51 18.26 32.68
CA GLY H 23 27.07 19.47 32.13
C GLY H 23 26.77 20.67 32.99
N HIS H 24 27.00 21.84 32.40
CA HIS H 24 26.89 23.12 33.07
C HIS H 24 25.49 23.69 32.87
N PHE H 25 24.98 24.39 33.90
CA PHE H 25 23.62 24.92 33.83
C PHE H 25 23.49 26.37 34.31
N CYS H 26 24.51 26.95 34.95
CA CYS H 26 24.39 28.31 35.47
C CYS H 26 25.77 28.85 35.79
N GLY H 27 26.05 30.06 35.33
CA GLY H 27 27.26 30.75 35.72
C GLY H 27 27.19 31.31 37.12
N ALA H 28 28.33 31.76 37.61
CA ALA H 28 28.41 32.41 38.92
C ALA H 28 29.73 33.15 39.00
N THR H 29 29.90 33.91 40.09
CA THR H 29 31.07 34.75 40.29
C THR H 29 31.71 34.44 41.63
N LEU H 30 33.05 34.39 41.64
CA LEU H 30 33.81 34.24 42.87
C LEU H 30 33.97 35.62 43.50
N ILE H 31 33.20 35.91 44.55
CA ILE H 31 33.31 37.19 45.25
C ILE H 31 34.31 37.14 46.39
N ALA H 32 34.77 35.95 46.77
CA ALA H 32 35.69 35.74 47.87
C ALA H 32 36.21 34.31 47.79
N PRO H 33 37.30 33.99 48.48
CA PRO H 33 37.80 32.59 48.43
C PRO H 33 36.79 31.58 48.94
N ASN H 34 35.81 31.99 49.75
CA ASN H 34 34.81 31.07 50.30
C ASN H 34 33.38 31.44 49.90
N PHE H 35 33.20 32.24 48.85
CA PHE H 35 31.87 32.61 48.41
C PHE H 35 31.80 32.69 46.89
N VAL H 36 30.65 32.27 46.35
CA VAL H 36 30.35 32.34 44.92
C VAL H 36 28.91 32.77 44.79
N MET H 37 28.63 33.79 43.98
CA MET H 37 27.26 34.29 43.89
C MET H 37 26.68 34.08 42.50
N SER H 38 25.39 33.76 42.45
CA SER H 38 24.72 33.41 41.21
C SER H 38 23.26 33.87 41.31
N ALA H 39 22.42 33.34 40.43
CA ALA H 39 20.99 33.63 40.46
C ALA H 39 20.29 32.64 41.38
N ALA H 40 19.29 33.14 42.12
CA ALA H 40 18.57 32.28 43.04
C ALA H 40 17.71 31.25 42.32
N HIS H 41 17.29 31.56 41.08
CA HIS H 41 16.57 30.54 40.32
C HIS H 41 17.48 29.42 39.87
N CYS H 42 18.81 29.62 39.90
CA CYS H 42 19.73 28.58 39.47
C CYS H 42 19.73 27.37 40.40
N VAL H 43 19.37 27.54 41.67
CA VAL H 43 19.38 26.46 42.63
C VAL H 43 18.01 26.14 43.18
N ALA H 44 16.95 26.72 42.61
CA ALA H 44 15.63 26.61 43.21
C ALA H 44 15.05 25.20 43.10
N ASN H 45 15.43 24.44 42.08
CA ASN H 45 14.77 23.17 41.78
C ASN H 45 15.79 22.07 41.51
N VAL H 46 16.78 21.95 42.38
CA VAL H 46 17.77 20.86 42.32
C VAL H 46 18.41 20.76 43.69
N ASN H 47 19.02 19.62 43.98
CA ASN H 47 19.70 19.44 45.26
C ASN H 47 21.12 20.00 45.20
N VAL H 48 21.83 19.93 46.32
CA VAL H 48 23.13 20.59 46.43
C VAL H 48 24.25 19.56 46.32
N ARG H 49 23.98 18.31 46.74
CA ARG H 49 25.03 17.31 46.84
C ARG H 49 25.69 17.06 45.48
N ALA H 50 24.91 17.08 44.42
CA ALA H 50 25.44 16.85 43.08
C ALA H 50 25.99 18.10 42.42
N VAL H 51 25.88 19.26 43.08
CA VAL H 51 26.28 20.53 42.47
C VAL H 51 27.76 20.78 42.75
N ARG H 52 28.51 21.06 41.70
CA ARG H 52 29.94 21.34 41.79
C ARG H 52 30.21 22.76 41.30
N VAL H 53 30.93 23.52 42.12
CA VAL H 53 31.36 24.86 41.74
C VAL H 53 32.76 24.74 41.15
N VAL H 54 32.92 25.16 39.90
CA VAL H 54 34.16 24.95 39.14
C VAL H 54 34.76 26.30 38.81
N LEU H 55 36.05 26.45 39.10
CA LEU H 55 36.80 27.68 38.90
C LEU H 55 37.97 27.42 37.95
N GLY H 56 38.24 28.40 37.08
CA GLY H 56 39.41 28.37 36.24
C GLY H 56 39.45 27.30 35.19
N ALA H 57 38.51 27.32 34.25
CA ALA H 57 38.51 26.42 33.10
C ALA H 57 38.16 27.22 31.86
N HIS H 58 38.53 26.70 30.69
CA HIS H 58 38.17 27.37 29.44
C HIS H 58 37.34 26.48 28.52
N ASN H 59 37.81 25.29 28.16
CA ASN H 59 37.14 24.44 27.17
C ASN H 59 36.76 23.13 27.82
N LEU H 60 35.48 22.76 27.70
CA LEU H 60 34.97 21.57 28.37
C LEU H 60 34.90 20.35 27.46
N SER H 61 35.27 20.48 26.18
CA SER H 61 35.25 19.37 25.24
C SER H 61 36.52 18.52 25.28
N ARG H 62 37.57 18.97 25.95
CA ARG H 62 38.81 18.22 26.07
C ARG H 62 39.22 18.15 27.54
N ARG H 63 40.03 17.14 27.85
CA ARG H 63 40.52 16.97 29.22
C ARG H 63 41.53 18.06 29.54
N GLU H 64 41.22 18.88 30.55
CA GLU H 64 42.09 19.97 30.96
C GLU H 64 42.73 19.64 32.31
N PRO H 65 44.02 19.32 32.35
CA PRO H 65 44.63 18.85 33.61
C PRO H 65 44.57 19.85 34.76
N THR H 66 44.49 21.15 34.47
CA THR H 66 44.65 22.17 35.49
C THR H 66 43.34 22.57 36.17
N ARG H 67 42.23 21.94 35.84
CA ARG H 67 40.94 22.33 36.41
C ARG H 67 40.89 22.03 37.90
N GLN H 68 40.23 22.91 38.65
CA GLN H 68 39.97 22.72 40.07
C GLN H 68 38.47 22.50 40.28
N VAL H 69 38.12 21.40 40.95
CA VAL H 69 36.74 20.98 41.15
C VAL H 69 36.47 20.87 42.64
N PHE H 70 35.25 21.25 43.05
CA PHE H 70 34.91 21.29 44.47
C PHE H 70 33.42 20.98 44.63
N ALA H 71 32.92 21.19 45.86
CA ALA H 71 31.51 21.01 46.21
C ALA H 71 31.05 22.24 47.00
N VAL H 72 29.76 22.27 47.33
CA VAL H 72 29.12 23.45 47.90
C VAL H 72 28.17 23.02 49.02
N GLN H 73 28.14 23.80 50.10
CA GLN H 73 27.24 23.52 51.22
C GLN H 73 26.20 24.61 51.44
N ARG H 74 26.59 25.86 51.67
CA ARG H 74 25.67 26.87 52.15
C ARG H 74 25.03 27.66 51.02
N ILE H 75 23.78 28.05 51.23
CA ILE H 75 23.08 28.96 50.33
C ILE H 75 22.55 30.14 51.15
N PHE H 76 22.50 31.31 50.53
CA PHE H 76 21.96 32.50 51.17
C PHE H 76 21.10 33.25 50.16
N GLU H 77 20.00 33.84 50.65
CA GLU H 77 19.06 34.54 49.79
C GLU H 77 18.61 35.83 50.46
N ASN H 78 18.18 36.78 49.64
CA ASN H 78 17.58 38.03 50.12
C ASN H 78 16.23 38.18 49.42
N GLY H 79 15.21 37.52 49.97
CA GLY H 79 13.85 37.60 49.47
C GLY H 79 13.67 37.29 48.00
N TYR H 80 13.90 36.04 47.59
CA TYR H 80 13.65 35.67 46.21
C TYR H 80 12.16 35.60 45.90
N ASP H 81 11.80 36.01 44.70
CA ASP H 81 10.41 36.01 44.24
C ASP H 81 10.38 35.33 42.87
N PRO H 82 9.92 34.07 42.80
CA PRO H 82 9.94 33.37 41.51
C PRO H 82 8.87 33.86 40.54
N VAL H 83 7.70 34.28 41.03
CA VAL H 83 6.63 34.72 40.14
C VAL H 83 7.04 35.97 39.38
N ASN H 84 7.58 36.96 40.09
CA ASN H 84 7.94 38.24 39.49
C ASN H 84 9.41 38.36 39.15
N LEU H 85 10.23 37.37 39.51
CA LEU H 85 11.68 37.39 39.28
C LEU H 85 12.31 38.64 39.88
N LEU H 86 12.09 38.82 41.18
CA LEU H 86 12.66 39.92 41.94
C LEU H 86 13.69 39.38 42.92
N ASN H 87 14.77 40.15 43.11
CA ASN H 87 15.86 39.79 44.00
C ASN H 87 16.40 38.39 43.66
N ASP H 88 16.77 38.23 42.40
CA ASP H 88 17.18 36.94 41.86
C ASP H 88 18.68 36.73 42.08
N ILE H 89 19.04 36.56 43.36
CA ILE H 89 20.43 36.46 43.77
C ILE H 89 20.57 35.38 44.85
N VAL H 90 21.62 34.57 44.73
CA VAL H 90 21.96 33.55 45.71
C VAL H 90 23.46 33.57 45.96
N ILE H 91 23.85 33.06 47.14
CA ILE H 91 25.25 32.97 47.54
C ILE H 91 25.54 31.55 47.99
N LEU H 92 26.66 30.99 47.51
CA LEU H 92 27.10 29.63 47.74
C LEU H 92 28.47 29.67 48.40
N GLN H 93 28.81 28.58 49.10
CA GLN H 93 30.09 28.46 49.78
C GLN H 93 30.72 27.10 49.49
N LEU H 94 32.01 27.12 49.19
CA LEU H 94 32.72 25.92 48.81
C LEU H 94 32.95 25.01 50.02
N ASN H 95 33.34 23.76 49.73
CA ASN H 95 33.84 22.86 50.76
C ASN H 95 35.34 23.01 50.92
N GLY H 96 35.77 24.25 51.11
CA GLY H 96 37.18 24.60 51.18
C GLY H 96 37.50 25.82 50.35
N SER H 97 38.72 25.88 49.81
CA SER H 97 39.15 27.00 48.99
C SER H 97 40.10 26.50 47.91
N ALA H 98 40.05 27.14 46.75
CA ALA H 98 40.93 26.82 45.64
C ALA H 98 42.24 27.61 45.77
N THR H 99 43.21 27.25 44.93
CA THR H 99 44.41 28.05 44.80
C THR H 99 44.06 29.41 44.21
N ILE H 100 44.61 30.47 44.80
CA ILE H 100 44.12 31.82 44.56
C ILE H 100 44.71 32.42 43.29
N ASN H 101 45.49 31.65 42.54
CA ASN H 101 46.01 32.10 41.26
C ASN H 101 46.35 30.88 40.42
N ALA H 102 47.15 31.08 39.36
CA ALA H 102 47.50 30.03 38.39
C ALA H 102 46.26 29.49 37.69
N ASN H 103 45.67 30.37 36.88
CA ASN H 103 44.47 30.19 36.05
C ASN H 103 43.19 30.32 36.87
N VAL H 104 43.29 30.52 38.18
CA VAL H 104 42.13 30.55 39.06
C VAL H 104 42.27 31.71 40.03
N GLN H 105 41.59 32.82 39.75
CA GLN H 105 41.74 34.02 40.58
C GLN H 105 40.40 34.43 41.19
N VAL H 106 40.47 35.47 42.02
CA VAL H 106 39.45 35.92 42.96
C VAL H 106 39.27 37.42 42.70
N ALA H 107 38.66 38.13 43.64
CA ALA H 107 38.52 39.59 43.57
C ALA H 107 37.59 40.00 42.44
N GLN H 108 36.32 39.62 42.58
CA GLN H 108 35.29 40.02 41.63
C GLN H 108 35.12 41.54 41.58
N LEU H 109 35.36 42.24 42.69
CA LEU H 109 35.21 43.70 42.77
C LEU H 109 33.80 44.17 42.48
N PRO H 110 32.84 43.97 43.38
CA PRO H 110 31.54 44.63 43.25
C PRO H 110 31.61 46.09 43.65
N ALA H 111 30.56 46.82 43.30
CA ALA H 111 30.46 48.25 43.59
C ALA H 111 29.81 48.45 44.96
N GLN H 112 29.43 49.68 45.26
CA GLN H 112 28.66 49.99 46.46
C GLN H 112 27.22 50.38 46.14
N GLY H 113 26.89 50.54 44.86
CA GLY H 113 25.58 50.97 44.43
C GLY H 113 25.67 51.99 43.32
N ARG H 114 25.07 51.66 42.17
CA ARG H 114 25.16 52.49 40.97
C ARG H 114 23.98 52.13 40.07
N ARG H 115 23.13 53.10 39.77
CA ARG H 115 22.12 52.93 38.72
C ARG H 115 22.77 53.37 37.42
N LEU H 116 23.40 52.41 36.74
CA LEU H 116 24.16 52.73 35.53
C LEU H 116 23.25 53.32 34.46
N GLY H 117 23.67 54.44 33.89
CA GLY H 117 22.87 55.12 32.91
C GLY H 117 22.83 54.39 31.59
N ASN H 118 21.86 54.80 30.77
CA ASN H 118 21.67 54.21 29.44
C ASN H 118 22.85 54.55 28.55
N GLY H 119 23.66 53.55 28.22
CA GLY H 119 24.74 53.74 27.28
C GLY H 119 26.09 53.21 27.72
N VAL H 120 26.21 52.80 28.98
CA VAL H 120 27.48 52.31 29.49
C VAL H 120 27.84 51.00 28.80
N GLN H 121 29.06 50.93 28.25
CA GLN H 121 29.52 49.71 27.63
C GLN H 121 29.95 48.71 28.70
N CYS H 122 29.42 47.49 28.61
CA CYS H 122 29.72 46.41 29.52
C CYS H 122 30.07 45.16 28.73
N LEU H 123 30.56 44.15 29.42
CA LEU H 123 30.89 42.87 28.81
C LEU H 123 30.11 41.76 29.51
N ALA H 124 29.22 41.11 28.77
CA ALA H 124 28.56 39.90 29.25
C ALA H 124 29.38 38.67 28.84
N MET H 125 29.10 37.55 29.50
CA MET H 125 29.92 36.36 29.30
C MET H 125 29.21 35.15 29.87
N GLY H 126 29.61 33.98 29.38
CA GLY H 126 29.06 32.73 29.86
C GLY H 126 29.41 31.58 28.95
N TRP H 127 28.99 30.39 29.38
CA TRP H 127 29.16 29.15 28.63
C TRP H 127 27.84 28.66 28.01
N GLY H 128 26.91 29.57 27.76
CA GLY H 128 25.58 29.18 27.36
C GLY H 128 25.50 28.70 25.92
N LEU H 129 24.27 28.59 25.44
CA LEU H 129 24.03 28.20 24.05
C LEU H 129 24.57 29.25 23.11
N LEU H 130 25.01 28.82 21.93
CA LEU H 130 25.69 29.69 20.99
C LEU H 130 24.76 30.34 19.96
N GLY H 131 23.72 29.65 19.52
CA GLY H 131 22.92 30.08 18.41
C GLY H 131 23.16 29.22 17.18
N ARG H 132 22.27 29.39 16.19
CA ARG H 132 22.20 28.51 15.02
C ARG H 132 22.00 27.06 15.44
N ASN H 133 21.60 26.85 16.70
CA ASN H 133 21.51 25.52 17.31
C ASN H 133 22.79 24.72 17.08
N ARG H 134 23.94 25.39 17.24
CA ARG H 134 25.22 24.70 17.18
C ARG H 134 25.68 24.24 18.56
N GLY H 135 24.86 24.41 19.59
CA GLY H 135 25.04 23.72 20.85
C GLY H 135 25.48 24.65 21.96
N ILE H 136 25.72 24.02 23.11
CA ILE H 136 26.24 24.74 24.27
C ILE H 136 27.67 25.17 23.98
N ALA H 137 28.10 26.26 24.63
CA ALA H 137 29.45 26.77 24.41
C ALA H 137 30.47 25.82 25.02
N SER H 138 31.50 25.50 24.25
CA SER H 138 32.64 24.77 24.78
C SER H 138 33.60 25.71 25.50
N VAL H 139 33.99 26.79 24.84
CA VAL H 139 34.87 27.79 25.43
C VAL H 139 34.02 28.97 25.90
N LEU H 140 34.47 29.60 26.98
CA LEU H 140 33.77 30.76 27.53
C LEU H 140 33.64 31.85 26.48
N GLN H 141 32.44 32.42 26.38
CA GLN H 141 32.13 33.45 25.39
C GLN H 141 31.84 34.78 26.08
N GLU H 142 32.17 35.87 25.40
CA GLU H 142 31.89 37.20 25.92
C GLU H 142 31.39 38.08 24.77
N LEU H 143 30.75 39.18 25.15
CA LEU H 143 30.01 40.00 24.20
C LEU H 143 29.85 41.41 24.76
N ASN H 144 30.10 42.41 23.93
CA ASN H 144 29.94 43.80 24.33
C ASN H 144 28.48 44.21 24.28
N VAL H 145 27.93 44.64 25.42
CA VAL H 145 26.54 45.07 25.51
C VAL H 145 26.51 46.50 26.04
N THR H 146 25.33 47.10 26.02
CA THR H 146 25.12 48.44 26.52
C THR H 146 23.88 48.47 27.41
N VAL H 147 23.97 49.24 28.49
CA VAL H 147 22.88 49.34 29.45
C VAL H 147 21.74 50.15 28.87
N VAL H 148 20.51 49.66 29.05
CA VAL H 148 19.30 50.28 28.53
C VAL H 148 18.27 50.33 29.65
N THR H 149 17.52 51.44 29.72
CA THR H 149 16.43 51.56 30.66
C THR H 149 15.06 51.27 30.04
N SER H 150 14.95 51.36 28.71
CA SER H 150 13.68 51.11 28.06
C SER H 150 13.34 49.62 28.04
N LEU H 151 12.04 49.32 28.17
CA LEU H 151 11.55 47.95 28.31
C LEU H 151 12.27 47.22 29.44
N CYS H 152 12.48 47.94 30.54
CA CYS H 152 13.21 47.40 31.68
C CYS H 152 12.54 47.87 32.97
N ARG H 153 12.36 46.93 33.91
CA ARG H 153 11.80 47.27 35.20
C ARG H 153 12.82 47.99 36.07
N ARG H 154 12.32 48.80 36.99
CA ARG H 154 13.17 49.59 37.87
C ARG H 154 13.98 48.73 38.84
N SER H 155 13.78 47.41 38.85
CA SER H 155 14.44 46.50 39.77
C SER H 155 15.45 45.58 39.07
N ASN H 156 15.84 45.90 37.84
CA ASN H 156 16.81 45.11 37.08
C ASN H 156 17.80 46.04 36.41
N VAL H 157 18.89 45.46 35.89
CA VAL H 157 19.78 46.15 34.97
C VAL H 157 19.69 45.42 33.63
N CYS H 158 19.19 46.10 32.61
CA CYS H 158 18.96 45.49 31.31
C CYS H 158 20.00 45.96 30.30
N THR H 159 20.35 45.06 29.38
CA THR H 159 21.40 45.31 28.40
C THR H 159 20.94 44.87 27.01
N LEU H 160 21.56 45.47 26.00
CA LEU H 160 21.21 45.21 24.61
C LEU H 160 22.46 45.32 23.75
N VAL H 161 22.38 44.75 22.54
CA VAL H 161 23.41 44.90 21.52
C VAL H 161 22.72 45.48 20.29
N ARG H 162 23.02 46.73 19.96
CA ARG H 162 22.30 47.42 18.91
C ARG H 162 22.64 46.86 17.53
N GLY H 163 21.61 46.47 16.79
CA GLY H 163 21.76 46.08 15.39
C GLY H 163 22.66 44.89 15.12
N ARG H 164 22.61 43.86 15.97
CA ARG H 164 23.39 42.66 15.72
C ARG H 164 22.64 41.35 15.94
N GLN H 165 21.55 41.32 16.71
CA GLN H 165 20.89 40.10 17.15
C GLN H 165 21.86 39.21 17.92
N ALA H 166 22.32 39.74 19.05
CA ALA H 166 23.22 39.02 19.94
C ALA H 166 22.76 39.24 21.37
N GLY H 167 23.13 38.31 22.24
CA GLY H 167 22.80 38.44 23.65
C GLY H 167 23.17 37.17 24.41
N VAL H 168 22.70 37.11 25.65
CA VAL H 168 22.93 35.95 26.49
C VAL H 168 21.92 34.87 26.08
N CYS H 169 22.15 33.64 26.54
CA CYS H 169 21.22 32.55 26.23
C CYS H 169 21.18 31.59 27.42
N PHE H 170 20.44 30.50 27.25
CA PHE H 170 20.17 29.62 28.38
C PHE H 170 21.45 28.91 28.81
N GLY H 171 21.70 28.91 30.12
CA GLY H 171 22.98 28.54 30.68
C GLY H 171 23.85 29.71 31.06
N ASP H 172 23.50 30.92 30.62
CA ASP H 172 24.22 32.11 31.03
C ASP H 172 23.70 32.68 32.35
N SER H 173 22.60 32.11 32.87
CA SER H 173 22.05 32.56 34.14
C SER H 173 23.12 32.52 35.22
N GLY H 174 23.14 33.57 36.05
CA GLY H 174 24.04 33.67 37.17
C GLY H 174 25.38 34.30 36.87
N SER H 175 25.75 34.40 35.59
CA SER H 175 27.04 34.98 35.22
C SER H 175 27.02 36.49 35.40
N PRO H 176 28.19 37.11 35.50
CA PRO H 176 28.25 38.55 35.78
C PRO H 176 28.19 39.43 34.55
N LEU H 177 27.62 40.61 34.76
CA LEU H 177 27.71 41.72 33.81
C LEU H 177 28.91 42.57 34.22
N VAL H 178 30.01 42.44 33.48
CA VAL H 178 31.26 43.15 33.76
C VAL H 178 31.19 44.55 33.14
N CYS H 179 31.43 45.57 33.96
CA CYS H 179 31.54 46.94 33.49
C CYS H 179 32.71 47.56 34.24
N ASN H 180 33.82 47.78 33.54
CA ASN H 180 35.03 48.35 34.13
C ASN H 180 35.56 47.48 35.26
N GLY H 181 35.48 46.16 35.09
CA GLY H 181 35.90 45.26 36.13
C GLY H 181 35.00 45.23 37.34
N LEU H 182 33.88 45.94 37.31
CA LEU H 182 32.89 45.92 38.39
C LEU H 182 31.70 45.09 37.93
N ILE H 183 31.24 44.19 38.79
CA ILE H 183 30.14 43.30 38.45
C ILE H 183 28.85 44.03 38.81
N HIS H 184 28.17 44.55 37.81
CA HIS H 184 26.94 45.30 38.07
C HIS H 184 25.68 44.47 37.90
N GLY H 185 25.80 43.24 37.44
CA GLY H 185 24.61 42.45 37.12
C GLY H 185 24.86 40.97 37.25
N ILE H 186 23.79 40.24 37.57
CA ILE H 186 23.75 38.79 37.55
C ILE H 186 22.70 38.41 36.52
N ALA H 187 23.08 37.63 35.51
CA ALA H 187 22.17 37.33 34.39
C ALA H 187 20.95 36.58 34.90
N SER H 188 19.76 37.14 34.62
CA SER H 188 18.52 36.67 35.22
C SER H 188 17.55 36.10 34.20
N PHE H 189 17.13 36.87 33.20
CA PHE H 189 16.15 36.32 32.26
C PHE H 189 16.19 37.04 30.92
N VAL H 190 15.55 36.41 29.94
CA VAL H 190 15.39 36.97 28.60
C VAL H 190 13.89 37.04 28.31
N ARG H 191 13.55 37.68 27.19
CA ARG H 191 12.16 37.85 26.78
C ARG H 191 11.97 37.25 25.39
N GLY H 192 11.07 36.27 25.28
CA GLY H 192 10.73 35.67 24.01
C GLY H 192 11.76 34.71 23.44
N GLY H 193 13.02 34.85 23.82
CA GLY H 193 14.08 34.00 23.30
C GLY H 193 15.40 34.73 23.29
N CYS H 194 16.45 33.98 22.97
CA CYS H 194 17.79 34.54 22.94
C CYS H 194 18.01 35.40 21.70
N ALA H 195 18.76 36.50 21.87
CA ALA H 195 19.22 37.33 20.76
C ALA H 195 18.06 37.77 19.87
N SER H 196 16.95 38.17 20.51
CA SER H 196 15.80 38.64 19.74
C SER H 196 16.12 39.91 18.99
N GLY H 197 16.89 40.80 19.59
CA GLY H 197 17.11 42.13 19.04
C GLY H 197 16.01 43.12 19.34
N LEU H 198 14.90 42.66 19.91
CA LEU H 198 13.80 43.51 20.34
C LEU H 198 13.86 43.83 21.82
N TYR H 199 14.01 42.81 22.66
CA TYR H 199 13.94 43.00 24.10
C TYR H 199 15.34 42.88 24.72
N PRO H 200 15.59 43.62 25.79
CA PRO H 200 16.90 43.53 26.45
C PRO H 200 16.98 42.35 27.40
N ASP H 201 18.21 41.89 27.62
CA ASP H 201 18.46 40.86 28.62
C ASP H 201 18.49 41.50 30.00
N ALA H 202 17.88 40.82 30.99
CA ALA H 202 17.68 41.40 32.31
C ALA H 202 18.59 40.71 33.32
N PHE H 203 19.31 41.54 34.10
CA PHE H 203 20.26 41.11 35.10
C PHE H 203 19.79 41.57 36.48
N ALA H 204 20.03 40.74 37.49
CA ALA H 204 19.79 41.17 38.86
C ALA H 204 20.77 42.28 39.21
N PRO H 205 20.31 43.39 39.78
CA PRO H 205 21.19 44.54 40.03
C PRO H 205 22.02 44.42 41.30
N VAL H 206 23.18 43.79 41.21
CA VAL H 206 24.11 43.59 42.32
C VAL H 206 24.23 44.82 43.20
N ALA H 207 24.36 45.99 42.55
CA ALA H 207 24.67 47.23 43.27
C ALA H 207 23.61 47.55 44.32
N GLN H 208 22.39 47.06 44.15
CA GLN H 208 21.34 47.28 45.13
C GLN H 208 21.35 46.25 46.26
N PHE H 209 22.25 45.26 46.20
CA PHE H 209 22.35 44.24 47.22
C PHE H 209 23.68 44.30 47.97
N VAL H 210 24.48 45.36 47.76
CA VAL H 210 25.86 45.36 48.22
C VAL H 210 25.95 45.16 49.73
N ASN H 211 25.11 45.87 50.48
CA ASN H 211 25.17 45.79 51.94
C ASN H 211 24.81 44.40 52.42
N TRP H 212 23.78 43.78 51.82
CA TRP H 212 23.41 42.42 52.21
C TRP H 212 24.54 41.44 51.91
N ILE H 213 25.19 41.58 50.75
CA ILE H 213 26.29 40.69 50.40
C ILE H 213 27.44 40.87 51.39
N ASP H 214 27.76 42.13 51.73
CA ASP H 214 28.81 42.39 52.72
C ASP H 214 28.45 41.77 54.07
N SER H 215 27.18 41.84 54.45
CA SER H 215 26.74 41.20 55.68
C SER H 215 26.97 39.70 55.65
N ILE H 216 26.67 39.06 54.52
CA ILE H 216 26.82 37.62 54.43
C ILE H 216 28.30 37.21 54.42
N ILE H 217 29.13 37.97 53.71
CA ILE H 217 30.48 37.52 53.38
C ILE H 217 31.50 37.93 54.45
N GLN H 218 31.01 38.46 55.57
CA GLN H 218 31.92 38.88 56.64
C GLN H 218 31.71 38.06 57.92
N ILE I 1 -8.72 2.96 36.62
CA ILE I 1 -9.93 2.79 37.43
C ILE I 1 -9.67 3.18 38.88
N ILE I 2 -10.41 4.16 39.40
CA ILE I 2 -10.32 4.55 40.80
C ILE I 2 -11.40 3.81 41.58
N GLY I 3 -11.00 3.17 42.67
CA GLY I 3 -11.97 2.53 43.56
C GLY I 3 -12.56 1.25 43.06
N GLY I 4 -11.90 0.57 42.12
CA GLY I 4 -12.39 -0.67 41.56
C GLY I 4 -11.75 -1.88 42.17
N ARG I 5 -11.88 -3.01 41.49
CA ARG I 5 -11.28 -4.27 41.89
C ARG I 5 -10.62 -4.88 40.68
N GLU I 6 -9.67 -5.79 40.91
CA GLU I 6 -9.10 -6.52 39.79
C GLU I 6 -10.17 -7.39 39.16
N SER I 7 -10.28 -7.33 37.84
CA SER I 7 -11.26 -8.13 37.13
C SER I 7 -10.91 -9.61 37.23
N ARG I 8 -11.93 -10.45 37.06
CA ARG I 8 -11.69 -11.85 36.80
C ARG I 8 -10.97 -11.97 35.45
N PRO I 9 -9.83 -12.67 35.40
CA PRO I 9 -9.11 -12.80 34.12
C PRO I 9 -9.99 -13.27 32.99
N HIS I 10 -10.00 -12.52 31.89
CA HIS I 10 -10.67 -12.87 30.64
C HIS I 10 -12.20 -12.89 30.76
N SER I 11 -12.75 -12.26 31.79
CA SER I 11 -14.19 -12.13 31.94
C SER I 11 -14.75 -10.97 31.14
N ARG I 12 -13.89 -10.14 30.57
CA ARG I 12 -14.29 -9.03 29.69
C ARG I 12 -13.52 -9.19 28.38
N PRO I 13 -13.86 -10.20 27.57
CA PRO I 13 -13.02 -10.56 26.42
C PRO I 13 -13.12 -9.58 25.26
N TYR I 14 -14.02 -8.61 25.29
CA TYR I 14 -14.05 -7.53 24.31
C TYR I 14 -13.01 -6.47 24.57
N MET I 15 -12.38 -6.46 25.74
CA MET I 15 -11.49 -5.36 26.09
C MET I 15 -10.26 -5.36 25.20
N ALA I 16 -9.85 -4.16 24.80
CA ALA I 16 -8.64 -3.96 24.01
C ALA I 16 -7.76 -2.96 24.74
N TYR I 17 -6.45 -3.20 24.71
CA TYR I 17 -5.46 -2.28 25.27
C TYR I 17 -4.73 -1.63 24.11
N LEU I 18 -4.71 -0.30 24.07
CA LEU I 18 -4.20 0.46 22.93
C LEU I 18 -2.90 1.15 23.32
N GLN I 19 -1.85 0.88 22.56
CA GLN I 19 -0.57 1.57 22.68
C GLN I 19 -0.42 2.46 21.45
N ILE I 20 -0.39 3.77 21.68
CA ILE I 20 -0.41 4.76 20.60
C ILE I 20 0.94 5.48 20.60
N GLN I 21 1.58 5.55 19.44
CA GLN I 21 2.91 6.14 19.32
C GLN I 21 2.91 7.13 18.16
N SER I 22 3.49 8.29 18.40
CA SER I 22 3.66 9.37 17.44
C SER I 22 5.08 9.88 17.64
N PRO I 23 5.66 10.56 16.64
CA PRO I 23 7.10 10.86 16.71
C PRO I 23 7.56 11.45 18.03
N ALA I 24 6.80 12.35 18.64
CA ALA I 24 7.28 12.99 19.85
C ALA I 24 6.58 12.51 21.12
N GLY I 25 5.76 11.45 21.04
CA GLY I 25 5.11 11.03 22.26
C GLY I 25 4.37 9.72 22.10
N GLN I 26 3.81 9.26 23.21
CA GLN I 26 3.05 8.03 23.23
C GLN I 26 1.90 8.16 24.22
N SER I 27 0.90 7.32 24.03
CA SER I 27 -0.33 7.37 24.80
C SER I 27 -0.82 5.96 25.03
N ARG I 28 -1.64 5.80 26.06
CA ARG I 28 -2.24 4.51 26.37
C ARG I 28 -3.73 4.71 26.60
N CYS I 29 -4.52 3.81 26.04
CA CYS I 29 -5.97 3.92 26.13
C CYS I 29 -6.56 2.52 26.21
N GLY I 30 -7.85 2.44 26.50
CA GLY I 30 -8.61 1.24 26.27
C GLY I 30 -9.37 1.29 24.94
N GLY I 31 -10.07 0.19 24.68
CA GLY I 31 -10.96 0.06 23.53
C GLY I 31 -11.79 -1.18 23.72
N PHE I 32 -12.72 -1.41 22.78
CA PHE I 32 -13.47 -2.66 22.86
C PHE I 32 -13.77 -3.19 21.47
N LEU I 33 -13.64 -4.50 21.33
CA LEU I 33 -13.87 -5.16 20.06
C LEU I 33 -15.37 -5.17 19.77
N VAL I 34 -15.77 -4.65 18.61
CA VAL I 34 -17.18 -4.65 18.22
C VAL I 34 -17.43 -5.53 17.01
N ARG I 35 -16.38 -5.96 16.31
CA ARG I 35 -16.47 -6.95 15.26
C ARG I 35 -15.08 -7.58 15.15
N GLU I 36 -15.00 -8.69 14.41
CA GLU I 36 -13.72 -9.38 14.30
C GLU I 36 -12.62 -8.49 13.75
N ASP I 37 -12.97 -7.44 13.02
CA ASP I 37 -11.99 -6.54 12.41
C ASP I 37 -12.08 -5.10 12.92
N PHE I 38 -12.88 -4.81 13.95
CA PHE I 38 -13.04 -3.43 14.41
C PHE I 38 -13.00 -3.29 15.92
N VAL I 39 -12.26 -2.29 16.38
CA VAL I 39 -12.24 -1.88 17.78
C VAL I 39 -12.79 -0.46 17.87
N LEU I 40 -13.71 -0.24 18.79
CA LEU I 40 -14.21 1.08 19.09
C LEU I 40 -13.40 1.71 20.22
N THR I 41 -13.15 3.02 20.15
CA THR I 41 -12.40 3.70 21.22
C THR I 41 -12.72 5.19 21.15
N ALA I 42 -12.02 5.99 21.95
CA ALA I 42 -12.21 7.43 21.93
C ALA I 42 -11.35 8.08 20.86
N ALA I 43 -11.85 9.16 20.25
CA ALA I 43 -11.10 9.82 19.18
C ALA I 43 -9.86 10.54 19.70
N HIS I 44 -9.83 10.90 20.96
CA HIS I 44 -8.65 11.57 21.50
C HIS I 44 -7.51 10.61 21.78
N CYS I 45 -7.74 9.31 21.60
CA CYS I 45 -6.73 8.25 21.66
C CYS I 45 -6.00 8.06 20.35
N TRP I 46 -6.29 8.87 19.34
CA TRP I 46 -5.65 8.74 18.03
C TRP I 46 -4.17 9.10 18.10
N GLY I 47 -3.40 8.49 17.19
CA GLY I 47 -1.99 8.81 17.02
C GLY I 47 -1.48 8.18 15.75
N SER I 48 -0.19 8.43 15.47
CA SER I 48 0.38 7.99 14.20
C SER I 48 0.32 6.48 14.03
N ASN I 49 0.56 5.74 15.11
CA ASN I 49 0.63 4.28 15.04
C ASN I 49 -0.08 3.70 16.26
N ILE I 50 -0.93 2.71 16.05
CA ILE I 50 -1.76 2.19 17.11
C ILE I 50 -1.66 0.68 17.14
N ASN I 51 -1.14 0.14 18.24
CA ASN I 51 -1.04 -1.29 18.48
C ASN I 51 -2.17 -1.71 19.41
N VAL I 52 -2.89 -2.76 19.05
CA VAL I 52 -4.08 -3.21 19.76
C VAL I 52 -3.78 -4.59 20.34
N THR I 53 -3.95 -4.74 21.64
CA THR I 53 -3.81 -6.04 22.28
C THR I 53 -5.17 -6.53 22.75
N LEU I 54 -5.57 -7.70 22.27
CA LEU I 54 -6.77 -8.40 22.69
C LEU I 54 -6.38 -9.60 23.54
N GLY I 55 -7.34 -10.06 24.35
CA GLY I 55 -7.12 -11.25 25.16
C GLY I 55 -6.18 -11.08 26.32
N ALA I 56 -5.97 -9.85 26.79
CA ALA I 56 -5.01 -9.57 27.84
C ALA I 56 -5.69 -9.51 29.21
N HIS I 57 -4.95 -9.94 30.24
CA HIS I 57 -5.27 -9.53 31.61
C HIS I 57 -4.14 -8.70 32.21
N ASN I 58 -2.93 -9.25 32.29
CA ASN I 58 -1.76 -8.48 32.71
C ASN I 58 -1.05 -8.00 31.45
N ILE I 59 -1.13 -6.70 31.17
CA ILE I 59 -0.57 -6.18 29.92
C ILE I 59 0.93 -5.91 30.02
N GLN I 60 1.55 -6.15 31.17
CA GLN I 60 2.99 -6.09 31.28
C GLN I 60 3.65 -7.44 31.09
N ARG I 61 2.87 -8.49 30.85
CA ARG I 61 3.35 -9.85 30.68
C ARG I 61 2.97 -10.34 29.29
N ARG I 62 3.80 -11.21 28.73
CA ARG I 62 3.47 -11.87 27.47
C ARG I 62 2.58 -13.07 27.79
N GLU I 63 1.27 -12.85 27.76
CA GLU I 63 0.30 -13.91 27.97
C GLU I 63 0.03 -14.63 26.66
N ASN I 64 -0.12 -15.96 26.75
CA ASN I 64 -0.37 -16.75 25.55
C ASN I 64 -1.68 -16.37 24.88
N THR I 65 -2.68 -15.96 25.67
CA THR I 65 -3.98 -15.59 25.14
C THR I 65 -3.99 -14.26 24.39
N GLN I 66 -2.89 -13.49 24.44
CA GLN I 66 -2.89 -12.17 23.82
C GLN I 66 -2.73 -12.27 22.31
N GLN I 67 -3.46 -11.42 21.60
CA GLN I 67 -3.28 -11.23 20.17
C GLN I 67 -2.95 -9.75 19.93
N HIS I 68 -1.88 -9.50 19.20
CA HIS I 68 -1.40 -8.16 18.92
C HIS I 68 -1.64 -7.87 17.45
N ILE I 69 -2.40 -6.81 17.17
CA ILE I 69 -2.77 -6.44 15.81
C ILE I 69 -2.64 -4.94 15.67
N THR I 70 -2.07 -4.48 14.57
CA THR I 70 -2.01 -3.05 14.37
C THR I 70 -3.31 -2.55 13.75
N ALA I 71 -3.61 -1.28 13.98
CA ALA I 71 -4.76 -0.64 13.36
C ALA I 71 -4.38 -0.26 11.94
N ARG I 72 -4.96 -0.95 10.95
CA ARG I 72 -4.76 -0.55 9.57
C ARG I 72 -5.33 0.84 9.31
N ARG I 73 -6.52 1.10 9.84
CA ARG I 73 -7.09 2.44 9.75
C ARG I 73 -7.52 2.90 11.12
N ALA I 74 -7.33 4.19 11.39
CA ALA I 74 -7.76 4.81 12.64
C ALA I 74 -8.65 5.99 12.25
N ILE I 75 -9.95 5.79 12.35
CA ILE I 75 -10.95 6.67 11.75
C ILE I 75 -11.59 7.45 12.88
N ARG I 76 -11.08 8.66 13.10
CA ARG I 76 -11.70 9.61 14.01
C ARG I 76 -12.99 10.14 13.41
N HIS I 77 -13.94 10.43 14.27
CA HIS I 77 -15.13 11.06 13.76
C HIS I 77 -14.74 12.31 13.00
N PRO I 78 -15.33 12.55 11.82
CA PRO I 78 -14.95 13.73 11.03
C PRO I 78 -15.23 15.06 11.71
N GLN I 79 -16.17 15.13 12.65
CA GLN I 79 -16.37 16.38 13.39
C GLN I 79 -15.93 16.27 14.84
N TYR I 80 -15.03 15.35 15.16
CA TYR I 80 -14.43 15.35 16.48
C TYR I 80 -13.90 16.74 16.81
N ASN I 81 -14.21 17.20 18.02
CA ASN I 81 -13.85 18.53 18.50
C ASN I 81 -12.85 18.38 19.65
N GLN I 82 -11.58 18.60 19.35
CA GLN I 82 -10.55 18.47 20.37
C GLN I 82 -10.68 19.54 21.46
N ARG I 83 -11.24 20.71 21.14
CA ARG I 83 -11.37 21.74 22.15
C ARG I 83 -12.34 21.32 23.25
N THR I 84 -13.51 20.81 22.86
CA THR I 84 -14.57 20.50 23.80
C THR I 84 -14.65 19.01 24.13
N ILE I 85 -13.82 18.19 23.48
CA ILE I 85 -13.91 16.74 23.54
C ILE I 85 -15.34 16.31 23.22
N GLN I 86 -15.80 16.68 22.03
CA GLN I 86 -17.12 16.31 21.55
C GLN I 86 -16.96 15.47 20.29
N ASN I 87 -17.99 14.66 19.99
CA ASN I 87 -17.92 13.66 18.94
C ASN I 87 -16.69 12.79 19.15
N ASP I 88 -16.49 12.37 20.39
CA ASP I 88 -15.23 11.75 20.80
C ASP I 88 -15.37 10.24 20.60
N ILE I 89 -15.20 9.81 19.34
CA ILE I 89 -15.37 8.40 18.99
C ILE I 89 -14.48 8.08 17.79
N MET I 90 -13.90 6.88 17.79
CA MET I 90 -13.01 6.45 16.74
C MET I 90 -13.16 4.94 16.50
N LEU I 91 -13.10 4.55 15.23
CA LEU I 91 -13.05 3.14 14.86
C LEU I 91 -11.65 2.79 14.38
N LEU I 92 -11.06 1.75 14.96
CA LEU I 92 -9.83 1.15 14.49
C LEU I 92 -10.19 -0.08 13.65
N GLN I 93 -9.93 0.00 12.34
CA GLN I 93 -9.96 -1.20 11.52
C GLN I 93 -8.63 -1.93 11.66
N LEU I 94 -8.69 -3.17 12.14
CA LEU I 94 -7.50 -3.97 12.39
C LEU I 94 -6.88 -4.48 11.09
N SER I 95 -5.56 -4.66 11.11
CA SER I 95 -4.84 -5.13 9.93
C SER I 95 -5.23 -6.57 9.57
N ARG I 96 -5.64 -7.36 10.56
CA ARG I 96 -6.15 -8.70 10.30
C ARG I 96 -7.28 -8.98 11.28
N ARG I 97 -8.20 -9.83 10.87
CA ARG I 97 -9.31 -10.19 11.75
C ARG I 97 -8.80 -11.01 12.92
N VAL I 98 -9.39 -10.79 14.09
CA VAL I 98 -8.99 -11.53 15.28
C VAL I 98 -9.44 -12.98 15.17
N ARG I 99 -8.81 -13.82 15.98
CA ARG I 99 -9.27 -15.20 16.19
C ARG I 99 -10.29 -15.18 17.32
N ARG I 100 -11.56 -15.36 16.98
CA ARG I 100 -12.63 -15.33 17.97
C ARG I 100 -12.55 -16.58 18.85
N ASN I 101 -12.54 -16.37 20.17
CA ASN I 101 -12.47 -17.48 21.11
C ASN I 101 -13.05 -17.01 22.44
N ARG I 102 -12.80 -17.78 23.51
CA ARG I 102 -13.34 -17.45 24.81
C ARG I 102 -12.71 -16.18 25.37
N ASN I 103 -11.45 -15.89 25.02
CA ASN I 103 -10.76 -14.71 25.53
C ASN I 103 -10.84 -13.51 24.60
N VAL I 104 -11.33 -13.68 23.38
CA VAL I 104 -11.44 -12.60 22.41
C VAL I 104 -12.80 -12.75 21.72
N ASN I 105 -13.70 -11.79 21.97
CA ASN I 105 -15.07 -11.88 21.52
C ASN I 105 -15.65 -10.49 21.49
N PRO I 106 -16.37 -10.10 20.44
CA PRO I 106 -16.94 -8.75 20.38
C PRO I 106 -18.04 -8.55 21.40
N VAL I 107 -18.33 -7.27 21.67
CA VAL I 107 -19.39 -6.86 22.59
C VAL I 107 -20.51 -6.22 21.79
N ALA I 108 -21.75 -6.49 22.20
CA ALA I 108 -22.90 -5.95 21.50
C ALA I 108 -22.97 -4.44 21.68
N LEU I 109 -23.44 -3.77 20.64
CA LEU I 109 -23.75 -2.35 20.66
C LEU I 109 -25.24 -2.15 20.87
N PRO I 110 -25.65 -0.96 21.30
CA PRO I 110 -27.08 -0.71 21.52
C PRO I 110 -27.81 -0.46 20.21
N ARG I 111 -29.13 -0.30 20.32
CA ARG I 111 -29.99 0.04 19.21
C ARG I 111 -30.20 1.55 19.18
N ALA I 112 -30.85 2.02 18.11
CA ALA I 112 -31.03 3.46 17.92
C ALA I 112 -31.82 4.07 19.07
N GLN I 113 -31.29 5.16 19.62
CA GLN I 113 -31.75 5.76 20.87
C GLN I 113 -32.12 4.69 21.89
N GLU I 114 -31.22 3.74 22.08
CA GLU I 114 -31.45 2.68 23.05
C GLU I 114 -31.67 3.27 24.43
N GLY I 115 -32.63 2.71 25.16
CA GLY I 115 -32.88 3.17 26.50
C GLY I 115 -31.70 2.97 27.42
N LEU I 116 -31.21 4.05 28.01
CA LEU I 116 -30.29 4.00 29.15
C LEU I 116 -30.80 5.00 30.17
N ARG I 117 -31.47 4.50 31.25
CA ARG I 117 -32.15 5.33 32.23
C ARG I 117 -31.22 5.74 33.38
N PRO I 118 -31.45 6.90 33.97
CA PRO I 118 -30.67 7.29 35.15
C PRO I 118 -30.81 6.27 36.27
N GLY I 119 -29.71 6.04 36.99
CA GLY I 119 -29.70 5.06 38.06
C GLY I 119 -29.29 3.66 37.63
N THR I 120 -29.18 3.41 36.32
CA THR I 120 -28.78 2.10 35.84
C THR I 120 -27.34 1.82 36.25
N LEU I 121 -27.10 0.60 36.75
CA LEU I 121 -25.77 0.19 37.15
C LEU I 121 -25.03 -0.36 35.94
N CYS I 122 -23.83 0.17 35.69
CA CYS I 122 -23.00 -0.22 34.57
C CYS I 122 -21.61 -0.53 35.10
N THR I 123 -20.84 -1.26 34.32
CA THR I 123 -19.48 -1.61 34.68
C THR I 123 -18.53 -0.98 33.69
N VAL I 124 -17.45 -0.39 34.19
CA VAL I 124 -16.38 0.11 33.34
C VAL I 124 -15.09 -0.59 33.76
N ALA I 125 -14.28 -0.96 32.78
CA ALA I 125 -13.04 -1.65 33.05
C ALA I 125 -11.91 -0.98 32.32
N GLY I 126 -10.69 -1.21 32.80
CA GLY I 126 -9.54 -0.61 32.15
C GLY I 126 -8.27 -0.84 32.91
N TRP I 127 -7.18 -0.42 32.26
CA TRP I 127 -5.83 -0.53 32.77
C TRP I 127 -5.27 0.83 33.18
N GLY I 128 -6.13 1.82 33.35
CA GLY I 128 -5.68 3.16 33.72
C GLY I 128 -5.27 3.24 35.19
N ARG I 129 -4.78 4.43 35.56
CA ARG I 129 -4.23 4.64 36.90
C ARG I 129 -5.33 4.51 37.95
N VAL I 130 -4.93 4.04 39.14
CA VAL I 130 -5.86 3.89 40.26
C VAL I 130 -5.77 5.05 41.24
N SER I 131 -4.84 5.97 41.01
CA SER I 131 -4.69 7.17 41.83
C SER I 131 -3.73 8.10 41.10
N MET I 132 -3.44 9.24 41.70
CA MET I 132 -2.39 10.10 41.17
C MET I 132 -1.04 9.41 41.21
N ARG I 133 -0.83 8.50 42.15
CA ARG I 133 0.48 7.93 42.41
C ARG I 133 0.69 6.53 41.83
N ARG I 134 -0.38 5.75 41.62
CA ARG I 134 -0.22 4.35 41.24
C ARG I 134 -1.00 4.01 39.98
N GLY I 135 -0.37 3.18 39.13
CA GLY I 135 -1.04 2.53 38.03
C GLY I 135 -1.38 1.09 38.35
N THR I 136 -1.74 0.34 37.30
CA THR I 136 -2.05 -1.08 37.42
C THR I 136 -1.42 -1.83 36.26
N ASP I 137 -0.99 -3.07 36.52
CA ASP I 137 -0.56 -3.97 35.46
C ASP I 137 -1.71 -4.81 34.90
N THR I 138 -2.79 -4.98 35.67
CA THR I 138 -3.86 -5.91 35.33
C THR I 138 -5.19 -5.18 35.19
N LEU I 139 -6.11 -5.82 34.47
CA LEU I 139 -7.40 -5.21 34.21
C LEU I 139 -8.17 -5.03 35.50
N ARG I 140 -8.71 -3.82 35.72
CA ARG I 140 -9.56 -3.57 36.89
C ARG I 140 -10.92 -3.08 36.42
N GLU I 141 -11.91 -3.14 37.31
CA GLU I 141 -13.24 -2.69 36.95
C GLU I 141 -13.97 -2.09 38.15
N VAL I 142 -14.94 -1.23 37.85
CA VAL I 142 -15.76 -0.58 38.87
C VAL I 142 -17.19 -0.45 38.33
N GLN I 143 -18.16 -0.55 39.23
CA GLN I 143 -19.57 -0.35 38.89
C GLN I 143 -19.98 1.08 39.20
N LEU I 144 -20.65 1.72 38.25
CA LEU I 144 -21.00 3.12 38.29
C LEU I 144 -22.46 3.29 37.89
N ARG I 145 -23.09 4.33 38.38
CA ARG I 145 -24.49 4.61 38.06
C ARG I 145 -24.58 5.70 36.99
N VAL I 146 -25.46 5.48 36.01
CA VAL I 146 -25.83 6.55 35.08
C VAL I 146 -26.54 7.66 35.85
N GLN I 147 -26.15 8.90 35.60
CA GLN I 147 -26.72 10.06 36.27
C GLN I 147 -27.74 10.76 35.39
N ARG I 148 -28.59 11.55 36.01
CA ARG I 148 -29.35 12.53 35.25
C ARG I 148 -28.43 13.59 34.67
N ASP I 149 -28.84 14.16 33.53
CA ASP I 149 -27.99 15.08 32.78
C ASP I 149 -27.56 16.28 33.62
N ARG I 150 -28.43 16.79 34.49
CA ARG I 150 -28.08 17.99 35.24
C ARG I 150 -26.78 17.81 36.03
N GLN I 151 -26.50 16.60 36.54
CA GLN I 151 -25.29 16.42 37.32
C GLN I 151 -24.02 16.81 36.57
N CYS I 152 -24.06 16.78 35.24
CA CYS I 152 -22.87 17.15 34.46
C CYS I 152 -22.98 18.54 33.84
N LEU I 153 -24.16 19.16 33.83
CA LEU I 153 -24.35 20.35 32.99
C LEU I 153 -23.64 21.58 33.56
N ARG I 154 -23.61 21.72 34.88
CA ARG I 154 -22.95 22.88 35.46
C ARG I 154 -21.42 22.76 35.37
N ILE I 155 -20.89 21.58 35.66
CA ILE I 155 -19.44 21.46 35.79
C ILE I 155 -18.71 21.20 34.47
N PHE I 156 -19.37 20.62 33.47
CA PHE I 156 -18.75 20.39 32.15
C PHE I 156 -19.49 21.24 31.12
N GLY I 157 -18.92 22.39 30.77
CA GLY I 157 -19.67 23.38 30.00
C GLY I 157 -20.05 22.96 28.59
N SER I 158 -19.35 21.98 28.02
CA SER I 158 -19.68 21.49 26.68
C SER I 158 -20.33 20.12 26.70
N TYR I 159 -20.83 19.68 27.85
CA TYR I 159 -21.50 18.38 27.92
C TYR I 159 -22.82 18.46 27.16
N ASP I 160 -23.06 17.48 26.29
CA ASP I 160 -24.24 17.47 25.43
C ASP I 160 -24.97 16.14 25.64
N PRO I 161 -26.12 16.17 26.32
CA PRO I 161 -26.87 14.91 26.56
C PRO I 161 -27.22 14.14 25.31
N ARG I 162 -27.36 14.81 24.16
CA ARG I 162 -27.71 14.10 22.93
C ARG I 162 -26.59 13.19 22.46
N ARG I 163 -25.35 13.51 22.82
CA ARG I 163 -24.18 12.78 22.37
C ARG I 163 -23.34 12.16 23.47
N GLN I 164 -23.68 12.40 24.74
CA GLN I 164 -22.83 12.01 25.87
C GLN I 164 -23.68 11.60 27.06
N ILE I 165 -23.07 10.83 27.96
CA ILE I 165 -23.71 10.27 29.15
C ILE I 165 -22.93 10.77 30.37
N CYS I 166 -23.67 11.21 31.39
CA CYS I 166 -23.14 11.59 32.70
C CYS I 166 -23.15 10.36 33.61
N VAL I 167 -21.98 9.99 34.13
CA VAL I 167 -21.83 8.74 34.88
C VAL I 167 -21.13 9.03 36.20
N GLY I 168 -21.59 8.40 37.29
CA GLY I 168 -20.86 8.45 38.55
C GLY I 168 -21.41 9.40 39.58
N ASP I 169 -21.36 8.98 40.85
CA ASP I 169 -21.91 9.72 41.98
C ASP I 169 -20.78 10.51 42.65
N ARG I 170 -20.96 11.82 42.76
CA ARG I 170 -19.92 12.73 43.24
C ARG I 170 -19.42 12.42 44.66
N ARG I 171 -20.18 11.72 45.48
CA ARG I 171 -19.70 11.47 46.83
C ARG I 171 -18.85 10.20 46.94
N GLU I 172 -18.75 9.42 45.88
CA GLU I 172 -17.96 8.20 45.87
C GLU I 172 -16.59 8.46 45.26
N ARG I 173 -15.60 7.66 45.68
CA ARG I 173 -14.33 7.60 44.97
C ARG I 173 -14.32 6.35 44.09
N LYS I 174 -15.17 6.39 43.07
CA LYS I 174 -15.33 5.32 42.10
C LYS I 174 -15.50 5.97 40.75
N ALA I 175 -14.57 5.73 39.84
CA ALA I 175 -14.60 6.42 38.55
C ALA I 175 -13.56 5.83 37.62
N ALA I 176 -13.71 6.12 36.32
CA ALA I 176 -12.62 5.88 35.38
C ALA I 176 -11.61 7.01 35.50
N PHE I 177 -10.39 6.76 35.01
CA PHE I 177 -9.31 7.71 35.22
C PHE I 177 -8.27 7.55 34.11
N LYS I 178 -7.11 8.16 34.31
CA LYS I 178 -6.11 8.31 33.27
C LYS I 178 -5.66 6.97 32.69
N GLY I 179 -6.00 6.73 31.43
CA GLY I 179 -5.61 5.52 30.72
C GLY I 179 -6.77 4.60 30.44
N ASP I 180 -7.93 4.89 31.03
CA ASP I 180 -9.16 4.16 30.80
C ASP I 180 -9.95 4.68 29.60
N SER I 181 -9.56 5.84 29.05
CA SER I 181 -10.23 6.38 27.88
C SER I 181 -10.43 5.31 26.81
N GLY I 182 -11.59 5.31 26.19
CA GLY I 182 -11.88 4.42 25.09
C GLY I 182 -12.51 3.11 25.48
N GLY I 183 -12.41 2.72 26.75
CA GLY I 183 -13.08 1.53 27.24
C GLY I 183 -14.57 1.74 27.30
N PRO I 184 -15.33 0.65 27.32
CA PRO I 184 -16.78 0.75 27.24
C PRO I 184 -17.45 0.98 28.59
N LEU I 185 -18.61 1.62 28.53
CA LEU I 185 -19.58 1.59 29.62
C LEU I 185 -20.55 0.45 29.32
N LEU I 186 -20.42 -0.64 30.06
CA LEU I 186 -21.23 -1.84 29.83
C LEU I 186 -22.45 -1.80 30.74
N CYS I 187 -23.63 -1.78 30.14
CA CYS I 187 -24.88 -1.86 30.88
C CYS I 187 -25.69 -3.00 30.28
N ASN I 188 -26.05 -3.97 31.12
CA ASN I 188 -26.82 -5.15 30.68
C ASN I 188 -26.14 -5.88 29.52
N ASN I 189 -24.82 -6.04 29.63
CA ASN I 189 -24.02 -6.71 28.59
C ASN I 189 -24.12 -6.00 27.23
N VAL I 190 -24.32 -4.69 27.25
CA VAL I 190 -24.33 -3.90 26.03
C VAL I 190 -23.42 -2.70 26.23
N ALA I 191 -22.60 -2.40 25.23
CA ALA I 191 -21.68 -1.28 25.31
C ALA I 191 -22.41 0.00 24.95
N HIS I 192 -22.91 0.73 25.96
CA HIS I 192 -23.63 1.97 25.74
C HIS I 192 -22.75 3.21 25.71
N GLY I 193 -21.54 3.16 26.26
CA GLY I 193 -20.75 4.36 26.43
C GLY I 193 -19.28 4.12 26.15
N ILE I 194 -18.54 5.24 26.01
CA ILE I 194 -17.09 5.20 25.85
C ILE I 194 -16.50 6.20 26.84
N VAL I 195 -15.57 5.74 27.67
CA VAL I 195 -14.86 6.63 28.60
C VAL I 195 -14.28 7.80 27.80
N SER I 196 -14.67 9.03 28.15
CA SER I 196 -14.11 10.18 27.43
C SER I 196 -13.33 11.11 28.35
N TYR I 197 -13.98 11.72 29.34
CA TYR I 197 -13.26 12.74 30.11
C TYR I 197 -13.92 12.97 31.46
N GLY I 198 -13.24 13.74 32.32
CA GLY I 198 -13.84 14.15 33.57
C GLY I 198 -13.01 15.23 34.24
N LYS I 199 -13.14 15.33 35.56
CA LYS I 199 -12.32 16.27 36.32
C LYS I 199 -10.91 15.71 36.50
N SER I 200 -9.93 16.62 36.58
CA SER I 200 -8.55 16.20 36.66
C SER I 200 -8.24 15.52 37.99
N SER I 201 -9.11 15.70 38.99
CA SER I 201 -9.00 15.04 40.29
C SER I 201 -9.54 13.62 40.28
N GLY I 202 -10.23 13.21 39.22
CA GLY I 202 -10.88 11.92 39.21
C GLY I 202 -12.18 11.86 40.00
N VAL I 203 -12.59 12.94 40.64
CA VAL I 203 -13.88 12.94 41.38
C VAL I 203 -15.03 12.87 40.38
N PRO I 204 -16.04 12.03 40.60
CA PRO I 204 -17.19 11.98 39.69
C PRO I 204 -18.05 13.22 39.81
N PRO I 205 -18.99 13.45 38.88
CA PRO I 205 -19.29 12.63 37.70
C PRO I 205 -18.31 12.83 36.56
N GLU I 206 -18.39 11.95 35.56
CA GLU I 206 -17.55 12.00 34.38
C GLU I 206 -18.43 11.83 33.14
N VAL I 207 -17.84 12.07 31.98
CA VAL I 207 -18.57 12.11 30.71
C VAL I 207 -18.09 10.96 29.83
N PHE I 208 -19.07 10.22 29.31
CA PHE I 208 -18.89 9.12 28.37
C PHE I 208 -19.50 9.50 27.04
N THR I 209 -18.89 9.06 25.94
CA THR I 209 -19.50 9.21 24.63
C THR I 209 -20.69 8.25 24.53
N ARG I 210 -21.84 8.76 24.05
CA ARG I 210 -23.07 7.97 23.97
C ARG I 210 -23.12 7.24 22.64
N VAL I 211 -22.95 5.92 22.68
CA VAL I 211 -22.73 5.14 21.46
C VAL I 211 -23.95 5.21 20.54
N SER I 212 -25.16 5.20 21.12
CA SER I 212 -26.36 5.16 20.29
C SER I 212 -26.40 6.35 19.33
N SER I 213 -25.89 7.51 19.78
CA SER I 213 -25.95 8.75 19.02
C SER I 213 -25.08 8.71 17.78
N PHE I 214 -24.19 7.73 17.68
CA PHE I 214 -23.31 7.64 16.52
C PHE I 214 -23.50 6.33 15.79
N LEU I 215 -24.61 5.63 16.06
CA LEU I 215 -24.86 4.39 15.32
C LEU I 215 -24.83 4.56 13.81
N PRO I 216 -25.43 5.60 13.20
CA PRO I 216 -25.35 5.71 11.73
C PRO I 216 -23.92 5.72 11.23
N TRP I 217 -23.14 6.71 11.69
CA TRP I 217 -21.73 6.79 11.30
C TRP I 217 -21.03 5.46 11.50
N ILE I 218 -21.22 4.86 12.69
CA ILE I 218 -20.57 3.58 12.99
C ILE I 218 -20.86 2.58 11.88
N ARG I 219 -22.14 2.39 11.54
CA ARG I 219 -22.48 1.38 10.55
C ARG I 219 -21.89 1.76 9.20
N THR I 220 -22.02 3.03 8.81
CA THR I 220 -21.46 3.48 7.54
C THR I 220 -19.96 3.22 7.50
N THR I 221 -19.29 3.41 8.64
CA THR I 221 -17.85 3.25 8.65
C THR I 221 -17.46 1.78 8.59
N MET I 222 -18.25 0.89 9.18
CA MET I 222 -17.86 -0.51 9.17
C MET I 222 -18.28 -1.21 7.89
N ARG I 223 -19.17 -0.59 7.10
CA ARG I 223 -19.73 -1.11 5.85
C ARG I 223 -19.79 -2.63 5.77
#